data_1FJJ
# 
_entry.id   1FJJ 
# 
_audit_conform.dict_name       mmcif_pdbx.dic 
_audit_conform.dict_version    5.397 
_audit_conform.dict_location   http://mmcif.pdb.org/dictionaries/ascii/mmcif_pdbx.dic 
# 
loop_
_database_2.database_id 
_database_2.database_code 
_database_2.pdbx_database_accession 
_database_2.pdbx_DOI 
PDB   1FJJ         pdb_00001fjj 10.2210/pdb1fjj/pdb 
RCSB  RCSB011642   ?            ?                   
WWPDB D_1000011642 ?            ?                   
# 
loop_
_pdbx_audit_revision_history.ordinal 
_pdbx_audit_revision_history.data_content_type 
_pdbx_audit_revision_history.major_revision 
_pdbx_audit_revision_history.minor_revision 
_pdbx_audit_revision_history.revision_date 
1 'Structure model' 1 0 2001-07-18 
2 'Structure model' 1 1 2008-04-27 
3 'Structure model' 1 2 2011-07-13 
4 'Structure model' 1 3 2017-10-25 
5 'Structure model' 1 4 2024-10-16 
# 
_pdbx_audit_revision_details.ordinal             1 
_pdbx_audit_revision_details.revision_ordinal    1 
_pdbx_audit_revision_details.data_content_type   'Structure model' 
_pdbx_audit_revision_details.provider            repository 
_pdbx_audit_revision_details.type                'Initial release' 
_pdbx_audit_revision_details.description         ? 
_pdbx_audit_revision_details.details             ? 
# 
loop_
_pdbx_audit_revision_group.ordinal 
_pdbx_audit_revision_group.revision_ordinal 
_pdbx_audit_revision_group.data_content_type 
_pdbx_audit_revision_group.group 
1 2 'Structure model' 'Version format compliance'  
2 3 'Structure model' 'Version format compliance'  
3 4 'Structure model' 'Author supporting evidence' 
4 5 'Structure model' 'Data collection'            
5 5 'Structure model' 'Database references'        
6 5 'Structure model' 'Derived calculations'       
7 5 'Structure model' 'Structure summary'          
# 
loop_
_pdbx_audit_revision_category.ordinal 
_pdbx_audit_revision_category.revision_ordinal 
_pdbx_audit_revision_category.data_content_type 
_pdbx_audit_revision_category.category 
1 4 'Structure model' pdbx_struct_assembly_auth_evidence 
2 5 'Structure model' chem_comp_atom                     
3 5 'Structure model' chem_comp_bond                     
4 5 'Structure model' database_2                         
5 5 'Structure model' pdbx_entry_details                 
6 5 'Structure model' pdbx_modification_feature          
7 5 'Structure model' struct_conn                        
8 5 'Structure model' struct_site                        
# 
loop_
_pdbx_audit_revision_item.ordinal 
_pdbx_audit_revision_item.revision_ordinal 
_pdbx_audit_revision_item.data_content_type 
_pdbx_audit_revision_item.item 
1 5 'Structure model' '_database_2.pdbx_DOI'                
2 5 'Structure model' '_database_2.pdbx_database_accession' 
3 5 'Structure model' '_struct_conn.pdbx_leaving_atom_flag' 
4 5 'Structure model' '_struct_site.pdbx_auth_asym_id'      
5 5 'Structure model' '_struct_site.pdbx_auth_comp_id'      
6 5 'Structure model' '_struct_site.pdbx_auth_seq_id'       
# 
_pdbx_database_status.status_code                     REL 
_pdbx_database_status.entry_id                        1FJJ 
_pdbx_database_status.recvd_initial_deposition_date   2000-08-08 
_pdbx_database_status.deposit_site                    RCSB 
_pdbx_database_status.process_site                    RCSB 
_pdbx_database_status.SG_entry                        . 
_pdbx_database_status.pdb_format_compatible           Y 
_pdbx_database_status.status_code_mr                  ? 
_pdbx_database_status.status_code_sf                  ? 
_pdbx_database_status.status_code_cs                  ? 
_pdbx_database_status.methods_development_category    ? 
_pdbx_database_status.status_code_nmr_data            ? 
# 
loop_
_pdbx_database_related.db_name 
_pdbx_database_related.db_id 
_pdbx_database_related.details 
_pdbx_database_related.content_type 
PDB 1a44 '1a44 is bovine PEBP' unspecified 
PDB 1b7a '1b7a is bovine PEBP' unspecified 
PDB 1beh '1beh is human PEBP'  unspecified 
PDB 1bd9 '1bd9 is human PEBP'  unspecified 
PDB 1qou '1qou is CEN'         unspecified 
# 
loop_
_audit_author.name 
_audit_author.pdbx_ordinal 
'Serre, L.'            1 
'Pereira de Jesus, K.' 2 
'Benedetti, H.'        3 
'Bureaud, N.'          4 
'Schoentgen, F.'       5 
'Zelwer, C.'           6 
# 
_citation.id                        primary 
_citation.title                     
'Crystal structures of YBHB and YBCL from Escherichia coli, two bacterial homologues to a Raf kinase inhibitor protein.' 
_citation.journal_abbrev            J.Mol.Biol. 
_citation.journal_volume            310 
_citation.page_first                617 
_citation.page_last                 634 
_citation.year                      2001 
_citation.journal_id_ASTM           JMOBAK 
_citation.country                   UK 
_citation.journal_id_ISSN           0022-2836 
_citation.journal_id_CSD            0070 
_citation.book_publisher            ? 
_citation.pdbx_database_id_PubMed   11439028 
_citation.pdbx_database_id_DOI      10.1006/jmbi.2001.4784 
# 
loop_
_citation_author.citation_id 
_citation_author.name 
_citation_author.ordinal 
_citation_author.identifier_ORCID 
primary 'Serre, L.'            1 ? 
primary 'Pereira de Jesus, K.' 2 ? 
primary 'Zelwer, C.'           3 ? 
primary 'Bureaud, N.'          4 ? 
primary 'Schoentgen, F.'       5 ? 
primary 'Benedetti, H.'        6 ? 
# 
loop_
_entity.id 
_entity.type 
_entity.src_method 
_entity.pdbx_description 
_entity.formula_weight 
_entity.pdbx_number_of_molecules 
_entity.pdbx_ec 
_entity.pdbx_mutation 
_entity.pdbx_fragment 
_entity.details 
1 polymer     nat 'HYPOTHETICAL 17.1 KDA PROTEIN IN MODC-BIOA INTERGENIC REGION' 17409.645 1   ? ? ? ? 
2 non-polymer syn '4-(2-HYDROXYETHYL)-1-PIPERAZINE ETHANESULFONIC ACID'          238.305   1   ? ? ? ? 
3 water       nat water                                                          18.015    204 ? ? ? ? 
# 
_entity_poly.entity_id                      1 
_entity_poly.type                           'polypeptide(L)' 
_entity_poly.nstd_linkage                   no 
_entity_poly.nstd_monomer                   yes 
_entity_poly.pdbx_seq_one_letter_code       
;A(MSE)KLISNDLRDGDKLPHRHVFNG(MSE)GYDGDNISPHLAWDDVPAGTKSFVVTCYDPDAPTGSGWWHWVVVNLPA
DTRVLPQGFGSGLVA(MSE)PDGVLQTRTDFGKTGYDGAAPPKGETHRYIFTVHALDIERIDVDEGASGA(MSE)VGFNV
HFHSLASASITA(MSE)FS
;
_entity_poly.pdbx_seq_one_letter_code_can   
;AMKLISNDLRDGDKLPHRHVFNGMGYDGDNISPHLAWDDVPAGTKSFVVTCYDPDAPTGSGWWHWVVVNLPADTRVLPQG
FGSGLVAMPDGVLQTRTDFGKTGYDGAAPPKGETHRYIFTVHALDIERIDVDEGASGAMVGFNVHFHSLASASITAMFS
;
_entity_poly.pdbx_strand_id                 A 
_entity_poly.pdbx_target_identifier         ? 
# 
loop_
_pdbx_entity_nonpoly.entity_id 
_pdbx_entity_nonpoly.name 
_pdbx_entity_nonpoly.comp_id 
2 '4-(2-HYDROXYETHYL)-1-PIPERAZINE ETHANESULFONIC ACID' EPE 
3 water                                                 HOH 
# 
loop_
_entity_poly_seq.entity_id 
_entity_poly_seq.num 
_entity_poly_seq.mon_id 
_entity_poly_seq.hetero 
1 1   ALA n 
1 2   MSE n 
1 3   LYS n 
1 4   LEU n 
1 5   ILE n 
1 6   SER n 
1 7   ASN n 
1 8   ASP n 
1 9   LEU n 
1 10  ARG n 
1 11  ASP n 
1 12  GLY n 
1 13  ASP n 
1 14  LYS n 
1 15  LEU n 
1 16  PRO n 
1 17  HIS n 
1 18  ARG n 
1 19  HIS n 
1 20  VAL n 
1 21  PHE n 
1 22  ASN n 
1 23  GLY n 
1 24  MSE n 
1 25  GLY n 
1 26  TYR n 
1 27  ASP n 
1 28  GLY n 
1 29  ASP n 
1 30  ASN n 
1 31  ILE n 
1 32  SER n 
1 33  PRO n 
1 34  HIS n 
1 35  LEU n 
1 36  ALA n 
1 37  TRP n 
1 38  ASP n 
1 39  ASP n 
1 40  VAL n 
1 41  PRO n 
1 42  ALA n 
1 43  GLY n 
1 44  THR n 
1 45  LYS n 
1 46  SER n 
1 47  PHE n 
1 48  VAL n 
1 49  VAL n 
1 50  THR n 
1 51  CYS n 
1 52  TYR n 
1 53  ASP n 
1 54  PRO n 
1 55  ASP n 
1 56  ALA n 
1 57  PRO n 
1 58  THR n 
1 59  GLY n 
1 60  SER n 
1 61  GLY n 
1 62  TRP n 
1 63  TRP n 
1 64  HIS n 
1 65  TRP n 
1 66  VAL n 
1 67  VAL n 
1 68  VAL n 
1 69  ASN n 
1 70  LEU n 
1 71  PRO n 
1 72  ALA n 
1 73  ASP n 
1 74  THR n 
1 75  ARG n 
1 76  VAL n 
1 77  LEU n 
1 78  PRO n 
1 79  GLN n 
1 80  GLY n 
1 81  PHE n 
1 82  GLY n 
1 83  SER n 
1 84  GLY n 
1 85  LEU n 
1 86  VAL n 
1 87  ALA n 
1 88  MSE n 
1 89  PRO n 
1 90  ASP n 
1 91  GLY n 
1 92  VAL n 
1 93  LEU n 
1 94  GLN n 
1 95  THR n 
1 96  ARG n 
1 97  THR n 
1 98  ASP n 
1 99  PHE n 
1 100 GLY n 
1 101 LYS n 
1 102 THR n 
1 103 GLY n 
1 104 TYR n 
1 105 ASP n 
1 106 GLY n 
1 107 ALA n 
1 108 ALA n 
1 109 PRO n 
1 110 PRO n 
1 111 LYS n 
1 112 GLY n 
1 113 GLU n 
1 114 THR n 
1 115 HIS n 
1 116 ARG n 
1 117 TYR n 
1 118 ILE n 
1 119 PHE n 
1 120 THR n 
1 121 VAL n 
1 122 HIS n 
1 123 ALA n 
1 124 LEU n 
1 125 ASP n 
1 126 ILE n 
1 127 GLU n 
1 128 ARG n 
1 129 ILE n 
1 130 ASP n 
1 131 VAL n 
1 132 ASP n 
1 133 GLU n 
1 134 GLY n 
1 135 ALA n 
1 136 SER n 
1 137 GLY n 
1 138 ALA n 
1 139 MSE n 
1 140 VAL n 
1 141 GLY n 
1 142 PHE n 
1 143 ASN n 
1 144 VAL n 
1 145 HIS n 
1 146 PHE n 
1 147 HIS n 
1 148 SER n 
1 149 LEU n 
1 150 ALA n 
1 151 SER n 
1 152 ALA n 
1 153 SER n 
1 154 ILE n 
1 155 THR n 
1 156 ALA n 
1 157 MSE n 
1 158 PHE n 
1 159 SER n 
# 
_entity_src_nat.entity_id                  1 
_entity_src_nat.pdbx_src_id                1 
_entity_src_nat.pdbx_alt_source_flag       sample 
_entity_src_nat.pdbx_beg_seq_num           ? 
_entity_src_nat.pdbx_end_seq_num           ? 
_entity_src_nat.common_name                ? 
_entity_src_nat.pdbx_organism_scientific   'Escherichia coli' 
_entity_src_nat.pdbx_ncbi_taxonomy_id      562 
_entity_src_nat.genus                      Escherichia 
_entity_src_nat.species                    ? 
_entity_src_nat.strain                     ? 
_entity_src_nat.tissue                     ? 
_entity_src_nat.tissue_fraction            ? 
_entity_src_nat.pdbx_secretion             ? 
_entity_src_nat.pdbx_fragment              ? 
_entity_src_nat.pdbx_variant               ? 
_entity_src_nat.pdbx_cell_line             ? 
_entity_src_nat.pdbx_atcc                  ? 
_entity_src_nat.pdbx_cellular_location     ? 
_entity_src_nat.pdbx_organ                 ? 
_entity_src_nat.pdbx_organelle             ? 
_entity_src_nat.pdbx_cell                  ? 
_entity_src_nat.pdbx_plasmid_name          PET14 
_entity_src_nat.pdbx_plasmid_details       ? 
_entity_src_nat.details                    ? 
# 
loop_
_chem_comp.id 
_chem_comp.type 
_chem_comp.mon_nstd_flag 
_chem_comp.name 
_chem_comp.pdbx_synonyms 
_chem_comp.formula 
_chem_comp.formula_weight 
ALA 'L-peptide linking' y ALANINE                                               ?     'C3 H7 N O2'     89.093  
ARG 'L-peptide linking' y ARGININE                                              ?     'C6 H15 N4 O2 1' 175.209 
ASN 'L-peptide linking' y ASPARAGINE                                            ?     'C4 H8 N2 O3'    132.118 
ASP 'L-peptide linking' y 'ASPARTIC ACID'                                       ?     'C4 H7 N O4'     133.103 
CYS 'L-peptide linking' y CYSTEINE                                              ?     'C3 H7 N O2 S'   121.158 
EPE non-polymer         . '4-(2-HYDROXYETHYL)-1-PIPERAZINE ETHANESULFONIC ACID' HEPES 'C8 H18 N2 O4 S' 238.305 
GLN 'L-peptide linking' y GLUTAMINE                                             ?     'C5 H10 N2 O3'   146.144 
GLU 'L-peptide linking' y 'GLUTAMIC ACID'                                       ?     'C5 H9 N O4'     147.129 
GLY 'peptide linking'   y GLYCINE                                               ?     'C2 H5 N O2'     75.067  
HIS 'L-peptide linking' y HISTIDINE                                             ?     'C6 H10 N3 O2 1' 156.162 
HOH non-polymer         . WATER                                                 ?     'H2 O'           18.015  
ILE 'L-peptide linking' y ISOLEUCINE                                            ?     'C6 H13 N O2'    131.173 
LEU 'L-peptide linking' y LEUCINE                                               ?     'C6 H13 N O2'    131.173 
LYS 'L-peptide linking' y LYSINE                                                ?     'C6 H15 N2 O2 1' 147.195 
MET 'L-peptide linking' y METHIONINE                                            ?     'C5 H11 N O2 S'  149.211 
MSE 'L-peptide linking' n SELENOMETHIONINE                                      ?     'C5 H11 N O2 Se' 196.106 
PHE 'L-peptide linking' y PHENYLALANINE                                         ?     'C9 H11 N O2'    165.189 
PRO 'L-peptide linking' y PROLINE                                               ?     'C5 H9 N O2'     115.130 
SER 'L-peptide linking' y SERINE                                                ?     'C3 H7 N O3'     105.093 
THR 'L-peptide linking' y THREONINE                                             ?     'C4 H9 N O3'     119.119 
TRP 'L-peptide linking' y TRYPTOPHAN                                            ?     'C11 H12 N2 O2'  204.225 
TYR 'L-peptide linking' y TYROSINE                                              ?     'C9 H11 N O3'    181.189 
VAL 'L-peptide linking' y VALINE                                                ?     'C5 H11 N O2'    117.146 
# 
loop_
_pdbx_poly_seq_scheme.asym_id 
_pdbx_poly_seq_scheme.entity_id 
_pdbx_poly_seq_scheme.seq_id 
_pdbx_poly_seq_scheme.mon_id 
_pdbx_poly_seq_scheme.ndb_seq_num 
_pdbx_poly_seq_scheme.pdb_seq_num 
_pdbx_poly_seq_scheme.auth_seq_num 
_pdbx_poly_seq_scheme.pdb_mon_id 
_pdbx_poly_seq_scheme.auth_mon_id 
_pdbx_poly_seq_scheme.pdb_strand_id 
_pdbx_poly_seq_scheme.pdb_ins_code 
_pdbx_poly_seq_scheme.hetero 
A 1 1   ALA 1   0   0   ALA ALA A . n 
A 1 2   MSE 2   1   1   MSE MSE A . n 
A 1 3   LYS 3   2   2   LYS LYS A . n 
A 1 4   LEU 4   3   3   LEU LEU A . n 
A 1 5   ILE 5   4   4   ILE ILE A . n 
A 1 6   SER 6   5   5   SER SER A . n 
A 1 7   ASN 7   6   6   ASN ASN A . n 
A 1 8   ASP 8   7   7   ASP ASP A . n 
A 1 9   LEU 9   8   8   LEU LEU A . n 
A 1 10  ARG 10  9   9   ARG ARG A . n 
A 1 11  ASP 11  10  10  ASP ASP A . n 
A 1 12  GLY 12  11  11  GLY GLY A . n 
A 1 13  ASP 13  12  12  ASP ASP A . n 
A 1 14  LYS 14  13  13  LYS LYS A . n 
A 1 15  LEU 15  14  14  LEU LEU A . n 
A 1 16  PRO 16  15  15  PRO PRO A . n 
A 1 17  HIS 17  16  16  HIS HIS A . n 
A 1 18  ARG 18  17  17  ARG ARG A . n 
A 1 19  HIS 19  18  18  HIS HIS A . n 
A 1 20  VAL 20  19  19  VAL VAL A . n 
A 1 21  PHE 21  20  20  PHE PHE A . n 
A 1 22  ASN 22  21  21  ASN ASN A . n 
A 1 23  GLY 23  22  22  GLY GLY A . n 
A 1 24  MSE 24  23  23  MSE MSE A . n 
A 1 25  GLY 25  24  24  GLY GLY A . n 
A 1 26  TYR 26  25  25  TYR TYR A . n 
A 1 27  ASP 27  26  26  ASP ASP A . n 
A 1 28  GLY 28  27  27  GLY GLY A . n 
A 1 29  ASP 29  28  28  ASP ASP A . n 
A 1 30  ASN 30  29  29  ASN ASN A . n 
A 1 31  ILE 31  30  30  ILE ILE A . n 
A 1 32  SER 32  31  31  SER SER A . n 
A 1 33  PRO 33  32  32  PRO PRO A . n 
A 1 34  HIS 34  33  33  HIS HIS A . n 
A 1 35  LEU 35  34  34  LEU LEU A . n 
A 1 36  ALA 36  35  35  ALA ALA A . n 
A 1 37  TRP 37  36  36  TRP TRP A . n 
A 1 38  ASP 38  37  37  ASP ASP A . n 
A 1 39  ASP 39  38  38  ASP ASP A . n 
A 1 40  VAL 40  39  39  VAL VAL A . n 
A 1 41  PRO 41  40  40  PRO PRO A . n 
A 1 42  ALA 42  41  41  ALA ALA A . n 
A 1 43  GLY 43  42  42  GLY GLY A . n 
A 1 44  THR 44  43  43  THR THR A . n 
A 1 45  LYS 45  44  44  LYS LYS A . n 
A 1 46  SER 46  45  45  SER SER A . n 
A 1 47  PHE 47  46  46  PHE PHE A . n 
A 1 48  VAL 48  47  47  VAL VAL A . n 
A 1 49  VAL 49  48  48  VAL VAL A . n 
A 1 50  THR 50  49  49  THR THR A . n 
A 1 51  CYS 51  50  50  CYS CYS A . n 
A 1 52  TYR 52  51  51  TYR TYR A . n 
A 1 53  ASP 53  52  52  ASP ASP A . n 
A 1 54  PRO 54  53  53  PRO PRO A . n 
A 1 55  ASP 55  54  54  ASP ASP A . n 
A 1 56  ALA 56  55  55  ALA ALA A . n 
A 1 57  PRO 57  56  56  PRO PRO A . n 
A 1 58  THR 58  57  57  THR THR A . n 
A 1 59  GLY 59  58  58  GLY GLY A . n 
A 1 60  SER 60  59  59  SER SER A . n 
A 1 61  GLY 61  60  60  GLY GLY A . n 
A 1 62  TRP 62  61  61  TRP TRP A . n 
A 1 63  TRP 63  62  62  TRP TRP A . n 
A 1 64  HIS 64  63  63  HIS HIS A . n 
A 1 65  TRP 65  64  64  TRP TRP A . n 
A 1 66  VAL 66  65  65  VAL VAL A . n 
A 1 67  VAL 67  66  66  VAL VAL A . n 
A 1 68  VAL 68  67  67  VAL VAL A . n 
A 1 69  ASN 69  68  68  ASN ASN A . n 
A 1 70  LEU 70  69  69  LEU LEU A . n 
A 1 71  PRO 71  70  70  PRO PRO A . n 
A 1 72  ALA 72  71  71  ALA ALA A . n 
A 1 73  ASP 73  72  72  ASP ASP A . n 
A 1 74  THR 74  73  73  THR THR A . n 
A 1 75  ARG 75  74  74  ARG ARG A . n 
A 1 76  VAL 76  75  75  VAL VAL A . n 
A 1 77  LEU 77  76  76  LEU LEU A . n 
A 1 78  PRO 78  77  77  PRO PRO A . n 
A 1 79  GLN 79  78  78  GLN GLN A . n 
A 1 80  GLY 80  79  79  GLY GLY A . n 
A 1 81  PHE 81  80  80  PHE PHE A . n 
A 1 82  GLY 82  81  81  GLY GLY A . n 
A 1 83  SER 83  82  82  SER SER A . n 
A 1 84  GLY 84  83  83  GLY GLY A . n 
A 1 85  LEU 85  84  84  LEU LEU A . n 
A 1 86  VAL 86  85  85  VAL VAL A . n 
A 1 87  ALA 87  86  86  ALA ALA A . n 
A 1 88  MSE 88  87  87  MSE MSE A . n 
A 1 89  PRO 89  88  88  PRO PRO A . n 
A 1 90  ASP 90  89  89  ASP ASP A . n 
A 1 91  GLY 91  90  90  GLY GLY A . n 
A 1 92  VAL 92  91  91  VAL VAL A . n 
A 1 93  LEU 93  92  92  LEU LEU A . n 
A 1 94  GLN 94  93  93  GLN GLN A . n 
A 1 95  THR 95  94  94  THR THR A . n 
A 1 96  ARG 96  95  95  ARG ARG A . n 
A 1 97  THR 97  96  96  THR THR A . n 
A 1 98  ASP 98  97  97  ASP ASP A . n 
A 1 99  PHE 99  98  98  PHE PHE A . n 
A 1 100 GLY 100 99  99  GLY GLY A . n 
A 1 101 LYS 101 100 100 LYS LYS A . n 
A 1 102 THR 102 101 101 THR THR A . n 
A 1 103 GLY 103 102 102 GLY GLY A . n 
A 1 104 TYR 104 103 103 TYR TYR A . n 
A 1 105 ASP 105 104 104 ASP ASP A . n 
A 1 106 GLY 106 105 105 GLY GLY A . n 
A 1 107 ALA 107 106 106 ALA ALA A . n 
A 1 108 ALA 108 107 107 ALA ALA A . n 
A 1 109 PRO 109 108 108 PRO PRO A . n 
A 1 110 PRO 110 109 109 PRO PRO A . n 
A 1 111 LYS 111 110 110 LYS LYS A . n 
A 1 112 GLY 112 111 111 GLY GLY A . n 
A 1 113 GLU 113 112 112 GLU GLU A . n 
A 1 114 THR 114 113 113 THR THR A . n 
A 1 115 HIS 115 114 114 HIS HIS A . n 
A 1 116 ARG 116 115 115 ARG ARG A . n 
A 1 117 TYR 117 116 116 TYR TYR A . n 
A 1 118 ILE 118 117 117 ILE ILE A . n 
A 1 119 PHE 119 118 118 PHE PHE A . n 
A 1 120 THR 120 119 119 THR THR A . n 
A 1 121 VAL 121 120 120 VAL VAL A . n 
A 1 122 HIS 122 121 121 HIS HIS A . n 
A 1 123 ALA 123 122 122 ALA ALA A . n 
A 1 124 LEU 124 123 123 LEU LEU A . n 
A 1 125 ASP 125 124 124 ASP ASP A . n 
A 1 126 ILE 126 125 125 ILE ILE A . n 
A 1 127 GLU 127 126 126 GLU GLU A . n 
A 1 128 ARG 128 127 127 ARG ARG A . n 
A 1 129 ILE 129 128 128 ILE ILE A . n 
A 1 130 ASP 130 129 129 ASP ASP A . n 
A 1 131 VAL 131 130 130 VAL VAL A . n 
A 1 132 ASP 132 131 131 ASP ASP A . n 
A 1 133 GLU 133 132 132 GLU GLU A . n 
A 1 134 GLY 134 133 133 GLY GLY A . n 
A 1 135 ALA 135 134 134 ALA ALA A . n 
A 1 136 SER 136 135 135 SER SER A . n 
A 1 137 GLY 137 136 136 GLY GLY A . n 
A 1 138 ALA 138 137 137 ALA ALA A . n 
A 1 139 MSE 139 138 138 MSE MSE A . n 
A 1 140 VAL 140 139 139 VAL VAL A . n 
A 1 141 GLY 141 140 140 GLY GLY A . n 
A 1 142 PHE 142 141 141 PHE PHE A . n 
A 1 143 ASN 143 142 142 ASN ASN A . n 
A 1 144 VAL 144 143 143 VAL VAL A . n 
A 1 145 HIS 145 144 144 HIS HIS A . n 
A 1 146 PHE 146 145 145 PHE PHE A . n 
A 1 147 HIS 147 146 146 HIS HIS A . n 
A 1 148 SER 148 147 147 SER SER A . n 
A 1 149 LEU 149 148 148 LEU LEU A . n 
A 1 150 ALA 150 149 149 ALA ALA A . n 
A 1 151 SER 151 150 150 SER SER A . n 
A 1 152 ALA 152 151 151 ALA ALA A . n 
A 1 153 SER 153 152 152 SER SER A . n 
A 1 154 ILE 154 153 153 ILE ILE A . n 
A 1 155 THR 155 154 154 THR THR A . n 
A 1 156 ALA 156 155 155 ALA ALA A . n 
A 1 157 MSE 157 156 156 MSE MSE A . n 
A 1 158 PHE 158 157 157 PHE PHE A . n 
A 1 159 SER 159 158 158 SER SER A . n 
# 
loop_
_pdbx_nonpoly_scheme.asym_id 
_pdbx_nonpoly_scheme.entity_id 
_pdbx_nonpoly_scheme.mon_id 
_pdbx_nonpoly_scheme.ndb_seq_num 
_pdbx_nonpoly_scheme.pdb_seq_num 
_pdbx_nonpoly_scheme.auth_seq_num 
_pdbx_nonpoly_scheme.pdb_mon_id 
_pdbx_nonpoly_scheme.auth_mon_id 
_pdbx_nonpoly_scheme.pdb_strand_id 
_pdbx_nonpoly_scheme.pdb_ins_code 
B 2 EPE 1   206 205 EPE EPE A . 
C 3 HOH 1   207 1   HOH HOH A . 
C 3 HOH 2   208 2   HOH HOH A . 
C 3 HOH 3   209 3   HOH HOH A . 
C 3 HOH 4   210 4   HOH HOH A . 
C 3 HOH 5   211 5   HOH HOH A . 
C 3 HOH 6   212 6   HOH HOH A . 
C 3 HOH 7   213 7   HOH HOH A . 
C 3 HOH 8   214 8   HOH HOH A . 
C 3 HOH 9   215 9   HOH HOH A . 
C 3 HOH 10  216 10  HOH HOH A . 
C 3 HOH 11  217 11  HOH HOH A . 
C 3 HOH 12  218 12  HOH HOH A . 
C 3 HOH 13  219 13  HOH HOH A . 
C 3 HOH 14  220 14  HOH HOH A . 
C 3 HOH 15  221 15  HOH HOH A . 
C 3 HOH 16  222 16  HOH HOH A . 
C 3 HOH 17  223 17  HOH HOH A . 
C 3 HOH 18  224 18  HOH HOH A . 
C 3 HOH 19  225 19  HOH HOH A . 
C 3 HOH 20  226 20  HOH HOH A . 
C 3 HOH 21  227 21  HOH HOH A . 
C 3 HOH 22  228 22  HOH HOH A . 
C 3 HOH 23  229 23  HOH HOH A . 
C 3 HOH 24  230 24  HOH HOH A . 
C 3 HOH 25  231 25  HOH HOH A . 
C 3 HOH 26  232 26  HOH HOH A . 
C 3 HOH 27  233 27  HOH HOH A . 
C 3 HOH 28  234 28  HOH HOH A . 
C 3 HOH 29  235 29  HOH HOH A . 
C 3 HOH 30  236 30  HOH HOH A . 
C 3 HOH 31  237 31  HOH HOH A . 
C 3 HOH 32  238 32  HOH HOH A . 
C 3 HOH 33  239 33  HOH HOH A . 
C 3 HOH 34  240 34  HOH HOH A . 
C 3 HOH 35  241 35  HOH HOH A . 
C 3 HOH 36  242 36  HOH HOH A . 
C 3 HOH 37  243 37  HOH HOH A . 
C 3 HOH 38  244 38  HOH HOH A . 
C 3 HOH 39  245 39  HOH HOH A . 
C 3 HOH 40  246 40  HOH HOH A . 
C 3 HOH 41  247 41  HOH HOH A . 
C 3 HOH 42  248 42  HOH HOH A . 
C 3 HOH 43  249 43  HOH HOH A . 
C 3 HOH 44  250 44  HOH HOH A . 
C 3 HOH 45  251 45  HOH HOH A . 
C 3 HOH 46  252 46  HOH HOH A . 
C 3 HOH 47  253 47  HOH HOH A . 
C 3 HOH 48  254 48  HOH HOH A . 
C 3 HOH 49  255 49  HOH HOH A . 
C 3 HOH 50  256 50  HOH HOH A . 
C 3 HOH 51  257 51  HOH HOH A . 
C 3 HOH 52  258 52  HOH HOH A . 
C 3 HOH 53  259 53  HOH HOH A . 
C 3 HOH 54  260 54  HOH HOH A . 
C 3 HOH 55  261 55  HOH HOH A . 
C 3 HOH 56  262 56  HOH HOH A . 
C 3 HOH 57  263 57  HOH HOH A . 
C 3 HOH 58  264 58  HOH HOH A . 
C 3 HOH 59  265 59  HOH HOH A . 
C 3 HOH 60  266 60  HOH HOH A . 
C 3 HOH 61  267 61  HOH HOH A . 
C 3 HOH 62  268 62  HOH HOH A . 
C 3 HOH 63  269 63  HOH HOH A . 
C 3 HOH 64  270 64  HOH HOH A . 
C 3 HOH 65  271 65  HOH HOH A . 
C 3 HOH 66  272 66  HOH HOH A . 
C 3 HOH 67  273 67  HOH HOH A . 
C 3 HOH 68  274 68  HOH HOH A . 
C 3 HOH 69  275 69  HOH HOH A . 
C 3 HOH 70  276 70  HOH HOH A . 
C 3 HOH 71  277 71  HOH HOH A . 
C 3 HOH 72  278 72  HOH HOH A . 
C 3 HOH 73  279 73  HOH HOH A . 
C 3 HOH 74  280 74  HOH HOH A . 
C 3 HOH 75  281 75  HOH HOH A . 
C 3 HOH 76  282 76  HOH HOH A . 
C 3 HOH 77  283 77  HOH HOH A . 
C 3 HOH 78  284 78  HOH HOH A . 
C 3 HOH 79  285 79  HOH HOH A . 
C 3 HOH 80  286 80  HOH HOH A . 
C 3 HOH 81  287 81  HOH HOH A . 
C 3 HOH 82  288 82  HOH HOH A . 
C 3 HOH 83  289 83  HOH HOH A . 
C 3 HOH 84  290 84  HOH HOH A . 
C 3 HOH 85  291 85  HOH HOH A . 
C 3 HOH 86  292 86  HOH HOH A . 
C 3 HOH 87  293 87  HOH HOH A . 
C 3 HOH 88  294 88  HOH HOH A . 
C 3 HOH 89  295 89  HOH HOH A . 
C 3 HOH 90  296 90  HOH HOH A . 
C 3 HOH 91  297 91  HOH HOH A . 
C 3 HOH 92  298 92  HOH HOH A . 
C 3 HOH 93  299 93  HOH HOH A . 
C 3 HOH 94  300 94  HOH HOH A . 
C 3 HOH 95  301 96  HOH HOH A . 
C 3 HOH 96  302 97  HOH HOH A . 
C 3 HOH 97  303 98  HOH HOH A . 
C 3 HOH 98  304 99  HOH HOH A . 
C 3 HOH 99  305 100 HOH HOH A . 
C 3 HOH 100 306 101 HOH HOH A . 
C 3 HOH 101 307 102 HOH HOH A . 
C 3 HOH 102 308 103 HOH HOH A . 
C 3 HOH 103 309 104 HOH HOH A . 
C 3 HOH 104 310 105 HOH HOH A . 
C 3 HOH 105 311 106 HOH HOH A . 
C 3 HOH 106 312 107 HOH HOH A . 
C 3 HOH 107 313 108 HOH HOH A . 
C 3 HOH 108 314 109 HOH HOH A . 
C 3 HOH 109 315 110 HOH HOH A . 
C 3 HOH 110 316 111 HOH HOH A . 
C 3 HOH 111 317 112 HOH HOH A . 
C 3 HOH 112 318 113 HOH HOH A . 
C 3 HOH 113 319 114 HOH HOH A . 
C 3 HOH 114 320 115 HOH HOH A . 
C 3 HOH 115 321 116 HOH HOH A . 
C 3 HOH 116 322 117 HOH HOH A . 
C 3 HOH 117 323 118 HOH HOH A . 
C 3 HOH 118 324 119 HOH HOH A . 
C 3 HOH 119 325 120 HOH HOH A . 
C 3 HOH 120 326 121 HOH HOH A . 
C 3 HOH 121 327 122 HOH HOH A . 
C 3 HOH 122 328 123 HOH HOH A . 
C 3 HOH 123 329 124 HOH HOH A . 
C 3 HOH 124 330 125 HOH HOH A . 
C 3 HOH 125 331 126 HOH HOH A . 
C 3 HOH 126 332 127 HOH HOH A . 
C 3 HOH 127 333 128 HOH HOH A . 
C 3 HOH 128 334 129 HOH HOH A . 
C 3 HOH 129 335 130 HOH HOH A . 
C 3 HOH 130 336 131 HOH HOH A . 
C 3 HOH 131 337 132 HOH HOH A . 
C 3 HOH 132 338 133 HOH HOH A . 
C 3 HOH 133 339 134 HOH HOH A . 
C 3 HOH 134 340 135 HOH HOH A . 
C 3 HOH 135 341 136 HOH HOH A . 
C 3 HOH 136 342 137 HOH HOH A . 
C 3 HOH 137 343 138 HOH HOH A . 
C 3 HOH 138 344 139 HOH HOH A . 
C 3 HOH 139 345 140 HOH HOH A . 
C 3 HOH 140 346 141 HOH HOH A . 
C 3 HOH 141 347 142 HOH HOH A . 
C 3 HOH 142 348 143 HOH HOH A . 
C 3 HOH 143 349 144 HOH HOH A . 
C 3 HOH 144 350 145 HOH HOH A . 
C 3 HOH 145 351 146 HOH HOH A . 
C 3 HOH 146 352 147 HOH HOH A . 
C 3 HOH 147 353 148 HOH HOH A . 
C 3 HOH 148 354 149 HOH HOH A . 
C 3 HOH 149 355 150 HOH HOH A . 
C 3 HOH 150 356 151 HOH HOH A . 
C 3 HOH 151 357 152 HOH HOH A . 
C 3 HOH 152 358 153 HOH HOH A . 
C 3 HOH 153 359 154 HOH HOH A . 
C 3 HOH 154 360 155 HOH HOH A . 
C 3 HOH 155 361 156 HOH HOH A . 
C 3 HOH 156 362 157 HOH HOH A . 
C 3 HOH 157 363 158 HOH HOH A . 
C 3 HOH 158 364 159 HOH HOH A . 
C 3 HOH 159 365 160 HOH HOH A . 
C 3 HOH 160 366 161 HOH HOH A . 
C 3 HOH 161 367 162 HOH HOH A . 
C 3 HOH 162 368 163 HOH HOH A . 
C 3 HOH 163 369 164 HOH HOH A . 
C 3 HOH 164 370 165 HOH HOH A . 
C 3 HOH 165 371 166 HOH HOH A . 
C 3 HOH 166 372 167 HOH HOH A . 
C 3 HOH 167 373 168 HOH HOH A . 
C 3 HOH 168 374 169 HOH HOH A . 
C 3 HOH 169 375 170 HOH HOH A . 
C 3 HOH 170 376 171 HOH HOH A . 
C 3 HOH 171 377 172 HOH HOH A . 
C 3 HOH 172 378 173 HOH HOH A . 
C 3 HOH 173 379 174 HOH HOH A . 
C 3 HOH 174 380 175 HOH HOH A . 
C 3 HOH 175 381 176 HOH HOH A . 
C 3 HOH 176 382 177 HOH HOH A . 
C 3 HOH 177 383 178 HOH HOH A . 
C 3 HOH 178 384 179 HOH HOH A . 
C 3 HOH 179 385 180 HOH HOH A . 
C 3 HOH 180 386 181 HOH HOH A . 
C 3 HOH 181 387 182 HOH HOH A . 
C 3 HOH 182 388 183 HOH HOH A . 
C 3 HOH 183 389 184 HOH HOH A . 
C 3 HOH 184 390 185 HOH HOH A . 
C 3 HOH 185 391 186 HOH HOH A . 
C 3 HOH 186 392 187 HOH HOH A . 
C 3 HOH 187 393 188 HOH HOH A . 
C 3 HOH 188 394 189 HOH HOH A . 
C 3 HOH 189 395 190 HOH HOH A . 
C 3 HOH 190 396 191 HOH HOH A . 
C 3 HOH 191 397 192 HOH HOH A . 
C 3 HOH 192 398 193 HOH HOH A . 
C 3 HOH 193 399 194 HOH HOH A . 
C 3 HOH 194 400 195 HOH HOH A . 
C 3 HOH 195 401 196 HOH HOH A . 
C 3 HOH 196 402 197 HOH HOH A . 
C 3 HOH 197 403 198 HOH HOH A . 
C 3 HOH 198 404 199 HOH HOH A . 
C 3 HOH 199 405 200 HOH HOH A . 
C 3 HOH 200 406 201 HOH HOH A . 
C 3 HOH 201 407 202 HOH HOH A . 
C 3 HOH 202 408 203 HOH HOH A . 
C 3 HOH 203 409 204 HOH HOH A . 
C 3 HOH 204 410 205 HOH HOH A . 
# 
loop_
_software.name 
_software.classification 
_software.version 
_software.citation_id 
_software.pdbx_ordinal 
SOLVE  phasing          .         ? 1 
REFMAC refinement       .         ? 2 
DENZO  'data reduction' .         ? 3 
CCP4   'data scaling'   '(SCALA)' ? 4 
# 
_cell.entry_id           1FJJ 
_cell.length_a           85.470 
_cell.length_b           85.470 
_cell.length_c           73.300 
_cell.angle_alpha        90.00 
_cell.angle_beta         90.00 
_cell.angle_gamma        120.00 
_cell.Z_PDB              6 
_cell.pdbx_unique_axis   ? 
# 
_symmetry.entry_id                         1FJJ 
_symmetry.space_group_name_H-M             'P 32 2 1' 
_symmetry.pdbx_full_space_group_name_H-M   ? 
_symmetry.cell_setting                     ? 
_symmetry.Int_Tables_number                154 
# 
_exptl.entry_id          1FJJ 
_exptl.method            'X-RAY DIFFRACTION' 
_exptl.crystals_number   1 
# 
_exptl_crystal.id                    1 
_exptl_crystal.density_meas          ? 
_exptl_crystal.density_percent_sol   71 
_exptl_crystal.density_Matthews      4.3 
_exptl_crystal.description           ? 
# 
_exptl_crystal_grow.crystal_id      1 
_exptl_crystal_grow.method          'VAPOR DIFFUSION, HANGING DROP' 
_exptl_crystal_grow.pH              7.5 
_exptl_crystal_grow.temp            298.0 
_exptl_crystal_grow.temp_details    ? 
_exptl_crystal_grow.pdbx_details    'Sodium citrate, Hepes, pH 7.5, VAPOR DIFFUSION, HANGING DROP, temperature 298.0K' 
_exptl_crystal_grow.pdbx_pH_range   . 
# 
_diffrn.id                     1 
_diffrn.ambient_temp           100 
_diffrn.ambient_temp_details   ? 
_diffrn.crystal_id             1 
# 
_diffrn_detector.diffrn_id              1 
_diffrn_detector.detector               'IMAGE PLATE' 
_diffrn_detector.type                   MARRESEARCH 
_diffrn_detector.pdbx_collection_date   2000-06-23 
_diffrn_detector.details                ? 
# 
_diffrn_radiation.diffrn_id                        1 
_diffrn_radiation.wavelength_id                    1 
_diffrn_radiation.monochromator                    ? 
_diffrn_radiation.pdbx_monochromatic_or_laue_m_l   M 
_diffrn_radiation.pdbx_diffrn_protocol             'SINGLE WAVELENGTH' 
_diffrn_radiation.pdbx_scattering_type             x-ray 
# 
_diffrn_radiation_wavelength.id           1 
_diffrn_radiation_wavelength.wavelength   0.97947 
_diffrn_radiation_wavelength.wt           1.0 
# 
_diffrn_source.diffrn_id                   1 
_diffrn_source.source                      SYNCHROTRON 
_diffrn_source.type                        'ESRF BEAMLINE BM30A' 
_diffrn_source.pdbx_wavelength             0.97947 
_diffrn_source.pdbx_synchrotron_site       ESRF 
_diffrn_source.pdbx_synchrotron_beamline   BM30A 
_diffrn_source.pdbx_wavelength_list        ? 
# 
_reflns.entry_id                     1FJJ 
_reflns.observed_criterion_sigma_I   ? 
_reflns.observed_criterion_sigma_F   ? 
_reflns.d_resolution_low             25 
_reflns.d_resolution_high            1.66 
_reflns.number_obs                   165834 
_reflns.number_all                   165834 
_reflns.percent_possible_obs         96.2 
_reflns.pdbx_Rmerge_I_obs            0.0570000 
_reflns.pdbx_Rsym_value              0.0450000 
_reflns.pdbx_netI_over_sigmaI        13.6 
_reflns.B_iso_Wilson_estimate        20.4 
_reflns.pdbx_redundancy              4.7 
_reflns.R_free_details               ? 
_reflns.limit_h_max                  ? 
_reflns.limit_h_min                  ? 
_reflns.limit_k_max                  ? 
_reflns.limit_k_min                  ? 
_reflns.limit_l_max                  ? 
_reflns.limit_l_min                  ? 
_reflns.observed_criterion_F_max     ? 
_reflns.observed_criterion_F_min     ? 
_reflns.pdbx_diffrn_id               1 
_reflns.pdbx_ordinal                 1 
# 
_reflns_shell.d_res_high             1.66 
_reflns_shell.d_res_low              1.75 
_reflns_shell.percent_possible_obs   ? 
_reflns_shell.percent_possible_all   76.3 
_reflns_shell.Rmerge_I_obs           0.5700000 
_reflns_shell.meanI_over_sigI_obs    1.70 
_reflns_shell.pdbx_Rsym_value        0.4400000 
_reflns_shell.pdbx_redundancy        4.0 
_reflns_shell.number_unique_all      4024 
_reflns_shell.pdbx_diffrn_id         ? 
_reflns_shell.pdbx_ordinal           1 
# 
_refine.entry_id                                 1FJJ 
_refine.ls_number_reflns_obs                     31740 
_refine.ls_number_reflns_all                     36545 
_refine.pdbx_ls_sigma_I                          0.0 
_refine.pdbx_ls_sigma_F                          0.0 
_refine.pdbx_data_cutoff_high_absF               ? 
_refine.pdbx_data_cutoff_low_absF                ? 
_refine.ls_d_res_low                             25 
_refine.ls_d_res_high                            1.66 
_refine.ls_percent_reflns_obs                    96.2 
_refine.ls_R_factor_obs                          ? 
_refine.ls_R_factor_all                          ? 
_refine.ls_R_factor_R_work                       0.1797800 
_refine.ls_R_factor_R_free                       0.1968100 
_refine.ls_R_factor_R_free_error                 ? 
_refine.ls_R_factor_R_free_error_details         ? 
_refine.ls_percent_reflns_R_free                 10 
_refine.ls_number_reflns_R_free                  3522 
_refine.ls_number_parameters                     ? 
_refine.ls_number_restraints                     ? 
_refine.occupancy_min                            ? 
_refine.occupancy_max                            ? 
_refine.B_iso_mean                               22.70 
_refine.aniso_B[1][1]                            ? 
_refine.aniso_B[2][2]                            ? 
_refine.aniso_B[3][3]                            ? 
_refine.aniso_B[1][2]                            ? 
_refine.aniso_B[1][3]                            ? 
_refine.aniso_B[2][3]                            ? 
_refine.solvent_model_details                    ? 
_refine.solvent_model_param_ksol                 ? 
_refine.solvent_model_param_bsol                 ? 
_refine.pdbx_ls_cross_valid_method               FREE-R 
_refine.details                                  ? 
_refine.pdbx_starting_model                      ? 
_refine.pdbx_method_to_determine_struct          MAD 
_refine.pdbx_isotropic_thermal_model             ? 
_refine.pdbx_stereochemistry_target_values       'Engh & Huber' 
_refine.pdbx_stereochem_target_val_spec_case     ? 
_refine.pdbx_R_Free_selection_details            RANDOM 
_refine.pdbx_overall_ESU_R_Free                  0.07309 
_refine.overall_SU_B                             1.3209 
_refine.ls_redundancy_reflns_obs                 ? 
_refine.B_iso_min                                ? 
_refine.B_iso_max                                ? 
_refine.overall_SU_ML                            0.04432 
_refine.pdbx_overall_ESU_R                       0.07339 
_refine.pdbx_data_cutoff_high_rms_absF           ? 
_refine.correlation_coeff_Fo_to_Fc               ? 
_refine.correlation_coeff_Fo_to_Fc_free          ? 
_refine.overall_SU_R_Cruickshank_DPI             ? 
_refine.overall_SU_R_free                        ? 
_refine.pdbx_refine_id                           'X-RAY DIFFRACTION' 
_refine.pdbx_diffrn_id                           1 
_refine.pdbx_TLS_residual_ADP_flag               ? 
_refine.pdbx_solvent_vdw_probe_radii             ? 
_refine.pdbx_solvent_ion_probe_radii             ? 
_refine.pdbx_solvent_shrinkage_radii             ? 
_refine.pdbx_overall_phase_error                 ? 
_refine.pdbx_overall_SU_R_free_Cruickshank_DPI   ? 
_refine.pdbx_overall_SU_R_Blow_DPI               ? 
_refine.pdbx_overall_SU_R_free_Blow_DPI          ? 
# 
_refine_hist.pdbx_refine_id                   'X-RAY DIFFRACTION' 
_refine_hist.cycle_id                         LAST 
_refine_hist.pdbx_number_atoms_protein        1214 
_refine_hist.pdbx_number_atoms_nucleic_acid   0 
_refine_hist.pdbx_number_atoms_ligand         15 
_refine_hist.number_atoms_solvent             204 
_refine_hist.number_atoms_total               1433 
_refine_hist.d_res_high                       1.66 
_refine_hist.d_res_low                        25 
# 
loop_
_refine_ls_restr.type 
_refine_ls_restr.dev_ideal 
_refine_ls_restr.dev_ideal_target 
_refine_ls_restr.weight 
_refine_ls_restr.number 
_refine_ls_restr.pdbx_refine_id 
_refine_ls_restr.pdbx_restraint_function 
p_angle_d        0.026  0.040 ? ? 'X-RAY DIFFRACTION' ? 
p_bond_d         0.009  0.020 ? ? 'X-RAY DIFFRACTION' ? 
p_planar_d       0.044  0.050 ? ? 'X-RAY DIFFRACTION' ? 
p_plane_restr    0.0213 0.030 ? ? 'X-RAY DIFFRACTION' ? 
p_chiral_restr   0.130  0.150 ? ? 'X-RAY DIFFRACTION' ? 
p_singtor_nbd    0.171  0.300 ? ? 'X-RAY DIFFRACTION' ? 
p_multtor_nbd    0.231  0.300 ? ? 'X-RAY DIFFRACTION' ? 
p_xyhbond_nbd    0.088  0.300 ? ? 'X-RAY DIFFRACTION' ? 
p_xhyhbond_nbd   0.000  0.300 ? ? 'X-RAY DIFFRACTION' ? 
p_special_tor    0.0    15.0  ? ? 'X-RAY DIFFRACTION' ? 
p_planar_tor     10.1   7.0   ? ? 'X-RAY DIFFRACTION' ? 
p_staggered_tor  11.4   15.0  ? ? 'X-RAY DIFFRACTION' ? 
p_transverse_tor 28.2   20.0  ? ? 'X-RAY DIFFRACTION' ? 
p_mcbond_it      1.023  2.000 ? ? 'X-RAY DIFFRACTION' ? 
p_mcangle_it     1.555  3.000 ? ? 'X-RAY DIFFRACTION' ? 
p_scbond_it      1.833  2.000 ? ? 'X-RAY DIFFRACTION' ? 
p_scangle_it     2.729  3.000 ? ? 'X-RAY DIFFRACTION' ? 
# 
_struct.entry_id                  1FJJ 
_struct.title                     'CRYSTAL STRUCTURE OF E.COLI YBHB PROTEIN, A NEW MEMBER OF THE MAMMALIAN PEBP FAMILY' 
_struct.pdbx_model_details        ? 
_struct.pdbx_CASP_flag            ? 
_struct.pdbx_model_type_details   ? 
# 
_struct_keywords.entry_id        1FJJ 
_struct_keywords.pdbx_keywords   'LIPID BINDING PROTEIN' 
_struct_keywords.text            'PEPB family, LIPID BINDING PROTEIN' 
# 
loop_
_struct_asym.id 
_struct_asym.pdbx_blank_PDB_chainid_flag 
_struct_asym.pdbx_modified 
_struct_asym.entity_id 
_struct_asym.details 
A N N 1 ? 
B N N 2 ? 
C N N 3 ? 
# 
_struct_ref.id                         1 
_struct_ref.db_name                    UNP 
_struct_ref.db_code                    YBHB_ECOLI 
_struct_ref.pdbx_db_accession          P12994 
_struct_ref.entity_id                  1 
_struct_ref.pdbx_seq_one_letter_code   
;MKLISNDLRDGDKLPHRHVFNGMGYDGDNISPHLAWDDVPAGTKSFVVTCYDPDAPTGSGWWHWVVVNLPADTRVLPQGF
GSGLVAMPDGVLQTRTDFGKTGYDGAAPPKGETHRYIFTVHALDIERIDVDEGASGAMVGFNVHFHSLASASITAMFS
;
_struct_ref.pdbx_align_begin           1 
_struct_ref.pdbx_db_isoform            ? 
# 
_struct_ref_seq.align_id                      1 
_struct_ref_seq.ref_id                        1 
_struct_ref_seq.pdbx_PDB_id_code              1FJJ 
_struct_ref_seq.pdbx_strand_id                A 
_struct_ref_seq.seq_align_beg                 2 
_struct_ref_seq.pdbx_seq_align_beg_ins_code   ? 
_struct_ref_seq.seq_align_end                 159 
_struct_ref_seq.pdbx_seq_align_end_ins_code   ? 
_struct_ref_seq.pdbx_db_accession             P12994 
_struct_ref_seq.db_align_beg                  1 
_struct_ref_seq.pdbx_db_align_beg_ins_code    ? 
_struct_ref_seq.db_align_end                  158 
_struct_ref_seq.pdbx_db_align_end_ins_code    ? 
_struct_ref_seq.pdbx_auth_seq_align_beg       1 
_struct_ref_seq.pdbx_auth_seq_align_end       158 
# 
loop_
_struct_ref_seq_dif.align_id 
_struct_ref_seq_dif.pdbx_pdb_id_code 
_struct_ref_seq_dif.mon_id 
_struct_ref_seq_dif.pdbx_pdb_strand_id 
_struct_ref_seq_dif.seq_num 
_struct_ref_seq_dif.pdbx_pdb_ins_code 
_struct_ref_seq_dif.pdbx_seq_db_name 
_struct_ref_seq_dif.pdbx_seq_db_accession_code 
_struct_ref_seq_dif.db_mon_id 
_struct_ref_seq_dif.pdbx_seq_db_seq_num 
_struct_ref_seq_dif.details 
_struct_ref_seq_dif.pdbx_auth_seq_num 
_struct_ref_seq_dif.pdbx_ordinal 
1 1FJJ ALA A 1   ? UNP P12994 ?   ?   'cloning artifact' 0   1 
1 1FJJ MSE A 2   ? UNP P12994 MET 1   'modified residue' 1   2 
1 1FJJ MSE A 24  ? UNP P12994 MET 23  'modified residue' 23  3 
1 1FJJ MSE A 88  ? UNP P12994 MET 87  'modified residue' 87  4 
1 1FJJ MSE A 139 ? UNP P12994 MET 138 'modified residue' 138 5 
1 1FJJ MSE A 157 ? UNP P12994 MET 156 'modified residue' 156 6 
# 
_pdbx_struct_assembly.id                   1 
_pdbx_struct_assembly.details              author_defined_assembly 
_pdbx_struct_assembly.method_details       ? 
_pdbx_struct_assembly.oligomeric_details   dimeric 
_pdbx_struct_assembly.oligomeric_count     2 
# 
_pdbx_struct_assembly_gen.assembly_id       1 
_pdbx_struct_assembly_gen.oper_expression   1,2 
_pdbx_struct_assembly_gen.asym_id_list      A,B,C 
# 
_pdbx_struct_assembly_auth_evidence.id                     1 
_pdbx_struct_assembly_auth_evidence.assembly_id            1 
_pdbx_struct_assembly_auth_evidence.experimental_support   'gel filtration' 
_pdbx_struct_assembly_auth_evidence.details                ? 
# 
loop_
_pdbx_struct_oper_list.id 
_pdbx_struct_oper_list.type 
_pdbx_struct_oper_list.name 
_pdbx_struct_oper_list.symmetry_operation 
_pdbx_struct_oper_list.matrix[1][1] 
_pdbx_struct_oper_list.matrix[1][2] 
_pdbx_struct_oper_list.matrix[1][3] 
_pdbx_struct_oper_list.vector[1] 
_pdbx_struct_oper_list.matrix[2][1] 
_pdbx_struct_oper_list.matrix[2][2] 
_pdbx_struct_oper_list.matrix[2][3] 
_pdbx_struct_oper_list.vector[2] 
_pdbx_struct_oper_list.matrix[3][1] 
_pdbx_struct_oper_list.matrix[3][2] 
_pdbx_struct_oper_list.matrix[3][3] 
_pdbx_struct_oper_list.vector[3] 
1 'identity operation'         1_555 x,y,z         1.0000000000  0.0000000000 0.0000000000  0.0000000000  0.0000000000 1.0000000000 0.0000000000  0.0000000000  0.0000000000  0.0000000000  1.0000000000  0.0000000000   
2 'crystal symmetry operation' 5_555 x-y,-y,-z+1/3 -0.3489023725 0.8668110841 -0.3562382334 -5.5247111890 0.8668110841 0.1539920033 -0.4742625933 -6.8235356371 -0.3562382334 -0.4742625933 -0.8050896308 -26.7007911498 
# 
_struct_biol.id                    1 
_struct_biol.details               
;the biological assembly is a dimer constructed   
from chain A and a symmetry partner generated by   
a crystallography two-fold (the dimer has been  
suggested by gel filtration results)
;
_struct_biol.pdbx_parent_biol_id   ? 
# 
loop_
_struct_conf.conf_type_id 
_struct_conf.id 
_struct_conf.pdbx_PDB_helix_id 
_struct_conf.beg_label_comp_id 
_struct_conf.beg_label_asym_id 
_struct_conf.beg_label_seq_id 
_struct_conf.pdbx_beg_PDB_ins_code 
_struct_conf.end_label_comp_id 
_struct_conf.end_label_asym_id 
_struct_conf.end_label_seq_id 
_struct_conf.pdbx_end_PDB_ins_code 
_struct_conf.beg_auth_comp_id 
_struct_conf.beg_auth_asym_id 
_struct_conf.beg_auth_seq_id 
_struct_conf.end_auth_comp_id 
_struct_conf.end_auth_asym_id 
_struct_conf.end_auth_seq_id 
_struct_conf.pdbx_PDB_helix_class 
_struct_conf.details 
_struct_conf.pdbx_PDB_helix_length 
HELX_P HELX_P1 1 PRO A 16  ? HIS A 19  ? PRO A 15  HIS A 18  5 ? 4  
HELX_P HELX_P2 2 GLY A 80  ? GLY A 84  ? GLY A 79  GLY A 83  5 ? 5  
HELX_P HELX_P3 3 SER A 136 ? HIS A 147 ? SER A 135 HIS A 146 1 ? 12 
# 
_struct_conf_type.id          HELX_P 
_struct_conf_type.criteria    ? 
_struct_conf_type.reference   ? 
# 
loop_
_struct_conn.id 
_struct_conn.conn_type_id 
_struct_conn.pdbx_leaving_atom_flag 
_struct_conn.pdbx_PDB_id 
_struct_conn.ptnr1_label_asym_id 
_struct_conn.ptnr1_label_comp_id 
_struct_conn.ptnr1_label_seq_id 
_struct_conn.ptnr1_label_atom_id 
_struct_conn.pdbx_ptnr1_label_alt_id 
_struct_conn.pdbx_ptnr1_PDB_ins_code 
_struct_conn.pdbx_ptnr1_standard_comp_id 
_struct_conn.ptnr1_symmetry 
_struct_conn.ptnr2_label_asym_id 
_struct_conn.ptnr2_label_comp_id 
_struct_conn.ptnr2_label_seq_id 
_struct_conn.ptnr2_label_atom_id 
_struct_conn.pdbx_ptnr2_label_alt_id 
_struct_conn.pdbx_ptnr2_PDB_ins_code 
_struct_conn.ptnr1_auth_asym_id 
_struct_conn.ptnr1_auth_comp_id 
_struct_conn.ptnr1_auth_seq_id 
_struct_conn.ptnr2_auth_asym_id 
_struct_conn.ptnr2_auth_comp_id 
_struct_conn.ptnr2_auth_seq_id 
_struct_conn.ptnr2_symmetry 
_struct_conn.pdbx_ptnr3_label_atom_id 
_struct_conn.pdbx_ptnr3_label_seq_id 
_struct_conn.pdbx_ptnr3_label_comp_id 
_struct_conn.pdbx_ptnr3_label_asym_id 
_struct_conn.pdbx_ptnr3_label_alt_id 
_struct_conn.pdbx_ptnr3_PDB_ins_code 
_struct_conn.details 
_struct_conn.pdbx_dist_value 
_struct_conn.pdbx_value_order 
_struct_conn.pdbx_role 
covale1  covale both ? A ALA 1   C ? ? ? 1_555 A MSE 2   N ? ? A ALA 0   A MSE 1   1_555 ? ? ? ? ? ? ? 1.331 ? ? 
covale2  covale both ? A MSE 2   C ? ? ? 1_555 A LYS 3   N ? ? A MSE 1   A LYS 2   1_555 ? ? ? ? ? ? ? 1.337 ? ? 
covale3  covale both ? A GLY 23  C ? ? ? 1_555 A MSE 24  N ? ? A GLY 22  A MSE 23  1_555 ? ? ? ? ? ? ? 1.326 ? ? 
covale4  covale both ? A MSE 24  C ? ? ? 1_555 A GLY 25  N ? ? A MSE 23  A GLY 24  1_555 ? ? ? ? ? ? ? 1.340 ? ? 
covale5  covale both ? A ALA 87  C ? ? ? 1_555 A MSE 88  N ? ? A ALA 86  A MSE 87  1_555 ? ? ? ? ? ? ? 1.326 ? ? 
covale6  covale both ? A MSE 88  C ? ? ? 1_555 A PRO 89  N ? ? A MSE 87  A PRO 88  1_555 ? ? ? ? ? ? ? 1.317 ? ? 
covale7  covale both ? A ALA 138 C ? ? ? 1_555 A MSE 139 N ? ? A ALA 137 A MSE 138 1_555 ? ? ? ? ? ? ? 1.328 ? ? 
covale8  covale both ? A MSE 139 C ? ? ? 1_555 A VAL 140 N ? ? A MSE 138 A VAL 139 1_555 ? ? ? ? ? ? ? 1.330 ? ? 
covale9  covale both ? A ALA 156 C ? ? ? 1_555 A MSE 157 N ? ? A ALA 155 A MSE 156 1_555 ? ? ? ? ? ? ? 1.327 ? ? 
covale10 covale both ? A MSE 157 C ? ? ? 1_555 A PHE 158 N ? ? A MSE 156 A PHE 157 1_555 ? ? ? ? ? ? ? 1.330 ? ? 
# 
_struct_conn_type.id          covale 
_struct_conn_type.criteria    ? 
_struct_conn_type.reference   ? 
# 
loop_
_pdbx_modification_feature.ordinal 
_pdbx_modification_feature.label_comp_id 
_pdbx_modification_feature.label_asym_id 
_pdbx_modification_feature.label_seq_id 
_pdbx_modification_feature.label_alt_id 
_pdbx_modification_feature.modified_residue_label_comp_id 
_pdbx_modification_feature.modified_residue_label_asym_id 
_pdbx_modification_feature.modified_residue_label_seq_id 
_pdbx_modification_feature.modified_residue_label_alt_id 
_pdbx_modification_feature.auth_comp_id 
_pdbx_modification_feature.auth_asym_id 
_pdbx_modification_feature.auth_seq_id 
_pdbx_modification_feature.PDB_ins_code 
_pdbx_modification_feature.symmetry 
_pdbx_modification_feature.modified_residue_auth_comp_id 
_pdbx_modification_feature.modified_residue_auth_asym_id 
_pdbx_modification_feature.modified_residue_auth_seq_id 
_pdbx_modification_feature.modified_residue_PDB_ins_code 
_pdbx_modification_feature.modified_residue_symmetry 
_pdbx_modification_feature.comp_id_linking_atom 
_pdbx_modification_feature.modified_residue_id_linking_atom 
_pdbx_modification_feature.modified_residue_id 
_pdbx_modification_feature.ref_pcm_id 
_pdbx_modification_feature.ref_comp_id 
_pdbx_modification_feature.type 
_pdbx_modification_feature.category 
1 MSE A 2   ? . . . . MSE A 1   ? 1_555 . . . . . . . MET 1 MSE Selenomethionine 'Named protein modification' 
2 MSE A 24  ? . . . . MSE A 23  ? 1_555 . . . . . . . MET 1 MSE Selenomethionine 'Named protein modification' 
3 MSE A 88  ? . . . . MSE A 87  ? 1_555 . . . . . . . MET 1 MSE Selenomethionine 'Named protein modification' 
4 MSE A 139 ? . . . . MSE A 138 ? 1_555 . . . . . . . MET 1 MSE Selenomethionine 'Named protein modification' 
5 MSE A 157 ? . . . . MSE A 156 ? 1_555 . . . . . . . MET 1 MSE Selenomethionine 'Named protein modification' 
# 
loop_
_struct_sheet.id 
_struct_sheet.type 
_struct_sheet.number_strands 
_struct_sheet.details 
A ? 3 ? 
B ? 5 ? 
# 
loop_
_struct_sheet_order.sheet_id 
_struct_sheet_order.range_id_1 
_struct_sheet_order.range_id_2 
_struct_sheet_order.offset 
_struct_sheet_order.sense 
A 1 2 ? anti-parallel 
A 2 3 ? anti-parallel 
B 1 2 ? anti-parallel 
B 2 3 ? anti-parallel 
B 3 4 ? anti-parallel 
B 4 5 ? anti-parallel 
# 
loop_
_struct_sheet_range.sheet_id 
_struct_sheet_range.id 
_struct_sheet_range.beg_label_comp_id 
_struct_sheet_range.beg_label_asym_id 
_struct_sheet_range.beg_label_seq_id 
_struct_sheet_range.pdbx_beg_PDB_ins_code 
_struct_sheet_range.end_label_comp_id 
_struct_sheet_range.end_label_asym_id 
_struct_sheet_range.end_label_seq_id 
_struct_sheet_range.pdbx_end_PDB_ins_code 
_struct_sheet_range.beg_auth_comp_id 
_struct_sheet_range.beg_auth_asym_id 
_struct_sheet_range.beg_auth_seq_id 
_struct_sheet_range.end_auth_comp_id 
_struct_sheet_range.end_auth_asym_id 
_struct_sheet_range.end_auth_seq_id 
A 1 LYS A 3   ? ILE A 5   ? LYS A 2   ILE A 4   
A 2 LEU A 35  ? ASP A 38  ? LEU A 34  ASP A 37  
A 3 VAL A 76  ? LEU A 77  ? VAL A 75  LEU A 76  
B 1 LEU A 93  ? GLN A 94  ? LEU A 92  GLN A 93  
B 2 TRP A 62  ? PRO A 71  ? TRP A 61  PRO A 70  
B 3 SER A 46  ? ASP A 53  ? SER A 45  ASP A 52  
B 4 HIS A 115 ? LEU A 124 ? HIS A 114 LEU A 123 
B 5 SER A 148 ? PHE A 158 ? SER A 147 PHE A 157 
# 
loop_
_pdbx_struct_sheet_hbond.sheet_id 
_pdbx_struct_sheet_hbond.range_id_1 
_pdbx_struct_sheet_hbond.range_id_2 
_pdbx_struct_sheet_hbond.range_1_label_atom_id 
_pdbx_struct_sheet_hbond.range_1_label_comp_id 
_pdbx_struct_sheet_hbond.range_1_label_asym_id 
_pdbx_struct_sheet_hbond.range_1_label_seq_id 
_pdbx_struct_sheet_hbond.range_1_PDB_ins_code 
_pdbx_struct_sheet_hbond.range_1_auth_atom_id 
_pdbx_struct_sheet_hbond.range_1_auth_comp_id 
_pdbx_struct_sheet_hbond.range_1_auth_asym_id 
_pdbx_struct_sheet_hbond.range_1_auth_seq_id 
_pdbx_struct_sheet_hbond.range_2_label_atom_id 
_pdbx_struct_sheet_hbond.range_2_label_comp_id 
_pdbx_struct_sheet_hbond.range_2_label_asym_id 
_pdbx_struct_sheet_hbond.range_2_label_seq_id 
_pdbx_struct_sheet_hbond.range_2_PDB_ins_code 
_pdbx_struct_sheet_hbond.range_2_auth_atom_id 
_pdbx_struct_sheet_hbond.range_2_auth_comp_id 
_pdbx_struct_sheet_hbond.range_2_auth_asym_id 
_pdbx_struct_sheet_hbond.range_2_auth_seq_id 
A 1 2 N ILE A 5   ? N ILE A 4   O ALA A 36  ? O ALA A 35  
A 2 3 O LEU A 35  ? O LEU A 34  N LEU A 77  ? N LEU A 76  
B 1 2 O LEU A 93  ? O LEU A 92  N VAL A 68  ? N VAL A 67  
B 2 3 N LEU A 70  ? N LEU A 69  O PHE A 47  ? O PHE A 46  
B 3 4 O TYR A 52  ? O TYR A 51  N ILE A 118 ? N ILE A 117 
B 4 5 O ALA A 123 ? O ALA A 122 N LEU A 149 ? N LEU A 148 
# 
_struct_site.id                   AC1 
_struct_site.pdbx_evidence_code   Software 
_struct_site.pdbx_auth_asym_id    A 
_struct_site.pdbx_auth_comp_id    EPE 
_struct_site.pdbx_auth_seq_id     206 
_struct_site.pdbx_auth_ins_code   ? 
_struct_site.pdbx_num_residues    16 
_struct_site.details              'BINDING SITE FOR RESIDUE EPE A 206' 
# 
loop_
_struct_site_gen.id 
_struct_site_gen.site_id 
_struct_site_gen.pdbx_num_res 
_struct_site_gen.label_comp_id 
_struct_site_gen.label_asym_id 
_struct_site_gen.label_seq_id 
_struct_site_gen.pdbx_auth_ins_code 
_struct_site_gen.auth_comp_id 
_struct_site_gen.auth_asym_id 
_struct_site_gen.auth_seq_id 
_struct_site_gen.label_atom_id 
_struct_site_gen.label_alt_id 
_struct_site_gen.symmetry 
_struct_site_gen.details 
1  AC1 16 PHE A 21  ? PHE A 20  . ? 1_555 ? 
2  AC1 16 MSE A 24  ? MSE A 23  . ? 1_555 ? 
3  AC1 16 ALA A 56  ? ALA A 55  . ? 1_555 ? 
4  AC1 16 PRO A 57  ? PRO A 56  . ? 1_555 ? 
5  AC1 16 TRP A 62  ? TRP A 61  . ? 1_555 ? 
6  AC1 16 HIS A 64  ? HIS A 63  . ? 1_555 ? 
7  AC1 16 ASP A 105 ? ASP A 104 . ? 1_555 ? 
8  AC1 16 GLY A 106 ? GLY A 105 . ? 1_555 ? 
9  AC1 16 ALA A 108 ? ALA A 107 . ? 1_555 ? 
10 AC1 16 PRO A 109 ? PRO A 108 . ? 1_555 ? 
11 AC1 16 PRO A 110 ? PRO A 109 . ? 1_555 ? 
12 AC1 16 HIS A 115 ? HIS A 114 . ? 1_555 ? 
13 AC1 16 PHE A 142 ? PHE A 141 . ? 5_555 ? 
14 AC1 16 HOH C .   ? HOH A 219 . ? 1_555 ? 
15 AC1 16 HOH C .   ? HOH A 267 . ? 1_555 ? 
16 AC1 16 HOH C .   ? HOH A 378 . ? 1_555 ? 
# 
_pdbx_entry_details.entry_id                   1FJJ 
_pdbx_entry_details.compound_details           ? 
_pdbx_entry_details.source_details             ? 
_pdbx_entry_details.nonpolymer_details         ? 
_pdbx_entry_details.sequence_details           ? 
_pdbx_entry_details.has_ligand_of_interest     ? 
_pdbx_entry_details.has_protein_modification   Y 
# 
loop_
_pdbx_validate_rmsd_angle.id 
_pdbx_validate_rmsd_angle.PDB_model_num 
_pdbx_validate_rmsd_angle.auth_atom_id_1 
_pdbx_validate_rmsd_angle.auth_asym_id_1 
_pdbx_validate_rmsd_angle.auth_comp_id_1 
_pdbx_validate_rmsd_angle.auth_seq_id_1 
_pdbx_validate_rmsd_angle.PDB_ins_code_1 
_pdbx_validate_rmsd_angle.label_alt_id_1 
_pdbx_validate_rmsd_angle.auth_atom_id_2 
_pdbx_validate_rmsd_angle.auth_asym_id_2 
_pdbx_validate_rmsd_angle.auth_comp_id_2 
_pdbx_validate_rmsd_angle.auth_seq_id_2 
_pdbx_validate_rmsd_angle.PDB_ins_code_2 
_pdbx_validate_rmsd_angle.label_alt_id_2 
_pdbx_validate_rmsd_angle.auth_atom_id_3 
_pdbx_validate_rmsd_angle.auth_asym_id_3 
_pdbx_validate_rmsd_angle.auth_comp_id_3 
_pdbx_validate_rmsd_angle.auth_seq_id_3 
_pdbx_validate_rmsd_angle.PDB_ins_code_3 
_pdbx_validate_rmsd_angle.label_alt_id_3 
_pdbx_validate_rmsd_angle.angle_value 
_pdbx_validate_rmsd_angle.angle_target_value 
_pdbx_validate_rmsd_angle.angle_deviation 
_pdbx_validate_rmsd_angle.angle_standard_deviation 
_pdbx_validate_rmsd_angle.linker_flag 
1 1 CA A MSE 23  ? ? CB A MSE 23  ? ? CG A MSE 23  ? B 125.55 113.30 12.25  1.70 N 
2 1 CA A PHE 157 ? ? C  A PHE 157 ? ? N  A SER 158 ? ? 132.35 117.20 15.15  2.20 Y 
3 1 O  A PHE 157 ? ? C  A PHE 157 ? ? N  A SER 158 ? ? 100.55 122.70 -22.15 1.60 Y 
# 
loop_
_pdbx_validate_torsion.id 
_pdbx_validate_torsion.PDB_model_num 
_pdbx_validate_torsion.auth_comp_id 
_pdbx_validate_torsion.auth_asym_id 
_pdbx_validate_torsion.auth_seq_id 
_pdbx_validate_torsion.PDB_ins_code 
_pdbx_validate_torsion.label_alt_id 
_pdbx_validate_torsion.phi 
_pdbx_validate_torsion.psi 
1 1 SER A 59  ? ? -142.95 21.37 
2 1 ALA A 107 ? ? -162.33 64.68 
# 
_pdbx_validate_peptide_omega.id               1 
_pdbx_validate_peptide_omega.PDB_model_num    1 
_pdbx_validate_peptide_omega.auth_comp_id_1   PHE 
_pdbx_validate_peptide_omega.auth_asym_id_1   A 
_pdbx_validate_peptide_omega.auth_seq_id_1    157 
_pdbx_validate_peptide_omega.PDB_ins_code_1   ? 
_pdbx_validate_peptide_omega.label_alt_id_1   ? 
_pdbx_validate_peptide_omega.auth_comp_id_2   SER 
_pdbx_validate_peptide_omega.auth_asym_id_2   A 
_pdbx_validate_peptide_omega.auth_seq_id_2    158 
_pdbx_validate_peptide_omega.PDB_ins_code_2   ? 
_pdbx_validate_peptide_omega.label_alt_id_2   ? 
_pdbx_validate_peptide_omega.omega            -61.58 
# 
_pdbx_validate_main_chain_plane.id                       1 
_pdbx_validate_main_chain_plane.PDB_model_num            1 
_pdbx_validate_main_chain_plane.auth_comp_id             PHE 
_pdbx_validate_main_chain_plane.auth_asym_id             A 
_pdbx_validate_main_chain_plane.auth_seq_id              157 
_pdbx_validate_main_chain_plane.PDB_ins_code             ? 
_pdbx_validate_main_chain_plane.label_alt_id             ? 
_pdbx_validate_main_chain_plane.improper_torsion_angle   -34.57 
# 
loop_
_pdbx_struct_mod_residue.id 
_pdbx_struct_mod_residue.label_asym_id 
_pdbx_struct_mod_residue.label_comp_id 
_pdbx_struct_mod_residue.label_seq_id 
_pdbx_struct_mod_residue.auth_asym_id 
_pdbx_struct_mod_residue.auth_comp_id 
_pdbx_struct_mod_residue.auth_seq_id 
_pdbx_struct_mod_residue.PDB_ins_code 
_pdbx_struct_mod_residue.parent_comp_id 
_pdbx_struct_mod_residue.details 
1 A MSE 2   A MSE 1   ? MET SELENOMETHIONINE 
2 A MSE 24  A MSE 23  ? MET SELENOMETHIONINE 
3 A MSE 88  A MSE 87  ? MET SELENOMETHIONINE 
4 A MSE 139 A MSE 138 ? MET SELENOMETHIONINE 
5 A MSE 157 A MSE 156 ? MET SELENOMETHIONINE 
# 
_pdbx_struct_special_symmetry.id              1 
_pdbx_struct_special_symmetry.PDB_model_num   1 
_pdbx_struct_special_symmetry.auth_asym_id    A 
_pdbx_struct_special_symmetry.auth_comp_id    HOH 
_pdbx_struct_special_symmetry.auth_seq_id     410 
_pdbx_struct_special_symmetry.PDB_ins_code    ? 
_pdbx_struct_special_symmetry.label_asym_id   C 
_pdbx_struct_special_symmetry.label_comp_id   HOH 
_pdbx_struct_special_symmetry.label_seq_id    . 
# 
loop_
_chem_comp_atom.comp_id 
_chem_comp_atom.atom_id 
_chem_comp_atom.type_symbol 
_chem_comp_atom.pdbx_aromatic_flag 
_chem_comp_atom.pdbx_stereo_config 
_chem_comp_atom.pdbx_ordinal 
ALA N    N  N N 1   
ALA CA   C  N S 2   
ALA C    C  N N 3   
ALA O    O  N N 4   
ALA CB   C  N N 5   
ALA OXT  O  N N 6   
ALA H    H  N N 7   
ALA H2   H  N N 8   
ALA HA   H  N N 9   
ALA HB1  H  N N 10  
ALA HB2  H  N N 11  
ALA HB3  H  N N 12  
ALA HXT  H  N N 13  
ARG N    N  N N 14  
ARG CA   C  N S 15  
ARG C    C  N N 16  
ARG O    O  N N 17  
ARG CB   C  N N 18  
ARG CG   C  N N 19  
ARG CD   C  N N 20  
ARG NE   N  N N 21  
ARG CZ   C  N N 22  
ARG NH1  N  N N 23  
ARG NH2  N  N N 24  
ARG OXT  O  N N 25  
ARG H    H  N N 26  
ARG H2   H  N N 27  
ARG HA   H  N N 28  
ARG HB2  H  N N 29  
ARG HB3  H  N N 30  
ARG HG2  H  N N 31  
ARG HG3  H  N N 32  
ARG HD2  H  N N 33  
ARG HD3  H  N N 34  
ARG HE   H  N N 35  
ARG HH11 H  N N 36  
ARG HH12 H  N N 37  
ARG HH21 H  N N 38  
ARG HH22 H  N N 39  
ARG HXT  H  N N 40  
ASN N    N  N N 41  
ASN CA   C  N S 42  
ASN C    C  N N 43  
ASN O    O  N N 44  
ASN CB   C  N N 45  
ASN CG   C  N N 46  
ASN OD1  O  N N 47  
ASN ND2  N  N N 48  
ASN OXT  O  N N 49  
ASN H    H  N N 50  
ASN H2   H  N N 51  
ASN HA   H  N N 52  
ASN HB2  H  N N 53  
ASN HB3  H  N N 54  
ASN HD21 H  N N 55  
ASN HD22 H  N N 56  
ASN HXT  H  N N 57  
ASP N    N  N N 58  
ASP CA   C  N S 59  
ASP C    C  N N 60  
ASP O    O  N N 61  
ASP CB   C  N N 62  
ASP CG   C  N N 63  
ASP OD1  O  N N 64  
ASP OD2  O  N N 65  
ASP OXT  O  N N 66  
ASP H    H  N N 67  
ASP H2   H  N N 68  
ASP HA   H  N N 69  
ASP HB2  H  N N 70  
ASP HB3  H  N N 71  
ASP HD2  H  N N 72  
ASP HXT  H  N N 73  
CYS N    N  N N 74  
CYS CA   C  N R 75  
CYS C    C  N N 76  
CYS O    O  N N 77  
CYS CB   C  N N 78  
CYS SG   S  N N 79  
CYS OXT  O  N N 80  
CYS H    H  N N 81  
CYS H2   H  N N 82  
CYS HA   H  N N 83  
CYS HB2  H  N N 84  
CYS HB3  H  N N 85  
CYS HG   H  N N 86  
CYS HXT  H  N N 87  
EPE N1   N  N N 88  
EPE C2   C  N N 89  
EPE C3   C  N N 90  
EPE N4   N  N N 91  
EPE C5   C  N N 92  
EPE C6   C  N N 93  
EPE C7   C  N N 94  
EPE C8   C  N N 95  
EPE O8   O  N N 96  
EPE C9   C  N N 97  
EPE C10  C  N N 98  
EPE S    S  N N 99  
EPE O1S  O  N N 100 
EPE O2S  O  N N 101 
EPE O3S  O  N N 102 
EPE H21  H  N N 103 
EPE H22  H  N N 104 
EPE H31  H  N N 105 
EPE H32  H  N N 106 
EPE H51  H  N N 107 
EPE H52  H  N N 108 
EPE H61  H  N N 109 
EPE H62  H  N N 110 
EPE H71  H  N N 111 
EPE H72  H  N N 112 
EPE H81  H  N N 113 
EPE H82  H  N N 114 
EPE HO8  H  N N 115 
EPE H91  H  N N 116 
EPE H92  H  N N 117 
EPE H101 H  N N 118 
EPE H102 H  N N 119 
EPE HOS3 H  N N 120 
GLN N    N  N N 121 
GLN CA   C  N S 122 
GLN C    C  N N 123 
GLN O    O  N N 124 
GLN CB   C  N N 125 
GLN CG   C  N N 126 
GLN CD   C  N N 127 
GLN OE1  O  N N 128 
GLN NE2  N  N N 129 
GLN OXT  O  N N 130 
GLN H    H  N N 131 
GLN H2   H  N N 132 
GLN HA   H  N N 133 
GLN HB2  H  N N 134 
GLN HB3  H  N N 135 
GLN HG2  H  N N 136 
GLN HG3  H  N N 137 
GLN HE21 H  N N 138 
GLN HE22 H  N N 139 
GLN HXT  H  N N 140 
GLU N    N  N N 141 
GLU CA   C  N S 142 
GLU C    C  N N 143 
GLU O    O  N N 144 
GLU CB   C  N N 145 
GLU CG   C  N N 146 
GLU CD   C  N N 147 
GLU OE1  O  N N 148 
GLU OE2  O  N N 149 
GLU OXT  O  N N 150 
GLU H    H  N N 151 
GLU H2   H  N N 152 
GLU HA   H  N N 153 
GLU HB2  H  N N 154 
GLU HB3  H  N N 155 
GLU HG2  H  N N 156 
GLU HG3  H  N N 157 
GLU HE2  H  N N 158 
GLU HXT  H  N N 159 
GLY N    N  N N 160 
GLY CA   C  N N 161 
GLY C    C  N N 162 
GLY O    O  N N 163 
GLY OXT  O  N N 164 
GLY H    H  N N 165 
GLY H2   H  N N 166 
GLY HA2  H  N N 167 
GLY HA3  H  N N 168 
GLY HXT  H  N N 169 
HIS N    N  N N 170 
HIS CA   C  N S 171 
HIS C    C  N N 172 
HIS O    O  N N 173 
HIS CB   C  N N 174 
HIS CG   C  Y N 175 
HIS ND1  N  Y N 176 
HIS CD2  C  Y N 177 
HIS CE1  C  Y N 178 
HIS NE2  N  Y N 179 
HIS OXT  O  N N 180 
HIS H    H  N N 181 
HIS H2   H  N N 182 
HIS HA   H  N N 183 
HIS HB2  H  N N 184 
HIS HB3  H  N N 185 
HIS HD1  H  N N 186 
HIS HD2  H  N N 187 
HIS HE1  H  N N 188 
HIS HE2  H  N N 189 
HIS HXT  H  N N 190 
HOH O    O  N N 191 
HOH H1   H  N N 192 
HOH H2   H  N N 193 
ILE N    N  N N 194 
ILE CA   C  N S 195 
ILE C    C  N N 196 
ILE O    O  N N 197 
ILE CB   C  N S 198 
ILE CG1  C  N N 199 
ILE CG2  C  N N 200 
ILE CD1  C  N N 201 
ILE OXT  O  N N 202 
ILE H    H  N N 203 
ILE H2   H  N N 204 
ILE HA   H  N N 205 
ILE HB   H  N N 206 
ILE HG12 H  N N 207 
ILE HG13 H  N N 208 
ILE HG21 H  N N 209 
ILE HG22 H  N N 210 
ILE HG23 H  N N 211 
ILE HD11 H  N N 212 
ILE HD12 H  N N 213 
ILE HD13 H  N N 214 
ILE HXT  H  N N 215 
LEU N    N  N N 216 
LEU CA   C  N S 217 
LEU C    C  N N 218 
LEU O    O  N N 219 
LEU CB   C  N N 220 
LEU CG   C  N N 221 
LEU CD1  C  N N 222 
LEU CD2  C  N N 223 
LEU OXT  O  N N 224 
LEU H    H  N N 225 
LEU H2   H  N N 226 
LEU HA   H  N N 227 
LEU HB2  H  N N 228 
LEU HB3  H  N N 229 
LEU HG   H  N N 230 
LEU HD11 H  N N 231 
LEU HD12 H  N N 232 
LEU HD13 H  N N 233 
LEU HD21 H  N N 234 
LEU HD22 H  N N 235 
LEU HD23 H  N N 236 
LEU HXT  H  N N 237 
LYS N    N  N N 238 
LYS CA   C  N S 239 
LYS C    C  N N 240 
LYS O    O  N N 241 
LYS CB   C  N N 242 
LYS CG   C  N N 243 
LYS CD   C  N N 244 
LYS CE   C  N N 245 
LYS NZ   N  N N 246 
LYS OXT  O  N N 247 
LYS H    H  N N 248 
LYS H2   H  N N 249 
LYS HA   H  N N 250 
LYS HB2  H  N N 251 
LYS HB3  H  N N 252 
LYS HG2  H  N N 253 
LYS HG3  H  N N 254 
LYS HD2  H  N N 255 
LYS HD3  H  N N 256 
LYS HE2  H  N N 257 
LYS HE3  H  N N 258 
LYS HZ1  H  N N 259 
LYS HZ2  H  N N 260 
LYS HZ3  H  N N 261 
LYS HXT  H  N N 262 
MET N    N  N N 263 
MET CA   C  N S 264 
MET C    C  N N 265 
MET O    O  N N 266 
MET CB   C  N N 267 
MET CG   C  N N 268 
MET SD   S  N N 269 
MET CE   C  N N 270 
MET OXT  O  N N 271 
MET H    H  N N 272 
MET H2   H  N N 273 
MET HA   H  N N 274 
MET HB2  H  N N 275 
MET HB3  H  N N 276 
MET HG2  H  N N 277 
MET HG3  H  N N 278 
MET HE1  H  N N 279 
MET HE2  H  N N 280 
MET HE3  H  N N 281 
MET HXT  H  N N 282 
MSE N    N  N N 283 
MSE CA   C  N S 284 
MSE C    C  N N 285 
MSE O    O  N N 286 
MSE OXT  O  N N 287 
MSE CB   C  N N 288 
MSE CG   C  N N 289 
MSE SE   SE N N 290 
MSE CE   C  N N 291 
MSE H    H  N N 292 
MSE H2   H  N N 293 
MSE HA   H  N N 294 
MSE HXT  H  N N 295 
MSE HB2  H  N N 296 
MSE HB3  H  N N 297 
MSE HG2  H  N N 298 
MSE HG3  H  N N 299 
MSE HE1  H  N N 300 
MSE HE2  H  N N 301 
MSE HE3  H  N N 302 
PHE N    N  N N 303 
PHE CA   C  N S 304 
PHE C    C  N N 305 
PHE O    O  N N 306 
PHE CB   C  N N 307 
PHE CG   C  Y N 308 
PHE CD1  C  Y N 309 
PHE CD2  C  Y N 310 
PHE CE1  C  Y N 311 
PHE CE2  C  Y N 312 
PHE CZ   C  Y N 313 
PHE OXT  O  N N 314 
PHE H    H  N N 315 
PHE H2   H  N N 316 
PHE HA   H  N N 317 
PHE HB2  H  N N 318 
PHE HB3  H  N N 319 
PHE HD1  H  N N 320 
PHE HD2  H  N N 321 
PHE HE1  H  N N 322 
PHE HE2  H  N N 323 
PHE HZ   H  N N 324 
PHE HXT  H  N N 325 
PRO N    N  N N 326 
PRO CA   C  N S 327 
PRO C    C  N N 328 
PRO O    O  N N 329 
PRO CB   C  N N 330 
PRO CG   C  N N 331 
PRO CD   C  N N 332 
PRO OXT  O  N N 333 
PRO H    H  N N 334 
PRO HA   H  N N 335 
PRO HB2  H  N N 336 
PRO HB3  H  N N 337 
PRO HG2  H  N N 338 
PRO HG3  H  N N 339 
PRO HD2  H  N N 340 
PRO HD3  H  N N 341 
PRO HXT  H  N N 342 
SER N    N  N N 343 
SER CA   C  N S 344 
SER C    C  N N 345 
SER O    O  N N 346 
SER CB   C  N N 347 
SER OG   O  N N 348 
SER OXT  O  N N 349 
SER H    H  N N 350 
SER H2   H  N N 351 
SER HA   H  N N 352 
SER HB2  H  N N 353 
SER HB3  H  N N 354 
SER HG   H  N N 355 
SER HXT  H  N N 356 
THR N    N  N N 357 
THR CA   C  N S 358 
THR C    C  N N 359 
THR O    O  N N 360 
THR CB   C  N R 361 
THR OG1  O  N N 362 
THR CG2  C  N N 363 
THR OXT  O  N N 364 
THR H    H  N N 365 
THR H2   H  N N 366 
THR HA   H  N N 367 
THR HB   H  N N 368 
THR HG1  H  N N 369 
THR HG21 H  N N 370 
THR HG22 H  N N 371 
THR HG23 H  N N 372 
THR HXT  H  N N 373 
TRP N    N  N N 374 
TRP CA   C  N S 375 
TRP C    C  N N 376 
TRP O    O  N N 377 
TRP CB   C  N N 378 
TRP CG   C  Y N 379 
TRP CD1  C  Y N 380 
TRP CD2  C  Y N 381 
TRP NE1  N  Y N 382 
TRP CE2  C  Y N 383 
TRP CE3  C  Y N 384 
TRP CZ2  C  Y N 385 
TRP CZ3  C  Y N 386 
TRP CH2  C  Y N 387 
TRP OXT  O  N N 388 
TRP H    H  N N 389 
TRP H2   H  N N 390 
TRP HA   H  N N 391 
TRP HB2  H  N N 392 
TRP HB3  H  N N 393 
TRP HD1  H  N N 394 
TRP HE1  H  N N 395 
TRP HE3  H  N N 396 
TRP HZ2  H  N N 397 
TRP HZ3  H  N N 398 
TRP HH2  H  N N 399 
TRP HXT  H  N N 400 
TYR N    N  N N 401 
TYR CA   C  N S 402 
TYR C    C  N N 403 
TYR O    O  N N 404 
TYR CB   C  N N 405 
TYR CG   C  Y N 406 
TYR CD1  C  Y N 407 
TYR CD2  C  Y N 408 
TYR CE1  C  Y N 409 
TYR CE2  C  Y N 410 
TYR CZ   C  Y N 411 
TYR OH   O  N N 412 
TYR OXT  O  N N 413 
TYR H    H  N N 414 
TYR H2   H  N N 415 
TYR HA   H  N N 416 
TYR HB2  H  N N 417 
TYR HB3  H  N N 418 
TYR HD1  H  N N 419 
TYR HD2  H  N N 420 
TYR HE1  H  N N 421 
TYR HE2  H  N N 422 
TYR HH   H  N N 423 
TYR HXT  H  N N 424 
VAL N    N  N N 425 
VAL CA   C  N S 426 
VAL C    C  N N 427 
VAL O    O  N N 428 
VAL CB   C  N N 429 
VAL CG1  C  N N 430 
VAL CG2  C  N N 431 
VAL OXT  O  N N 432 
VAL H    H  N N 433 
VAL H2   H  N N 434 
VAL HA   H  N N 435 
VAL HB   H  N N 436 
VAL HG11 H  N N 437 
VAL HG12 H  N N 438 
VAL HG13 H  N N 439 
VAL HG21 H  N N 440 
VAL HG22 H  N N 441 
VAL HG23 H  N N 442 
VAL HXT  H  N N 443 
# 
loop_
_chem_comp_bond.comp_id 
_chem_comp_bond.atom_id_1 
_chem_comp_bond.atom_id_2 
_chem_comp_bond.value_order 
_chem_comp_bond.pdbx_aromatic_flag 
_chem_comp_bond.pdbx_stereo_config 
_chem_comp_bond.pdbx_ordinal 
ALA N   CA   sing N N 1   
ALA N   H    sing N N 2   
ALA N   H2   sing N N 3   
ALA CA  C    sing N N 4   
ALA CA  CB   sing N N 5   
ALA CA  HA   sing N N 6   
ALA C   O    doub N N 7   
ALA C   OXT  sing N N 8   
ALA CB  HB1  sing N N 9   
ALA CB  HB2  sing N N 10  
ALA CB  HB3  sing N N 11  
ALA OXT HXT  sing N N 12  
ARG N   CA   sing N N 13  
ARG N   H    sing N N 14  
ARG N   H2   sing N N 15  
ARG CA  C    sing N N 16  
ARG CA  CB   sing N N 17  
ARG CA  HA   sing N N 18  
ARG C   O    doub N N 19  
ARG C   OXT  sing N N 20  
ARG CB  CG   sing N N 21  
ARG CB  HB2  sing N N 22  
ARG CB  HB3  sing N N 23  
ARG CG  CD   sing N N 24  
ARG CG  HG2  sing N N 25  
ARG CG  HG3  sing N N 26  
ARG CD  NE   sing N N 27  
ARG CD  HD2  sing N N 28  
ARG CD  HD3  sing N N 29  
ARG NE  CZ   sing N N 30  
ARG NE  HE   sing N N 31  
ARG CZ  NH1  sing N N 32  
ARG CZ  NH2  doub N N 33  
ARG NH1 HH11 sing N N 34  
ARG NH1 HH12 sing N N 35  
ARG NH2 HH21 sing N N 36  
ARG NH2 HH22 sing N N 37  
ARG OXT HXT  sing N N 38  
ASN N   CA   sing N N 39  
ASN N   H    sing N N 40  
ASN N   H2   sing N N 41  
ASN CA  C    sing N N 42  
ASN CA  CB   sing N N 43  
ASN CA  HA   sing N N 44  
ASN C   O    doub N N 45  
ASN C   OXT  sing N N 46  
ASN CB  CG   sing N N 47  
ASN CB  HB2  sing N N 48  
ASN CB  HB3  sing N N 49  
ASN CG  OD1  doub N N 50  
ASN CG  ND2  sing N N 51  
ASN ND2 HD21 sing N N 52  
ASN ND2 HD22 sing N N 53  
ASN OXT HXT  sing N N 54  
ASP N   CA   sing N N 55  
ASP N   H    sing N N 56  
ASP N   H2   sing N N 57  
ASP CA  C    sing N N 58  
ASP CA  CB   sing N N 59  
ASP CA  HA   sing N N 60  
ASP C   O    doub N N 61  
ASP C   OXT  sing N N 62  
ASP CB  CG   sing N N 63  
ASP CB  HB2  sing N N 64  
ASP CB  HB3  sing N N 65  
ASP CG  OD1  doub N N 66  
ASP CG  OD2  sing N N 67  
ASP OD2 HD2  sing N N 68  
ASP OXT HXT  sing N N 69  
CYS N   CA   sing N N 70  
CYS N   H    sing N N 71  
CYS N   H2   sing N N 72  
CYS CA  C    sing N N 73  
CYS CA  CB   sing N N 74  
CYS CA  HA   sing N N 75  
CYS C   O    doub N N 76  
CYS C   OXT  sing N N 77  
CYS CB  SG   sing N N 78  
CYS CB  HB2  sing N N 79  
CYS CB  HB3  sing N N 80  
CYS SG  HG   sing N N 81  
CYS OXT HXT  sing N N 82  
EPE N1  C2   sing N N 83  
EPE N1  C6   sing N N 84  
EPE N1  C9   sing N N 85  
EPE C2  C3   sing N N 86  
EPE C2  H21  sing N N 87  
EPE C2  H22  sing N N 88  
EPE C3  N4   sing N N 89  
EPE C3  H31  sing N N 90  
EPE C3  H32  sing N N 91  
EPE N4  C5   sing N N 92  
EPE N4  C7   sing N N 93  
EPE C5  C6   sing N N 94  
EPE C5  H51  sing N N 95  
EPE C5  H52  sing N N 96  
EPE C6  H61  sing N N 97  
EPE C6  H62  sing N N 98  
EPE C7  C8   sing N N 99  
EPE C7  H71  sing N N 100 
EPE C7  H72  sing N N 101 
EPE C8  O8   sing N N 102 
EPE C8  H81  sing N N 103 
EPE C8  H82  sing N N 104 
EPE O8  HO8  sing N N 105 
EPE C9  C10  sing N N 106 
EPE C9  H91  sing N N 107 
EPE C9  H92  sing N N 108 
EPE C10 S    sing N N 109 
EPE C10 H101 sing N N 110 
EPE C10 H102 sing N N 111 
EPE S   O1S  doub N N 112 
EPE S   O2S  doub N N 113 
EPE S   O3S  sing N N 114 
EPE O3S HOS3 sing N N 115 
GLN N   CA   sing N N 116 
GLN N   H    sing N N 117 
GLN N   H2   sing N N 118 
GLN CA  C    sing N N 119 
GLN CA  CB   sing N N 120 
GLN CA  HA   sing N N 121 
GLN C   O    doub N N 122 
GLN C   OXT  sing N N 123 
GLN CB  CG   sing N N 124 
GLN CB  HB2  sing N N 125 
GLN CB  HB3  sing N N 126 
GLN CG  CD   sing N N 127 
GLN CG  HG2  sing N N 128 
GLN CG  HG3  sing N N 129 
GLN CD  OE1  doub N N 130 
GLN CD  NE2  sing N N 131 
GLN NE2 HE21 sing N N 132 
GLN NE2 HE22 sing N N 133 
GLN OXT HXT  sing N N 134 
GLU N   CA   sing N N 135 
GLU N   H    sing N N 136 
GLU N   H2   sing N N 137 
GLU CA  C    sing N N 138 
GLU CA  CB   sing N N 139 
GLU CA  HA   sing N N 140 
GLU C   O    doub N N 141 
GLU C   OXT  sing N N 142 
GLU CB  CG   sing N N 143 
GLU CB  HB2  sing N N 144 
GLU CB  HB3  sing N N 145 
GLU CG  CD   sing N N 146 
GLU CG  HG2  sing N N 147 
GLU CG  HG3  sing N N 148 
GLU CD  OE1  doub N N 149 
GLU CD  OE2  sing N N 150 
GLU OE2 HE2  sing N N 151 
GLU OXT HXT  sing N N 152 
GLY N   CA   sing N N 153 
GLY N   H    sing N N 154 
GLY N   H2   sing N N 155 
GLY CA  C    sing N N 156 
GLY CA  HA2  sing N N 157 
GLY CA  HA3  sing N N 158 
GLY C   O    doub N N 159 
GLY C   OXT  sing N N 160 
GLY OXT HXT  sing N N 161 
HIS N   CA   sing N N 162 
HIS N   H    sing N N 163 
HIS N   H2   sing N N 164 
HIS CA  C    sing N N 165 
HIS CA  CB   sing N N 166 
HIS CA  HA   sing N N 167 
HIS C   O    doub N N 168 
HIS C   OXT  sing N N 169 
HIS CB  CG   sing N N 170 
HIS CB  HB2  sing N N 171 
HIS CB  HB3  sing N N 172 
HIS CG  ND1  sing Y N 173 
HIS CG  CD2  doub Y N 174 
HIS ND1 CE1  doub Y N 175 
HIS ND1 HD1  sing N N 176 
HIS CD2 NE2  sing Y N 177 
HIS CD2 HD2  sing N N 178 
HIS CE1 NE2  sing Y N 179 
HIS CE1 HE1  sing N N 180 
HIS NE2 HE2  sing N N 181 
HIS OXT HXT  sing N N 182 
HOH O   H1   sing N N 183 
HOH O   H2   sing N N 184 
ILE N   CA   sing N N 185 
ILE N   H    sing N N 186 
ILE N   H2   sing N N 187 
ILE CA  C    sing N N 188 
ILE CA  CB   sing N N 189 
ILE CA  HA   sing N N 190 
ILE C   O    doub N N 191 
ILE C   OXT  sing N N 192 
ILE CB  CG1  sing N N 193 
ILE CB  CG2  sing N N 194 
ILE CB  HB   sing N N 195 
ILE CG1 CD1  sing N N 196 
ILE CG1 HG12 sing N N 197 
ILE CG1 HG13 sing N N 198 
ILE CG2 HG21 sing N N 199 
ILE CG2 HG22 sing N N 200 
ILE CG2 HG23 sing N N 201 
ILE CD1 HD11 sing N N 202 
ILE CD1 HD12 sing N N 203 
ILE CD1 HD13 sing N N 204 
ILE OXT HXT  sing N N 205 
LEU N   CA   sing N N 206 
LEU N   H    sing N N 207 
LEU N   H2   sing N N 208 
LEU CA  C    sing N N 209 
LEU CA  CB   sing N N 210 
LEU CA  HA   sing N N 211 
LEU C   O    doub N N 212 
LEU C   OXT  sing N N 213 
LEU CB  CG   sing N N 214 
LEU CB  HB2  sing N N 215 
LEU CB  HB3  sing N N 216 
LEU CG  CD1  sing N N 217 
LEU CG  CD2  sing N N 218 
LEU CG  HG   sing N N 219 
LEU CD1 HD11 sing N N 220 
LEU CD1 HD12 sing N N 221 
LEU CD1 HD13 sing N N 222 
LEU CD2 HD21 sing N N 223 
LEU CD2 HD22 sing N N 224 
LEU CD2 HD23 sing N N 225 
LEU OXT HXT  sing N N 226 
LYS N   CA   sing N N 227 
LYS N   H    sing N N 228 
LYS N   H2   sing N N 229 
LYS CA  C    sing N N 230 
LYS CA  CB   sing N N 231 
LYS CA  HA   sing N N 232 
LYS C   O    doub N N 233 
LYS C   OXT  sing N N 234 
LYS CB  CG   sing N N 235 
LYS CB  HB2  sing N N 236 
LYS CB  HB3  sing N N 237 
LYS CG  CD   sing N N 238 
LYS CG  HG2  sing N N 239 
LYS CG  HG3  sing N N 240 
LYS CD  CE   sing N N 241 
LYS CD  HD2  sing N N 242 
LYS CD  HD3  sing N N 243 
LYS CE  NZ   sing N N 244 
LYS CE  HE2  sing N N 245 
LYS CE  HE3  sing N N 246 
LYS NZ  HZ1  sing N N 247 
LYS NZ  HZ2  sing N N 248 
LYS NZ  HZ3  sing N N 249 
LYS OXT HXT  sing N N 250 
MET N   CA   sing N N 251 
MET N   H    sing N N 252 
MET N   H2   sing N N 253 
MET CA  C    sing N N 254 
MET CA  CB   sing N N 255 
MET CA  HA   sing N N 256 
MET C   O    doub N N 257 
MET C   OXT  sing N N 258 
MET CB  CG   sing N N 259 
MET CB  HB2  sing N N 260 
MET CB  HB3  sing N N 261 
MET CG  SD   sing N N 262 
MET CG  HG2  sing N N 263 
MET CG  HG3  sing N N 264 
MET SD  CE   sing N N 265 
MET CE  HE1  sing N N 266 
MET CE  HE2  sing N N 267 
MET CE  HE3  sing N N 268 
MET OXT HXT  sing N N 269 
MSE N   CA   sing N N 270 
MSE N   H    sing N N 271 
MSE N   H2   sing N N 272 
MSE CA  C    sing N N 273 
MSE CA  CB   sing N N 274 
MSE CA  HA   sing N N 275 
MSE C   O    doub N N 276 
MSE C   OXT  sing N N 277 
MSE OXT HXT  sing N N 278 
MSE CB  CG   sing N N 279 
MSE CB  HB2  sing N N 280 
MSE CB  HB3  sing N N 281 
MSE CG  SE   sing N N 282 
MSE CG  HG2  sing N N 283 
MSE CG  HG3  sing N N 284 
MSE SE  CE   sing N N 285 
MSE CE  HE1  sing N N 286 
MSE CE  HE2  sing N N 287 
MSE CE  HE3  sing N N 288 
PHE N   CA   sing N N 289 
PHE N   H    sing N N 290 
PHE N   H2   sing N N 291 
PHE CA  C    sing N N 292 
PHE CA  CB   sing N N 293 
PHE CA  HA   sing N N 294 
PHE C   O    doub N N 295 
PHE C   OXT  sing N N 296 
PHE CB  CG   sing N N 297 
PHE CB  HB2  sing N N 298 
PHE CB  HB3  sing N N 299 
PHE CG  CD1  doub Y N 300 
PHE CG  CD2  sing Y N 301 
PHE CD1 CE1  sing Y N 302 
PHE CD1 HD1  sing N N 303 
PHE CD2 CE2  doub Y N 304 
PHE CD2 HD2  sing N N 305 
PHE CE1 CZ   doub Y N 306 
PHE CE1 HE1  sing N N 307 
PHE CE2 CZ   sing Y N 308 
PHE CE2 HE2  sing N N 309 
PHE CZ  HZ   sing N N 310 
PHE OXT HXT  sing N N 311 
PRO N   CA   sing N N 312 
PRO N   CD   sing N N 313 
PRO N   H    sing N N 314 
PRO CA  C    sing N N 315 
PRO CA  CB   sing N N 316 
PRO CA  HA   sing N N 317 
PRO C   O    doub N N 318 
PRO C   OXT  sing N N 319 
PRO CB  CG   sing N N 320 
PRO CB  HB2  sing N N 321 
PRO CB  HB3  sing N N 322 
PRO CG  CD   sing N N 323 
PRO CG  HG2  sing N N 324 
PRO CG  HG3  sing N N 325 
PRO CD  HD2  sing N N 326 
PRO CD  HD3  sing N N 327 
PRO OXT HXT  sing N N 328 
SER N   CA   sing N N 329 
SER N   H    sing N N 330 
SER N   H2   sing N N 331 
SER CA  C    sing N N 332 
SER CA  CB   sing N N 333 
SER CA  HA   sing N N 334 
SER C   O    doub N N 335 
SER C   OXT  sing N N 336 
SER CB  OG   sing N N 337 
SER CB  HB2  sing N N 338 
SER CB  HB3  sing N N 339 
SER OG  HG   sing N N 340 
SER OXT HXT  sing N N 341 
THR N   CA   sing N N 342 
THR N   H    sing N N 343 
THR N   H2   sing N N 344 
THR CA  C    sing N N 345 
THR CA  CB   sing N N 346 
THR CA  HA   sing N N 347 
THR C   O    doub N N 348 
THR C   OXT  sing N N 349 
THR CB  OG1  sing N N 350 
THR CB  CG2  sing N N 351 
THR CB  HB   sing N N 352 
THR OG1 HG1  sing N N 353 
THR CG2 HG21 sing N N 354 
THR CG2 HG22 sing N N 355 
THR CG2 HG23 sing N N 356 
THR OXT HXT  sing N N 357 
TRP N   CA   sing N N 358 
TRP N   H    sing N N 359 
TRP N   H2   sing N N 360 
TRP CA  C    sing N N 361 
TRP CA  CB   sing N N 362 
TRP CA  HA   sing N N 363 
TRP C   O    doub N N 364 
TRP C   OXT  sing N N 365 
TRP CB  CG   sing N N 366 
TRP CB  HB2  sing N N 367 
TRP CB  HB3  sing N N 368 
TRP CG  CD1  doub Y N 369 
TRP CG  CD2  sing Y N 370 
TRP CD1 NE1  sing Y N 371 
TRP CD1 HD1  sing N N 372 
TRP CD2 CE2  doub Y N 373 
TRP CD2 CE3  sing Y N 374 
TRP NE1 CE2  sing Y N 375 
TRP NE1 HE1  sing N N 376 
TRP CE2 CZ2  sing Y N 377 
TRP CE3 CZ3  doub Y N 378 
TRP CE3 HE3  sing N N 379 
TRP CZ2 CH2  doub Y N 380 
TRP CZ2 HZ2  sing N N 381 
TRP CZ3 CH2  sing Y N 382 
TRP CZ3 HZ3  sing N N 383 
TRP CH2 HH2  sing N N 384 
TRP OXT HXT  sing N N 385 
TYR N   CA   sing N N 386 
TYR N   H    sing N N 387 
TYR N   H2   sing N N 388 
TYR CA  C    sing N N 389 
TYR CA  CB   sing N N 390 
TYR CA  HA   sing N N 391 
TYR C   O    doub N N 392 
TYR C   OXT  sing N N 393 
TYR CB  CG   sing N N 394 
TYR CB  HB2  sing N N 395 
TYR CB  HB3  sing N N 396 
TYR CG  CD1  doub Y N 397 
TYR CG  CD2  sing Y N 398 
TYR CD1 CE1  sing Y N 399 
TYR CD1 HD1  sing N N 400 
TYR CD2 CE2  doub Y N 401 
TYR CD2 HD2  sing N N 402 
TYR CE1 CZ   doub Y N 403 
TYR CE1 HE1  sing N N 404 
TYR CE2 CZ   sing Y N 405 
TYR CE2 HE2  sing N N 406 
TYR CZ  OH   sing N N 407 
TYR OH  HH   sing N N 408 
TYR OXT HXT  sing N N 409 
VAL N   CA   sing N N 410 
VAL N   H    sing N N 411 
VAL N   H2   sing N N 412 
VAL CA  C    sing N N 413 
VAL CA  CB   sing N N 414 
VAL CA  HA   sing N N 415 
VAL C   O    doub N N 416 
VAL C   OXT  sing N N 417 
VAL CB  CG1  sing N N 418 
VAL CB  CG2  sing N N 419 
VAL CB  HB   sing N N 420 
VAL CG1 HG11 sing N N 421 
VAL CG1 HG12 sing N N 422 
VAL CG1 HG13 sing N N 423 
VAL CG2 HG21 sing N N 424 
VAL CG2 HG22 sing N N 425 
VAL CG2 HG23 sing N N 426 
VAL OXT HXT  sing N N 427 
# 
_atom_sites.entry_id                    1FJJ 
_atom_sites.fract_transf_matrix[1][1]   -0.00359562 
_atom_sites.fract_transf_matrix[1][2]   -0.00873097 
_atom_sites.fract_transf_matrix[1][3]   0.00966239 
_atom_sites.fract_transf_matrix[2][1]   0.00616007 
_atom_sites.fract_transf_matrix[2][2]   0.00031276 
_atom_sites.fract_transf_matrix[2][3]   0.01201981 
_atom_sites.fract_transf_matrix[3][1]   -0.00931876 
_atom_sites.fract_transf_matrix[3][2]   0.00886761 
_atom_sites.fract_transf_matrix[3][3]   0.00454506 
_atom_sites.fract_transf_vector[1]      0.522630 
_atom_sites.fract_transf_vector[2]      0.178553 
_atom_sites.fract_transf_vector[3]      0.231863 
# 
loop_
_atom_type.symbol 
C  
N  
O  
S  
SE 
# 
loop_
_atom_site.group_PDB 
_atom_site.id 
_atom_site.type_symbol 
_atom_site.label_atom_id 
_atom_site.label_alt_id 
_atom_site.label_comp_id 
_atom_site.label_asym_id 
_atom_site.label_entity_id 
_atom_site.label_seq_id 
_atom_site.pdbx_PDB_ins_code 
_atom_site.Cartn_x 
_atom_site.Cartn_y 
_atom_site.Cartn_z 
_atom_site.occupancy 
_atom_site.B_iso_or_equiv 
_atom_site.pdbx_formal_charge 
_atom_site.auth_seq_id 
_atom_site.auth_comp_id 
_atom_site.auth_asym_id 
_atom_site.auth_atom_id 
_atom_site.pdbx_PDB_model_num 
ATOM   1    N  N   . ALA A 1 1   ? -1.662  19.466  5.854   1.00 29.57 ? 0   ALA A N   1 
ATOM   2    C  CA  . ALA A 1 1   ? -0.595  18.950  4.907   1.00 28.13 ? 0   ALA A CA  1 
ATOM   3    C  C   . ALA A 1 1   ? -0.320  17.511  5.378   1.00 26.58 ? 0   ALA A C   1 
ATOM   4    O  O   . ALA A 1 1   ? 0.515   17.311  6.252   1.00 25.56 ? 0   ALA A O   1 
ATOM   5    C  CB  . ALA A 1 1   ? 0.625   19.827  5.195   1.00 29.05 ? 0   ALA A CB  1 
HETATM 6    N  N   . MSE A 1 2   ? -1.105  16.574  4.851   1.00 24.07 ? 1   MSE A N   1 
HETATM 7    C  CA  . MSE A 1 2   ? -1.004  15.197  5.338   1.00 23.66 ? 1   MSE A CA  1 
HETATM 8    C  C   . MSE A 1 2   ? 0.390   14.609  5.223   1.00 21.47 ? 1   MSE A C   1 
HETATM 9    O  O   . MSE A 1 2   ? 1.096   14.778  4.235   1.00 21.66 ? 1   MSE A O   1 
HETATM 10   C  CB  . MSE A 1 2   ? -2.025  14.301  4.633   1.00 24.70 ? 1   MSE A CB  1 
HETATM 11   C  CG  . MSE A 1 2   ? -2.163  12.919  5.272   1.00 25.57 ? 1   MSE A CG  1 
HETATM 12   SE SE  . MSE A 1 2   ? -3.724  12.012  4.601   1.00 33.78 ? 1   MSE A SE  1 
HETATM 13   C  CE  . MSE A 1 2   ? -3.243  11.921  2.898   1.00 25.89 ? 1   MSE A CE  1 
ATOM   14   N  N   . LYS A 1 3   ? 0.797   13.924  6.295   1.00 21.19 ? 2   LYS A N   1 
ATOM   15   C  CA  . LYS A 1 3   ? 2.119   13.317  6.352   1.00 22.43 ? 2   LYS A CA  1 
ATOM   16   C  C   . LYS A 1 3   ? 2.034   11.808  6.575   1.00 20.30 ? 2   LYS A C   1 
ATOM   17   O  O   . LYS A 1 3   ? 1.130   11.364  7.274   1.00 20.54 ? 2   LYS A O   1 
ATOM   18   C  CB  . LYS A 1 3   ? 2.948   13.933  7.498   1.00 25.98 ? 2   LYS A CB  1 
ATOM   19   C  CG  . LYS A 1 3   ? 3.272   15.387  7.163   1.00 30.52 ? 2   LYS A CG  1 
ATOM   20   C  CD  . LYS A 1 3   ? 4.524   15.913  7.839   1.00 34.43 ? 2   LYS A CD  1 
ATOM   21   C  CE  . LYS A 1 3   ? 4.806   17.314  7.288   1.00 36.10 ? 2   LYS A CE  1 
ATOM   22   N  NZ  . LYS A 1 3   ? 3.585   18.165  7.341   1.00 38.23 ? 2   LYS A NZ  1 
ATOM   23   N  N   . LEU A 1 4   ? 2.981   11.120  5.955   1.00 19.64 ? 3   LEU A N   1 
ATOM   24   C  CA  . LEU A 1 4   ? 3.052   9.660   6.148   1.00 18.92 ? 3   LEU A CA  1 
ATOM   25   C  C   . LEU A 1 4   ? 4.418   9.350   6.740   1.00 19.89 ? 3   LEU A C   1 
ATOM   26   O  O   . LEU A 1 4   ? 5.450   9.777   6.187   1.00 20.82 ? 3   LEU A O   1 
ATOM   27   C  CB  . LEU A 1 4   ? 2.840   8.906   4.845   1.00 18.50 ? 3   LEU A CB  1 
ATOM   28   C  CG  . LEU A 1 4   ? 2.910   7.372   4.877   1.00 18.53 ? 3   LEU A CG  1 
ATOM   29   C  CD1 . LEU A 1 4   ? 1.752   6.775   5.657   1.00 18.48 ? 3   LEU A CD1 1 
ATOM   30   C  CD2 . LEU A 1 4   ? 2.952   6.854   3.431   1.00 19.04 ? 3   LEU A CD2 1 
ATOM   31   N  N   . ILE A 1 5   ? 4.425   8.633   7.853   1.00 18.53 ? 4   ILE A N   1 
ATOM   32   C  CA  . ILE A 1 5   ? 5.683   8.237   8.488   1.00 19.86 ? 4   ILE A CA  1 
ATOM   33   C  C   . ILE A 1 5   ? 5.662   6.720   8.676   1.00 18.12 ? 4   ILE A C   1 
ATOM   34   O  O   . ILE A 1 5   ? 4.634   6.083   8.472   1.00 18.59 ? 4   ILE A O   1 
ATOM   35   C  CB  . ILE A 1 5   ? 5.911   8.891   9.859   1.00 20.71 ? 4   ILE A CB  1 
ATOM   36   C  CG1 . ILE A 1 5   ? 4.809   8.460   10.824  1.00 22.46 ? 4   ILE A CG1 1 
ATOM   37   C  CG2 . ILE A 1 5   ? 5.967   10.420  9.764   1.00 23.84 ? 4   ILE A CG2 1 
ATOM   38   C  CD1 . ILE A 1 5   ? 4.984   8.877   12.264  1.00 25.20 ? 4   ILE A CD1 1 
ATOM   39   N  N   . SER A 1 6   ? 6.794   6.153   9.093   1.00 17.25 ? 5   SER A N   1 
ATOM   40   C  CA  . SER A 1 6   ? 6.842   4.722   9.318   1.00 17.06 ? 5   SER A CA  1 
ATOM   41   C  C   . SER A 1 6   ? 7.931   4.386   10.339  1.00 17.54 ? 5   SER A C   1 
ATOM   42   O  O   . SER A 1 6   ? 9.012   4.964   10.258  1.00 19.03 ? 5   SER A O   1 
ATOM   43   C  CB  . SER A 1 6   ? 7.130   3.978   8.009   1.00 17.03 ? 5   SER A CB  1 
ATOM   44   O  OG  . SER A 1 6   ? 7.335   2.597   8.246   1.00 16.96 ? 5   SER A OG  1 
ATOM   45   N  N   . ASN A 1 7   ? 7.635   3.402   11.182  1.00 16.04 ? 6   ASN A N   1 
ATOM   46   C  CA  . ASN A 1 7   ? 8.623   2.910   12.134  1.00 16.96 ? 6   ASN A CA  1 
ATOM   47   C  C   . ASN A 1 7   ? 9.624   2.016   11.398  1.00 17.77 ? 6   ASN A C   1 
ATOM   48   O  O   . ASN A 1 7   ? 10.640  1.621   11.986  1.00 18.72 ? 6   ASN A O   1 
ATOM   49   C  CB  . ASN A 1 7   ? 7.973   2.041   13.227  1.00 17.14 ? 6   ASN A CB  1 
ATOM   50   C  CG  . ASN A 1 7   ? 7.104   2.847   14.185  1.00 17.27 ? 6   ASN A CG  1 
ATOM   51   O  OD1 . ASN A 1 7   ? 7.327   4.051   14.364  1.00 17.83 ? 6   ASN A OD1 1 
ATOM   52   N  ND2 . ASN A 1 7   ? 6.136   2.170   14.792  1.00 17.31 ? 6   ASN A ND2 1 
ATOM   53   N  N   . ASP A 1 8   ? 9.240   1.536   10.221  1.00 17.18 ? 7   ASP A N   1 
ATOM   54   C  CA  . ASP A 1 8   ? 10.027  0.575   9.465   1.00 17.93 ? 7   ASP A CA  1 
ATOM   55   C  C   . ASP A 1 8   ? 10.773  1.163   8.278   1.00 19.60 ? 7   ASP A C   1 
ATOM   56   O  O   . ASP A 1 8   ? 11.857  0.663   7.964   1.00 21.55 ? 7   ASP A O   1 
ATOM   57   C  CB  . ASP A 1 8   ? 9.052   -0.488  8.932   1.00 17.78 ? 7   ASP A CB  1 
ATOM   58   C  CG  . ASP A 1 8   ? 8.417   -1.294  10.033  1.00 17.80 ? 7   ASP A CG  1 
ATOM   59   O  OD1 . ASP A 1 8   ? 9.015   -1.359  11.139  1.00 19.66 ? 7   ASP A OD1 1 
ATOM   60   O  OD2 . ASP A 1 8   ? 7.344   -1.906  9.853   1.00 17.57 ? 7   ASP A OD2 1 
ATOM   61   N  N   . LEU A 1 9   ? 10.144  2.073   7.548   1.00 19.76 ? 8   LEU A N   1 
ATOM   62   C  CA  . LEU A 1 9   ? 10.715  2.607   6.323   1.00 20.12 ? 8   LEU A CA  1 
ATOM   63   C  C   . LEU A 1 9   ? 11.229  4.032   6.515   1.00 21.49 ? 8   LEU A C   1 
ATOM   64   O  O   . LEU A 1 9   ? 10.729  4.758   7.354   1.00 19.78 ? 8   LEU A O   1 
ATOM   65   C  CB  . LEU A 1 9   ? 9.645   2.699   5.235   1.00 20.25 ? 8   LEU A CB  1 
ATOM   66   C  CG  . LEU A 1 9   ? 8.777   1.459   5.000   1.00 19.83 ? 8   LEU A CG  1 
ATOM   67   C  CD1 . LEU A 1 9   ? 7.740   1.802   3.946   1.00 20.90 ? 8   LEU A CD1 1 
ATOM   68   C  CD2 . LEU A 1 9   ? 9.652   0.298   4.544   1.00 20.23 ? 8   LEU A CD2 1 
ATOM   69   N  N   . ARG A 1 10  ? 12.155  4.407   5.644   1.00 22.96 ? 9   ARG A N   1 
ATOM   70   C  CA  . ARG A 1 10  ? 12.648  5.781   5.644   1.00 25.53 ? 9   ARG A CA  1 
ATOM   71   C  C   . ARG A 1 10  ? 12.645  6.226   4.180   1.00 23.65 ? 9   ARG A C   1 
ATOM   72   O  O   . ARG A 1 10  ? 13.126  5.461   3.346   1.00 22.82 ? 9   ARG A O   1 
ATOM   73   C  CB  . ARG A 1 10  ? 14.049  5.877   6.226   1.00 30.19 ? 9   ARG A CB  1 
ATOM   74   C  CG  . ARG A 1 10  ? 14.413  7.327   6.559   1.00 35.86 ? 9   ARG A CG  1 
ATOM   75   C  CD  . ARG A 1 10  ? 13.768  7.656   7.903   1.00 40.20 ? 9   ARG A CD  1 
ATOM   76   N  NE  . ARG A 1 10  ? 13.937  9.052   8.294   1.00 43.85 ? 9   ARG A NE  1 
ATOM   77   C  CZ  . ARG A 1 10  ? 13.369  9.561   9.388   1.00 45.55 ? 9   ARG A CZ  1 
ATOM   78   N  NH1 . ARG A 1 10  ? 12.629  8.779   10.168  1.00 46.56 ? 9   ARG A NH1 1 
ATOM   79   N  NH2 . ARG A 1 10  ? 13.531  10.839  9.709   1.00 46.58 ? 9   ARG A NH2 1 
ATOM   80   N  N   . ASP A 1 11  ? 11.960  7.314   3.891   1.00 23.27 ? 10  ASP A N   1 
ATOM   81   C  CA  . ASP A 1 11  ? 11.814  7.734   2.501   1.00 23.52 ? 10  ASP A CA  1 
ATOM   82   C  C   . ASP A 1 11  ? 13.159  7.863   1.807   1.00 23.70 ? 10  ASP A C   1 
ATOM   83   O  O   . ASP A 1 11  ? 14.072  8.532   2.315   1.00 22.93 ? 10  ASP A O   1 
ATOM   84   C  CB  . ASP A 1 11  ? 11.045  9.054   2.492   1.00 25.08 ? 10  ASP A CB  1 
ATOM   85   C  CG  . ASP A 1 11  ? 10.660  9.507   1.105   1.00 27.73 ? 10  ASP A CG  1 
ATOM   86   O  OD1 . ASP A 1 11  ? 10.864  10.717  0.837   1.00 30.46 ? 10  ASP A OD1 1 
ATOM   87   O  OD2 . ASP A 1 11  ? 10.159  8.723   0.280   1.00 25.67 ? 10  ASP A OD2 1 
ATOM   88   N  N   . GLY A 1 12  ? 13.311  7.187   0.670   1.00 22.57 ? 11  GLY A N   1 
ATOM   89   C  CA  . GLY A 1 12  ? 14.543  7.232   -0.102  1.00 23.19 ? 11  GLY A CA  1 
ATOM   90   C  C   . GLY A 1 12  ? 15.568  6.181   0.282   1.00 22.88 ? 11  GLY A C   1 
ATOM   91   O  O   . GLY A 1 12  ? 16.553  5.999   -0.439  1.00 23.78 ? 11  GLY A O   1 
ATOM   92   N  N   . ASP A 1 13  ? 15.417  5.500   1.407   1.00 23.24 ? 12  ASP A N   1 
ATOM   93   C  CA  . ASP A 1 13  ? 16.338  4.451   1.808   1.00 23.53 ? 12  ASP A CA  1 
ATOM   94   C  C   . ASP A 1 13  ? 15.944  3.093   1.230   1.00 22.14 ? 12  ASP A C   1 
ATOM   95   O  O   . ASP A 1 13  ? 14.881  2.912   0.635   1.00 20.71 ? 12  ASP A O   1 
ATOM   96   C  CB  . ASP A 1 13  ? 16.376  4.329   3.336   1.00 26.96 ? 12  ASP A CB  1 
ATOM   97   C  CG  . ASP A 1 13  ? 17.121  5.457   4.023   1.00 30.55 ? 12  ASP A CG  1 
ATOM   98   O  OD1 . ASP A 1 13  ? 17.718  6.317   3.337   1.00 32.07 ? 12  ASP A OD1 1 
ATOM   99   O  OD2 . ASP A 1 13  ? 17.106  5.495   5.272   1.00 31.82 ? 12  ASP A OD2 1 
ATOM   100  N  N   . LYS A 1 14  ? 16.837  2.126   1.449   1.00 21.02 ? 13  LYS A N   1 
ATOM   101  C  CA  . LYS A 1 14  ? 16.560  0.774   0.964   1.00 20.85 ? 13  LYS A CA  1 
ATOM   102  C  C   . LYS A 1 14  ? 15.396  0.179   1.758   1.00 20.71 ? 13  LYS A C   1 
ATOM   103  O  O   . LYS A 1 14  ? 15.214  0.444   2.947   1.00 20.49 ? 13  LYS A O   1 
ATOM   104  C  CB  . LYS A 1 14  ? 17.768  -0.140  1.137   1.00 22.85 ? 13  LYS A CB  1 
ATOM   105  C  CG  . LYS A 1 14  ? 18.968  0.207   0.282   1.00 23.60 ? 13  LYS A CG  1 
ATOM   106  C  CD  . LYS A 1 14  ? 18.691  0.264   -1.212  1.00 24.97 ? 13  LYS A CD  1 
ATOM   107  C  CE  . LYS A 1 14  ? 20.020  0.269   -1.975  1.00 25.86 ? 13  LYS A CE  1 
ATOM   108  N  NZ  . LYS A 1 14  ? 19.798  0.415   -3.440  1.00 26.53 ? 13  LYS A NZ  1 
ATOM   109  N  N   . LEU A 1 15  ? 14.618  -0.641  1.052   1.00 19.93 ? 14  LEU A N   1 
ATOM   110  C  CA  . LEU A 1 15  ? 13.522  -1.370  1.719   1.00 18.64 ? 14  LEU A CA  1 
ATOM   111  C  C   . LEU A 1 15  ? 14.165  -2.437  2.606   1.00 17.35 ? 14  LEU A C   1 
ATOM   112  O  O   . LEU A 1 15  ? 14.908  -3.302  2.126   1.00 18.12 ? 14  LEU A O   1 
ATOM   113  C  CB  . LEU A 1 15  ? 12.703  -2.078  0.625   1.00 18.13 ? 14  LEU A CB  1 
ATOM   114  C  CG  . LEU A 1 15  ? 11.455  -2.836  1.106   1.00 18.15 ? 14  LEU A CG  1 
ATOM   115  C  CD1 . LEU A 1 15  ? 10.409  -1.854  1.612   1.00 18.31 ? 14  LEU A CD1 1 
ATOM   116  C  CD2 . LEU A 1 15  ? 10.896  -3.725  -0.011  1.00 18.06 ? 14  LEU A CD2 1 
ATOM   117  N  N   . PRO A 1 16  ? 13.893  -2.437  3.904   1.00 17.27 ? 15  PRO A N   1 
ATOM   118  C  CA  . PRO A 1 16  ? 14.414  -3.469  4.787   1.00 17.18 ? 15  PRO A CA  1 
ATOM   119  C  C   . PRO A 1 16  ? 13.957  -4.852  4.349   1.00 17.89 ? 15  PRO A C   1 
ATOM   120  O  O   . PRO A 1 16  ? 12.854  -5.073  3.855   1.00 16.34 ? 15  PRO A O   1 
ATOM   121  C  CB  . PRO A 1 16  ? 13.861  -3.116  6.163   1.00 17.81 ? 15  PRO A CB  1 
ATOM   122  C  CG  . PRO A 1 16  ? 13.647  -1.628  6.055   1.00 17.60 ? 15  PRO A CG  1 
ATOM   123  C  CD  . PRO A 1 16  ? 13.106  -1.424  4.646   1.00 17.47 ? 15  PRO A CD  1 
ATOM   124  N  N   . HIS A 1 17  ? 14.813  -5.832  4.642   1.00 17.58 ? 16  HIS A N   1 
ATOM   125  C  CA  . HIS A 1 17  ? 14.591  -7.237  4.313   1.00 17.43 ? 16  HIS A CA  1 
ATOM   126  C  C   . HIS A 1 17  ? 13.317  -7.790  4.907   1.00 16.31 ? 16  HIS A C   1 
ATOM   127  O  O   . HIS A 1 17  ? 12.667  -8.680  4.346   1.00 15.26 ? 16  HIS A O   1 
ATOM   128  C  CB  . HIS A 1 17  ? 15.825  -8.043  4.783   1.00 19.82 ? 16  HIS A CB  1 
ATOM   129  C  CG  . HIS A 1 17  ? 15.940  -9.332  4.002   1.00 22.09 ? 16  HIS A CG  1 
ATOM   130  N  ND1 . HIS A 1 17  ? 16.093  -9.363  2.634   1.00 24.04 ? 16  HIS A ND1 1 
ATOM   131  C  CD2 . HIS A 1 17  ? 15.960  -10.611 4.431   1.00 23.33 ? 16  HIS A CD2 1 
ATOM   132  C  CE1 . HIS A 1 17  ? 16.154  -10.638 2.237   1.00 24.19 ? 16  HIS A CE1 1 
ATOM   133  N  NE2 . HIS A 1 17  ? 16.083  -11.396 3.321   1.00 24.15 ? 16  HIS A NE2 1 
ATOM   134  N  N   . ARG A 1 18  ? 12.865  -7.234  6.030   1.00 16.01 ? 17  ARG A N   1 
ATOM   135  C  CA  . ARG A 1 18  ? 11.610  -7.660  6.654   1.00 16.75 ? 17  ARG A CA  1 
ATOM   136  C  C   . ARG A 1 18  ? 10.431  -7.531  5.690   1.00 15.76 ? 17  ARG A C   1 
ATOM   137  O  O   . ARG A 1 18  ? 9.444   -8.244  5.838   1.00 15.74 ? 17  ARG A O   1 
ATOM   138  C  CB  . ARG A 1 18  ? 11.381  -6.677  7.823   1.00 19.18 ? 17  ARG A CB  1 
ATOM   139  C  CG  . ARG A 1 18  ? 10.064  -6.848  8.553   1.00 21.79 ? 17  ARG A CG  1 
ATOM   140  C  CD  . ARG A 1 18  ? 10.087  -8.126  9.367   1.00 24.95 ? 17  ARG A CD  1 
ATOM   141  N  NE  . ARG A 1 18  ? 9.031   -8.092  10.383  1.00 28.58 ? 17  ARG A NE  1 
ATOM   142  C  CZ  . ARG A 1 18  ? 8.704   -9.191  11.068  1.00 29.04 ? 17  ARG A CZ  1 
ATOM   143  N  NH1 . ARG A 1 18  ? 9.317   -10.346 10.834  1.00 28.75 ? 17  ARG A NH1 1 
ATOM   144  N  NH2 . ARG A 1 18  ? 7.732   -9.086  11.952  1.00 29.93 ? 17  ARG A NH2 1 
ATOM   145  N  N   . HIS A 1 19  ? 10.497  -6.597  4.742   1.00 15.33 ? 18  HIS A N   1 
ATOM   146  C  CA  . HIS A 1 19  ? 9.385   -6.312  3.829   1.00 14.73 ? 18  HIS A CA  1 
ATOM   147  C  C   . HIS A 1 19  ? 9.613   -6.821  2.418   1.00 14.65 ? 18  HIS A C   1 
ATOM   148  O  O   . HIS A 1 19  ? 8.787   -6.612  1.519   1.00 15.30 ? 18  HIS A O   1 
ATOM   149  C  CB  . HIS A 1 19  ? 9.152   -4.770  3.820   1.00 14.66 ? 18  HIS A CB  1 
ATOM   150  C  CG  . HIS A 1 19  ? 9.182   -4.263  5.244   1.00 15.28 ? 18  HIS A CG  1 
ATOM   151  N  ND1 . HIS A 1 19  ? 8.250   -4.633  6.194   1.00 14.63 ? 18  HIS A ND1 1 
ATOM   152  C  CD2 . HIS A 1 19  ? 10.082  -3.443  5.848   1.00 15.21 ? 18  HIS A CD2 1 
ATOM   153  C  CE1 . HIS A 1 19  ? 8.582   -4.054  7.343   1.00 16.37 ? 18  HIS A CE1 1 
ATOM   154  N  NE2 . HIS A 1 19  ? 9.685   -3.344  7.161   1.00 15.50 ? 18  HIS A NE2 1 
ATOM   155  N  N   . VAL A 1 20  ? 10.755  -7.477  2.173   1.00 13.70 ? 19  VAL A N   1 
ATOM   156  C  CA  . VAL A 1 20  ? 11.042  -8.091  0.876   1.00 14.19 ? 19  VAL A CA  1 
ATOM   157  C  C   . VAL A 1 20  ? 10.280  -9.401  0.723   1.00 13.91 ? 19  VAL A C   1 
ATOM   158  O  O   . VAL A 1 20  ? 9.934   -10.055 1.722   1.00 15.00 ? 19  VAL A O   1 
ATOM   159  C  CB  . VAL A 1 20  ? 12.568  -8.326  0.769   1.00 14.03 ? 19  VAL A CB  1 
ATOM   160  C  CG1 . VAL A 1 20  ? 12.953  -9.162  -0.448  1.00 14.23 ? 19  VAL A CG1 1 
ATOM   161  C  CG2 . VAL A 1 20  ? 13.249  -6.955  0.713   1.00 15.09 ? 19  VAL A CG2 1 
ATOM   162  N  N   . PHE A 1 21  ? 9.955   -9.793  -0.507  1.00 13.99 ? 20  PHE A N   1 
ATOM   163  C  CA  . PHE A 1 21  ? 9.226   -11.034 -0.767  1.00 14.32 ? 20  PHE A CA  1 
ATOM   164  C  C   . PHE A 1 21  ? 10.006  -12.249 -0.263  1.00 14.66 ? 20  PHE A C   1 
ATOM   165  O  O   . PHE A 1 21  ? 11.235  -12.201 -0.179  1.00 14.58 ? 20  PHE A O   1 
ATOM   166  C  CB  . PHE A 1 21  ? 8.918   -11.167 -2.273  1.00 15.02 ? 20  PHE A CB  1 
ATOM   167  C  CG  . PHE A 1 21  ? 7.939   -12.255 -2.599  1.00 14.83 ? 20  PHE A CG  1 
ATOM   168  C  CD1 . PHE A 1 21  ? 6.708   -12.342 -1.956  1.00 15.21 ? 20  PHE A CD1 1 
ATOM   169  C  CD2 . PHE A 1 21  ? 8.255   -13.209 -3.563  1.00 16.17 ? 20  PHE A CD2 1 
ATOM   170  C  CE1 . PHE A 1 21  ? 5.820   -13.338 -2.254  1.00 15.29 ? 20  PHE A CE1 1 
ATOM   171  C  CE2 . PHE A 1 21  ? 7.359   -14.220 -3.850  1.00 17.29 ? 20  PHE A CE2 1 
ATOM   172  C  CZ  . PHE A 1 21  ? 6.127   -14.290 -3.208  1.00 17.69 ? 20  PHE A CZ  1 
ATOM   173  N  N   . ASN A 1 22  ? 9.263   -13.297 0.093   1.00 14.99 ? 21  ASN A N   1 
ATOM   174  C  CA  . ASN A 1 22  ? 9.875   -14.507 0.646   1.00 14.95 ? 21  ASN A CA  1 
ATOM   175  C  C   . ASN A 1 22  ? 10.141  -15.568 -0.412  1.00 16.01 ? 21  ASN A C   1 
ATOM   176  O  O   . ASN A 1 22  ? 10.617  -16.635 -0.012  1.00 16.71 ? 21  ASN A O   1 
ATOM   177  C  CB  . ASN A 1 22  ? 8.995   -15.058 1.782   1.00 14.92 ? 21  ASN A CB  1 
ATOM   178  C  CG  . ASN A 1 22  ? 7.571   -15.356 1.394   1.00 15.69 ? 21  ASN A CG  1 
ATOM   179  O  OD1 . ASN A 1 22  ? 7.121   -15.006 0.305   1.00 15.25 ? 21  ASN A OD1 1 
ATOM   180  N  ND2 . ASN A 1 22  ? 6.819   -16.010 2.309   1.00 16.23 ? 21  ASN A ND2 1 
ATOM   181  N  N   . GLY A 1 23  ? 9.859   -15.334 -1.691  1.00 16.90 ? 22  GLY A N   1 
ATOM   182  C  CA  . GLY A 1 23  ? 10.135  -16.363 -2.707  1.00 16.73 ? 22  GLY A CA  1 
ATOM   183  C  C   . GLY A 1 23  ? 10.669  -15.698 -3.977  1.00 17.27 ? 22  GLY A C   1 
ATOM   184  O  O   . GLY A 1 23  ? 11.236  -14.615 -3.951  1.00 16.52 ? 22  GLY A O   1 
HETATM 185  N  N   . MSE A 1 24  ? 10.476  -16.350 -5.116  1.00 19.75 ? 23  MSE A N   1 
HETATM 186  C  CA  . MSE A 1 24  ? 10.905  -15.843 -6.413  1.00 22.63 ? 23  MSE A CA  1 
HETATM 187  C  C   . MSE A 1 24  ? 12.393  -15.506 -6.397  1.00 21.06 ? 23  MSE A C   1 
HETATM 188  O  O   . MSE A 1 24  ? 12.878  -14.526 -6.980  1.00 21.53 ? 23  MSE A O   1 
HETATM 189  C  CB  . MSE A 1 24  ? 10.116  -14.622 -6.875  1.00 26.84 ? 23  MSE A CB  1 
HETATM 190  C  CG  A MSE A 1 24  ? 8.716   -14.970 -7.346  0.50 30.95 ? 23  MSE A CG  1 
HETATM 191  C  CG  B MSE A 1 24  ? 8.650   -14.467 -6.797  0.50 28.09 ? 23  MSE A CG  1 
HETATM 192  SE SE  A MSE A 1 24  ? 8.799   -15.812 -9.052  0.50 37.61 ? 23  MSE A SE  1 
HETATM 193  SE SE  B MSE A 1 24  ? 7.354   -15.041 -8.050  0.50 28.06 ? 23  MSE A SE  1 
HETATM 194  C  CE  A MSE A 1 24  ? 9.443   -14.425 -9.963  0.50 34.92 ? 23  MSE A CE  1 
HETATM 195  C  CE  B MSE A 1 24  ? 8.180   -14.435 -9.522  0.50 29.16 ? 23  MSE A CE  1 
ATOM   196  N  N   . GLY A 1 25  ? 13.185  -16.300 -5.664  1.00 18.15 ? 24  GLY A N   1 
ATOM   197  C  CA  . GLY A 1 25  ? 14.612  -16.119 -5.541  1.00 18.65 ? 24  GLY A CA  1 
ATOM   198  C  C   . GLY A 1 25  ? 15.078  -15.284 -4.366  1.00 18.50 ? 24  GLY A C   1 
ATOM   199  O  O   . GLY A 1 25  ? 16.285  -15.148 -4.131  1.00 19.14 ? 24  GLY A O   1 
ATOM   200  N  N   . TYR A 1 26  ? 14.125  -14.688 -3.637  1.00 16.29 ? 25  TYR A N   1 
ATOM   201  C  CA  . TYR A 1 26  ? 14.421  -13.871 -2.479  1.00 16.14 ? 25  TYR A CA  1 
ATOM   202  C  C   . TYR A 1 26  ? 14.001  -14.604 -1.190  1.00 16.10 ? 25  TYR A C   1 
ATOM   203  O  O   . TYR A 1 26  ? 13.338  -15.642 -1.279  1.00 17.35 ? 25  TYR A O   1 
ATOM   204  C  CB  . TYR A 1 26  ? 13.709  -12.506 -2.505  1.00 16.23 ? 25  TYR A CB  1 
ATOM   205  C  CG  . TYR A 1 26  ? 14.279  -11.605 -3.593  1.00 15.29 ? 25  TYR A CG  1 
ATOM   206  C  CD1 . TYR A 1 26  ? 13.747  -11.681 -4.872  1.00 16.42 ? 25  TYR A CD1 1 
ATOM   207  C  CD2 . TYR A 1 26  ? 15.329  -10.741 -3.342  1.00 17.24 ? 25  TYR A CD2 1 
ATOM   208  C  CE1 . TYR A 1 26  ? 14.259  -10.880 -5.899  1.00 16.67 ? 25  TYR A CE1 1 
ATOM   209  C  CE2 . TYR A 1 26  ? 15.847  -9.932  -4.347  1.00 17.57 ? 25  TYR A CE2 1 
ATOM   210  C  CZ  . TYR A 1 26  ? 15.289  -10.018 -5.609  1.00 18.01 ? 25  TYR A CZ  1 
ATOM   211  O  OH  . TYR A 1 26  ? 15.797  -9.208  -6.613  1.00 19.40 ? 25  TYR A OH  1 
ATOM   212  N  N   . ASP A 1 27  ? 14.468  -14.091 -0.058  1.00 15.34 ? 26  ASP A N   1 
ATOM   213  C  CA  . ASP A 1 27  ? 14.129  -14.744 1.211   1.00 16.24 ? 26  ASP A CA  1 
ATOM   214  C  C   . ASP A 1 27  ? 13.790  -13.738 2.296   1.00 16.14 ? 26  ASP A C   1 
ATOM   215  O  O   . ASP A 1 27  ? 14.120  -13.927 3.475   1.00 15.63 ? 26  ASP A O   1 
ATOM   216  C  CB  . ASP A 1 27  ? 15.249  -15.693 1.671   1.00 17.31 ? 26  ASP A CB  1 
ATOM   217  C  CG  . ASP A 1 27  ? 16.591  -15.034 1.861   1.00 19.05 ? 26  ASP A CG  1 
ATOM   218  O  OD1 . ASP A 1 27  ? 16.745  -13.800 1.811   1.00 19.33 ? 26  ASP A OD1 1 
ATOM   219  O  OD2 . ASP A 1 27  ? 17.599  -15.757 2.070   1.00 18.54 ? 26  ASP A OD2 1 
ATOM   220  N  N   . GLY A 1 28  ? 13.178  -12.621 1.902   1.00 14.34 ? 27  GLY A N   1 
ATOM   221  C  CA  . GLY A 1 28  ? 12.670  -11.620 2.827   1.00 14.74 ? 27  GLY A CA  1 
ATOM   222  C  C   . GLY A 1 28  ? 11.542  -12.209 3.674   1.00 15.19 ? 27  GLY A C   1 
ATOM   223  O  O   . GLY A 1 28  ? 10.958  -13.259 3.395   1.00 15.05 ? 27  GLY A O   1 
ATOM   224  N  N   . ASP A 1 29  ? 11.155  -11.473 4.732   1.00 14.60 ? 28  ASP A N   1 
ATOM   225  C  CA  . ASP A 1 29  ? 10.110  -11.942 5.623   1.00 15.52 ? 28  ASP A CA  1 
ATOM   226  C  C   . ASP A 1 29  ? 8.698   -11.721 5.059   1.00 14.88 ? 28  ASP A C   1 
ATOM   227  O  O   . ASP A 1 29  ? 7.748   -12.310 5.577   1.00 14.78 ? 28  ASP A O   1 
ATOM   228  C  CB  . ASP A 1 29  ? 10.232  -11.249 6.977   1.00 17.79 ? 28  ASP A CB  1 
ATOM   229  C  CG  . ASP A 1 29  ? 11.501  -11.599 7.738   1.00 22.19 ? 28  ASP A CG  1 
ATOM   230  O  OD1 . ASP A 1 29  ? 12.026  -12.716 7.599   1.00 21.82 ? 28  ASP A OD1 1 
ATOM   231  O  OD2 . ASP A 1 29  ? 11.931  -10.726 8.521   1.00 26.47 ? 28  ASP A OD2 1 
ATOM   232  N  N   . ASN A 1 30  ? 8.556   -10.894 4.032   1.00 13.05 ? 29  ASN A N   1 
ATOM   233  C  CA  . ASN A 1 30  ? 7.264   -10.678 3.368   1.00 14.25 ? 29  ASN A CA  1 
ATOM   234  C  C   . ASN A 1 30  ? 6.209   -10.096 4.295   1.00 14.23 ? 29  ASN A C   1 
ATOM   235  O  O   . ASN A 1 30  ? 5.026   -10.405 4.126   1.00 15.24 ? 29  ASN A O   1 
ATOM   236  C  CB  . ASN A 1 30  ? 6.752   -11.971 2.695   1.00 14.42 ? 29  ASN A CB  1 
ATOM   237  C  CG  . ASN A 1 30  ? 5.766   -11.661 1.572   1.00 15.06 ? 29  ASN A CG  1 
ATOM   238  O  OD1 . ASN A 1 30  ? 5.966   -10.649 0.894   1.00 15.80 ? 29  ASN A OD1 1 
ATOM   239  N  ND2 . ASN A 1 30  ? 4.725   -12.462 1.382   1.00 15.31 ? 29  ASN A ND2 1 
ATOM   240  N  N   . ILE A 1 31  ? 6.634   -9.207  5.182   1.00 14.64 ? 30  ILE A N   1 
ATOM   241  C  CA  . ILE A 1 31  ? 5.696   -8.588  6.137   1.00 14.67 ? 30  ILE A CA  1 
ATOM   242  C  C   . ILE A 1 31  ? 5.418   -7.144  5.761   1.00 13.65 ? 30  ILE A C   1 
ATOM   243  O  O   . ILE A 1 31  ? 6.341   -6.369  5.460   1.00 14.37 ? 30  ILE A O   1 
ATOM   244  C  CB  . ILE A 1 31  ? 6.269   -8.678  7.563   1.00 14.50 ? 30  ILE A CB  1 
ATOM   245  C  CG1 . ILE A 1 31  ? 6.471   -10.147 7.973   1.00 16.60 ? 30  ILE A CG1 1 
ATOM   246  C  CG2 . ILE A 1 31  ? 5.350   -7.988  8.568   1.00 16.25 ? 30  ILE A CG2 1 
ATOM   247  C  CD1 . ILE A 1 31  ? 5.209   -10.967 8.019   1.00 16.92 ? 30  ILE A CD1 1 
ATOM   248  N  N   . SER A 1 32  ? 4.128   -6.742  5.732   1.00 14.48 ? 31  SER A N   1 
ATOM   249  C  CA  . SER A 1 32  ? 3.845   -5.342  5.366   1.00 13.28 ? 31  SER A CA  1 
ATOM   250  C  C   . SER A 1 32  ? 4.436   -4.402  6.402   1.00 14.12 ? 31  SER A C   1 
ATOM   251  O  O   . SER A 1 32  ? 4.373   -4.682  7.613   1.00 14.45 ? 31  SER A O   1 
ATOM   252  C  CB  . SER A 1 32  ? 2.329   -5.154  5.196   1.00 13.77 ? 31  SER A CB  1 
ATOM   253  O  OG  . SER A 1 32  ? 1.640   -5.299  6.449   1.00 13.04 ? 31  SER A OG  1 
ATOM   254  N  N   . PRO A 1 33  ? 4.961   -3.258  5.989   1.00 14.23 ? 32  PRO A N   1 
ATOM   255  C  CA  . PRO A 1 33  ? 5.551   -2.320  6.941   1.00 14.34 ? 32  PRO A CA  1 
ATOM   256  C  C   . PRO A 1 33  ? 4.499   -1.515  7.703   1.00 14.89 ? 32  PRO A C   1 
ATOM   257  O  O   . PRO A 1 33  ? 3.411   -1.196  7.198   1.00 15.09 ? 32  PRO A O   1 
ATOM   258  C  CB  . PRO A 1 33  ? 6.357   -1.366  6.066   1.00 15.02 ? 32  PRO A CB  1 
ATOM   259  C  CG  . PRO A 1 33  ? 5.610   -1.355  4.754   1.00 15.08 ? 32  PRO A CG  1 
ATOM   260  C  CD  . PRO A 1 33  ? 5.110   -2.775  4.599   1.00 14.11 ? 32  PRO A CD  1 
ATOM   261  N  N   . HIS A 1 34  ? 4.874   -1.141  8.918   1.00 14.93 ? 33  HIS A N   1 
ATOM   262  C  CA  . HIS A 1 34  ? 4.084   -0.149  9.672   1.00 14.68 ? 33  HIS A CA  1 
ATOM   263  C  C   . HIS A 1 34  ? 3.989   1.136   8.861   1.00 15.08 ? 33  HIS A C   1 
ATOM   264  O  O   . HIS A 1 34  ? 4.920   1.588   8.189   1.00 14.54 ? 33  HIS A O   1 
ATOM   265  C  CB  . HIS A 1 34  ? 4.786   0.144   11.008  1.00 15.06 ? 33  HIS A CB  1 
ATOM   266  C  CG  . HIS A 1 34  ? 4.317   1.377   11.730  1.00 14.76 ? 33  HIS A CG  1 
ATOM   267  N  ND1 . HIS A 1 34  ? 4.849   2.627   11.528  1.00 14.93 ? 33  HIS A ND1 1 
ATOM   268  C  CD2 . HIS A 1 34  ? 3.334   1.501   12.669  1.00 14.38 ? 33  HIS A CD2 1 
ATOM   269  C  CE1 . HIS A 1 34  ? 4.200   3.492   12.323  1.00 14.95 ? 33  HIS A CE1 1 
ATOM   270  N  NE2 . HIS A 1 34  ? 3.302   2.830   13.028  1.00 14.65 ? 33  HIS A NE2 1 
ATOM   271  N  N   . LEU A 1 35  ? 2.817   1.771   8.898   1.00 14.50 ? 34  LEU A N   1 
ATOM   272  C  CA  . LEU A 1 35  ? 2.556   3.054   8.244   1.00 14.18 ? 34  LEU A CA  1 
ATOM   273  C  C   . LEU A 1 35  ? 1.692   3.910   9.174   1.00 14.50 ? 34  LEU A C   1 
ATOM   274  O  O   . LEU A 1 35  ? 0.788   3.355   9.817   1.00 16.54 ? 34  LEU A O   1 
ATOM   275  C  CB  . LEU A 1 35  ? 1.809   2.883   6.906   1.00 14.37 ? 34  LEU A CB  1 
ATOM   276  C  CG  . LEU A 1 35  ? 2.597   2.160   5.799   1.00 14.77 ? 34  LEU A CG  1 
ATOM   277  C  CD1 . LEU A 1 35  ? 1.684   1.841   4.621   1.00 16.01 ? 34  LEU A CD1 1 
ATOM   278  C  CD2 . LEU A 1 35  ? 3.765   3.002   5.310   1.00 15.14 ? 34  LEU A CD2 1 
ATOM   279  N  N   . ALA A 1 36  ? 1.968   5.213   9.268   1.00 14.84 ? 35  ALA A N   1 
ATOM   280  C  CA  . ALA A 1 36  ? 1.166   6.050   10.170  1.00 15.74 ? 35  ALA A CA  1 
ATOM   281  C  C   . ALA A 1 36  ? 1.009   7.437   9.546   1.00 16.30 ? 35  ALA A C   1 
ATOM   282  O  O   . ALA A 1 36  ? 1.923   7.922   8.875   1.00 16.75 ? 35  ALA A O   1 
ATOM   283  C  CB  . ALA A 1 36  ? 1.787   6.133   11.551  1.00 16.53 ? 35  ALA A CB  1 
ATOM   284  N  N   . TRP A 1 37  ? -0.174  8.035   9.710   1.00 15.82 ? 36  TRP A N   1 
ATOM   285  C  CA  . TRP A 1 37  ? -0.353  9.349   9.072   1.00 16.31 ? 36  TRP A CA  1 
ATOM   286  C  C   . TRP A 1 37  ? -1.032  10.349  9.997   1.00 16.71 ? 36  TRP A C   1 
ATOM   287  O  O   . TRP A 1 37  ? -1.557  10.009  11.059  1.00 17.83 ? 36  TRP A O   1 
ATOM   288  C  CB  . TRP A 1 37  ? -1.084  9.219   7.734   1.00 16.38 ? 36  TRP A CB  1 
ATOM   289  C  CG  . TRP A 1 37  ? -2.356  8.444   7.719   1.00 17.20 ? 36  TRP A CG  1 
ATOM   290  C  CD1 . TRP A 1 37  ? -3.623  8.973   7.793   1.00 16.74 ? 36  TRP A CD1 1 
ATOM   291  C  CD2 . TRP A 1 37  ? -2.530  7.028   7.600   1.00 16.82 ? 36  TRP A CD2 1 
ATOM   292  N  NE1 . TRP A 1 37  ? -4.550  7.968   7.733   1.00 16.86 ? 36  TRP A NE1 1 
ATOM   293  C  CE2 . TRP A 1 37  ? -3.902  6.757   7.615   1.00 17.14 ? 36  TRP A CE2 1 
ATOM   294  C  CE3 . TRP A 1 37  ? -1.629  5.950   7.491   1.00 16.08 ? 36  TRP A CE3 1 
ATOM   295  C  CZ2 . TRP A 1 37  ? -4.440  5.475   7.518   1.00 16.49 ? 36  TRP A CZ2 1 
ATOM   296  C  CZ3 . TRP A 1 37  ? -2.167  4.676   7.398   1.00 16.83 ? 36  TRP A CZ3 1 
ATOM   297  C  CH2 . TRP A 1 37  ? -3.547  4.426   7.407   1.00 17.25 ? 36  TRP A CH2 1 
ATOM   298  N  N   . ASP A 1 38  ? -0.954  11.606  9.564   1.00 17.67 ? 37  ASP A N   1 
ATOM   299  C  CA  . ASP A 1 38  ? -1.423  12.709  10.415  1.00 19.11 ? 37  ASP A CA  1 
ATOM   300  C  C   . ASP A 1 38  ? -1.834  13.914  9.578   1.00 19.70 ? 37  ASP A C   1 
ATOM   301  O  O   . ASP A 1 38  ? -1.419  14.009  8.424   1.00 19.67 ? 37  ASP A O   1 
ATOM   302  C  CB  . ASP A 1 38  ? -0.234  13.123  11.306  1.00 21.70 ? 37  ASP A CB  1 
ATOM   303  C  CG  . ASP A 1 38  ? -0.660  14.048  12.433  1.00 24.44 ? 37  ASP A CG  1 
ATOM   304  O  OD1 . ASP A 1 38  ? -1.556  13.672  13.206  1.00 26.26 ? 37  ASP A OD1 1 
ATOM   305  O  OD2 . ASP A 1 38  ? -0.085  15.150  12.528  1.00 26.32 ? 37  ASP A OD2 1 
ATOM   306  N  N   . ASP A 1 39  ? -2.622  14.787  10.184  1.00 20.35 ? 38  ASP A N   1 
ATOM   307  C  CA  . ASP A 1 39  ? -3.019  16.043  9.559   1.00 21.64 ? 38  ASP A CA  1 
ATOM   308  C  C   . ASP A 1 39  ? -3.803  15.799  8.277   1.00 21.37 ? 38  ASP A C   1 
ATOM   309  O  O   . ASP A 1 39  ? -3.414  16.244  7.199   1.00 21.39 ? 38  ASP A O   1 
ATOM   310  C  CB  . ASP A 1 39  ? -1.797  16.924  9.284   1.00 24.00 ? 38  ASP A CB  1 
ATOM   311  C  CG  . ASP A 1 39  ? -2.150  18.400  9.216   1.00 27.29 ? 38  ASP A CG  1 
ATOM   312  O  OD1 . ASP A 1 39  ? -3.280  18.792  9.572   1.00 26.96 ? 38  ASP A OD1 1 
ATOM   313  O  OD2 . ASP A 1 39  ? -1.265  19.160  8.770   1.00 29.11 ? 38  ASP A OD2 1 
ATOM   314  N  N   . VAL A 1 40  ? -4.915  15.094  8.429   1.00 22.11 ? 39  VAL A N   1 
ATOM   315  C  CA  . VAL A 1 40  ? -5.727  14.732  7.263   1.00 22.73 ? 39  VAL A CA  1 
ATOM   316  C  C   . VAL A 1 40  ? -6.668  15.868  6.900   1.00 23.06 ? 39  VAL A C   1 
ATOM   317  O  O   . VAL A 1 40  ? -7.039  16.671  7.750   1.00 22.39 ? 39  VAL A O   1 
ATOM   318  C  CB  . VAL A 1 40  ? -6.482  13.424  7.545   1.00 23.24 ? 39  VAL A CB  1 
ATOM   319  C  CG1 . VAL A 1 40  ? -5.544  12.398  8.203   1.00 24.07 ? 39  VAL A CG1 1 
ATOM   320  C  CG2 . VAL A 1 40  ? -7.700  13.581  8.436   1.00 24.72 ? 39  VAL A CG2 1 
ATOM   321  N  N   . PRO A 1 41  ? -7.073  15.926  5.640   1.00 23.09 ? 40  PRO A N   1 
ATOM   322  C  CA  . PRO A 1 41  ? -7.959  16.979  5.183   1.00 24.10 ? 40  PRO A CA  1 
ATOM   323  C  C   . PRO A 1 41  ? -9.334  16.907  5.802   1.00 24.77 ? 40  PRO A C   1 
ATOM   324  O  O   . PRO A 1 41  ? -9.892  15.865  6.140   1.00 23.77 ? 40  PRO A O   1 
ATOM   325  C  CB  . PRO A 1 41  ? -8.044  16.820  3.673   1.00 25.55 ? 40  PRO A CB  1 
ATOM   326  C  CG  . PRO A 1 41  ? -7.256  15.629  3.306   1.00 24.08 ? 40  PRO A CG  1 
ATOM   327  C  CD  . PRO A 1 41  ? -6.667  15.029  4.540   1.00 23.36 ? 40  PRO A CD  1 
ATOM   328  N  N   . ALA A 1 42  ? -9.910  18.120  5.967   1.00 25.36 ? 41  ALA A N   1 
ATOM   329  C  CA  . ALA A 1 42  ? -11.280 18.179  6.465   1.00 27.26 ? 41  ALA A CA  1 
ATOM   330  C  C   . ALA A 1 42  ? -12.115 17.555  5.337   1.00 26.37 ? 41  ALA A C   1 
ATOM   331  O  O   . ALA A 1 42  ? -11.784 17.711  4.154   1.00 28.43 ? 41  ALA A O   1 
ATOM   332  C  CB  . ALA A 1 42  ? -11.700 19.610  6.745   1.00 28.55 ? 41  ALA A CB  1 
ATOM   333  N  N   . GLY A 1 43  ? -13.128 16.802  5.710   1.00 26.01 ? 42  GLY A N   1 
ATOM   334  C  CA  . GLY A 1 43  ? -13.974 16.173  4.693   1.00 24.58 ? 42  GLY A CA  1 
ATOM   335  C  C   . GLY A 1 43  ? -13.532 14.730  4.435   1.00 22.42 ? 42  GLY A C   1 
ATOM   336  O  O   . GLY A 1 43  ? -14.244 14.038  3.714   1.00 21.25 ? 42  GLY A O   1 
ATOM   337  N  N   . THR A 1 44  ? -12.417 14.326  5.047   1.00 21.62 ? 43  THR A N   1 
ATOM   338  C  CA  . THR A 1 44  ? -11.987 12.933  4.853   1.00 20.54 ? 43  THR A CA  1 
ATOM   339  C  C   . THR A 1 44  ? -13.025 11.979  5.388   1.00 20.42 ? 43  THR A C   1 
ATOM   340  O  O   . THR A 1 44  ? -13.460 12.059  6.543   1.00 22.54 ? 43  THR A O   1 
ATOM   341  C  CB  . THR A 1 44  ? -10.620 12.675  5.536   1.00 18.99 ? 43  THR A CB  1 
ATOM   342  O  OG1 . THR A 1 44  ? -9.630  13.476  4.889   1.00 18.75 ? 43  THR A OG1 1 
ATOM   343  C  CG2 . THR A 1 44  ? -10.274 11.197  5.395   1.00 19.68 ? 43  THR A CG2 1 
ATOM   344  N  N   . LYS A 1 45  ? -13.431 10.992  4.582   1.00 20.10 ? 44  LYS A N   1 
ATOM   345  C  CA  . LYS A 1 45  ? -14.407 9.995   4.975   1.00 20.93 ? 44  LYS A CA  1 
ATOM   346  C  C   . LYS A 1 45  ? -13.873 8.565   4.946   1.00 19.05 ? 44  LYS A C   1 
ATOM   347  O  O   . LYS A 1 45  ? -14.485 7.678   5.541   1.00 18.54 ? 44  LYS A O   1 
ATOM   348  C  CB  . LYS A 1 45  ? -15.672 10.155  4.122   1.00 23.27 ? 44  LYS A CB  1 
ATOM   349  C  CG  . LYS A 1 45  ? -16.478 11.412  4.460   1.00 27.16 ? 44  LYS A CG  1 
ATOM   350  C  CD  . LYS A 1 45  ? -17.819 11.384  3.721   1.00 30.45 ? 44  LYS A CD  1 
ATOM   351  C  CE  . LYS A 1 45  ? -18.625 12.641  4.052   1.00 32.78 ? 44  LYS A CE  1 
ATOM   352  N  NZ  . LYS A 1 45  ? -19.974 12.577  3.402   1.00 35.32 ? 44  LYS A NZ  1 
ATOM   353  N  N   . SER A 1 46  ? -12.727 8.354   4.295   1.00 18.27 ? 45  SER A N   1 
ATOM   354  C  CA  . SER A 1 46  ? -12.109 7.012   4.317   1.00 17.36 ? 45  SER A CA  1 
ATOM   355  C  C   . SER A 1 46  ? -10.689 7.146   3.749   1.00 16.80 ? 45  SER A C   1 
ATOM   356  O  O   . SER A 1 46  ? -10.337 8.216   3.254   1.00 17.84 ? 45  SER A O   1 
ATOM   357  C  CB  . SER A 1 46  ? -12.833 5.968   3.465   1.00 17.56 ? 45  SER A CB  1 
ATOM   358  O  OG  . SER A 1 46  ? -12.705 6.298   2.089   1.00 16.91 ? 45  SER A OG  1 
ATOM   359  N  N   . PHE A 1 47  ? -9.893  6.071   3.870   1.00 16.20 ? 46  PHE A N   1 
ATOM   360  C  CA  . PHE A 1 47  ? -8.555  6.090   3.305   1.00 15.74 ? 46  PHE A CA  1 
ATOM   361  C  C   . PHE A 1 47  ? -8.329  4.827   2.451   1.00 14.40 ? 46  PHE A C   1 
ATOM   362  O  O   . PHE A 1 47  ? -8.941  3.800   2.713   1.00 15.76 ? 46  PHE A O   1 
ATOM   363  C  CB  . PHE A 1 47  ? -7.448  6.064   4.380   1.00 15.43 ? 46  PHE A CB  1 
ATOM   364  C  CG  . PHE A 1 47  ? -7.501  7.255   5.322   1.00 14.93 ? 46  PHE A CG  1 
ATOM   365  C  CD1 . PHE A 1 47  ? -8.266  7.154   6.472   1.00 15.35 ? 46  PHE A CD1 1 
ATOM   366  C  CD2 . PHE A 1 47  ? -6.825  8.416   5.019   1.00 15.33 ? 46  PHE A CD2 1 
ATOM   367  C  CE1 . PHE A 1 47  ? -8.335  8.246   7.336   1.00 13.58 ? 46  PHE A CE1 1 
ATOM   368  C  CE2 . PHE A 1 47  ? -6.885  9.520   5.881   1.00 13.86 ? 46  PHE A CE2 1 
ATOM   369  C  CZ  . PHE A 1 47  ? -7.649  9.403   7.020   1.00 14.44 ? 46  PHE A CZ  1 
ATOM   370  N  N   . VAL A 1 48  ? -7.432  4.987   1.493   1.00 14.57 ? 47  VAL A N   1 
ATOM   371  C  CA  . VAL A 1 48  ? -6.917  3.888   0.661   1.00 14.54 ? 47  VAL A CA  1 
ATOM   372  C  C   . VAL A 1 48  ? -5.396  3.886   0.842   1.00 14.55 ? 47  VAL A C   1 
ATOM   373  O  O   . VAL A 1 48  ? -4.778  4.944   0.835   1.00 15.70 ? 47  VAL A O   1 
ATOM   374  C  CB  . VAL A 1 48  ? -7.260  4.055   -0.824  1.00 15.47 ? 47  VAL A CB  1 
ATOM   375  C  CG1 . VAL A 1 48  ? -6.508  3.083   -1.737  1.00 15.16 ? 47  VAL A CG1 1 
ATOM   376  C  CG2 . VAL A 1 48  ? -8.765  3.782   -1.026  1.00 15.08 ? 47  VAL A CG2 1 
ATOM   377  N  N   . VAL A 1 49  ? -4.807  2.721   1.036   1.00 13.91 ? 48  VAL A N   1 
ATOM   378  C  CA  . VAL A 1 49  ? -3.358  2.586   1.165   1.00 13.84 ? 48  VAL A CA  1 
ATOM   379  C  C   . VAL A 1 49  ? -2.886  1.621   0.084   1.00 14.83 ? 48  VAL A C   1 
ATOM   380  O  O   . VAL A 1 49  ? -3.486  0.557   -0.112  1.00 15.03 ? 48  VAL A O   1 
ATOM   381  C  CB  . VAL A 1 49  ? -2.911  2.065   2.540   1.00 13.89 ? 48  VAL A CB  1 
ATOM   382  C  CG1 . VAL A 1 49  ? -1.407  1.748   2.572   1.00 14.66 ? 48  VAL A CG1 1 
ATOM   383  C  CG2 . VAL A 1 49  ? -3.208  3.101   3.620   1.00 14.91 ? 48  VAL A CG2 1 
ATOM   384  N  N   . THR A 1 50  ? -1.785  1.972   -0.587  1.00 13.90 ? 49  THR A N   1 
ATOM   385  C  CA  . THR A 1 50  ? -1.255  1.067   -1.609  1.00 14.13 ? 49  THR A CA  1 
ATOM   386  C  C   . THR A 1 50  ? 0.278   1.015   -1.591  1.00 14.21 ? 49  THR A C   1 
ATOM   387  O  O   . THR A 1 50  ? 0.948   1.902   -1.066  1.00 15.20 ? 49  THR A O   1 
ATOM   388  C  CB  . THR A 1 50  ? -1.595  1.530   -3.046  1.00 15.11 ? 49  THR A CB  1 
ATOM   389  O  OG1 . THR A 1 50  ? -0.997  2.817   -3.273  1.00 15.76 ? 49  THR A OG1 1 
ATOM   390  C  CG2 . THR A 1 50  ? -3.089  1.630   -3.341  1.00 15.34 ? 49  THR A CG2 1 
ATOM   391  N  N   . CYS A 1 51  ? 0.786   -0.038  -2.228  1.00 13.46 ? 50  CYS A N   1 
ATOM   392  C  CA  . CYS A 1 51  ? 2.218   -0.216  -2.458  1.00 13.69 ? 50  CYS A CA  1 
ATOM   393  C  C   . CYS A 1 51  ? 2.325   -0.465  -3.974  1.00 14.74 ? 50  CYS A C   1 
ATOM   394  O  O   . CYS A 1 51  ? 1.708   -1.426  -4.448  1.00 15.06 ? 50  CYS A O   1 
ATOM   395  C  CB  . CYS A 1 51  ? 2.848   -1.348  -1.662  1.00 12.97 ? 50  CYS A CB  1 
ATOM   396  S  SG  . CYS A 1 51  ? 4.613   -1.577  -2.135  1.00 14.95 ? 50  CYS A SG  1 
ATOM   397  N  N   . TYR A 1 52  ? 3.043   0.390   -4.690  1.00 15.01 ? 51  TYR A N   1 
ATOM   398  C  CA  . TYR A 1 52  ? 3.175   0.257   -6.143  1.00 14.48 ? 51  TYR A CA  1 
ATOM   399  C  C   . TYR A 1 52  ? 4.627   0.412   -6.579  1.00 15.26 ? 51  TYR A C   1 
ATOM   400  O  O   . TYR A 1 52  ? 5.357   1.268   -6.072  1.00 15.65 ? 51  TYR A O   1 
ATOM   401  C  CB  . TYR A 1 52  ? 2.328   1.391   -6.778  1.00 15.80 ? 51  TYR A CB  1 
ATOM   402  C  CG  . TYR A 1 52  ? 2.307   1.415   -8.296  1.00 15.57 ? 51  TYR A CG  1 
ATOM   403  C  CD1 . TYR A 1 52  ? 1.632   0.410   -8.982  1.00 15.37 ? 51  TYR A CD1 1 
ATOM   404  C  CD2 . TYR A 1 52  ? 2.910   2.441   -9.014  1.00 16.18 ? 51  TYR A CD2 1 
ATOM   405  C  CE1 . TYR A 1 52  ? 1.583   0.392   -10.372 1.00 15.65 ? 51  TYR A CE1 1 
ATOM   406  C  CE2 . TYR A 1 52  ? 2.857   2.450   -10.398 1.00 17.20 ? 51  TYR A CE2 1 
ATOM   407  C  CZ  . TYR A 1 52  ? 2.198   1.422   -11.060 1.00 16.84 ? 51  TYR A CZ  1 
ATOM   408  O  OH  . TYR A 1 52  ? 2.173   1.461   -12.439 1.00 17.86 ? 51  TYR A OH  1 
ATOM   409  N  N   . ASP A 1 53  ? 5.039   -0.386  -7.540  1.00 15.07 ? 52  ASP A N   1 
ATOM   410  C  CA  . ASP A 1 53  ? 6.375   -0.323  -8.137  1.00 15.96 ? 52  ASP A CA  1 
ATOM   411  C  C   . ASP A 1 53  ? 6.184   0.196   -9.559  1.00 15.55 ? 52  ASP A C   1 
ATOM   412  O  O   . ASP A 1 53  ? 5.812   -0.576  -10.450 1.00 15.39 ? 52  ASP A O   1 
ATOM   413  C  CB  . ASP A 1 53  ? 6.980   -1.738  -8.160  1.00 15.60 ? 52  ASP A CB  1 
ATOM   414  C  CG  . ASP A 1 53  ? 8.280   -1.829  -8.950  1.00 16.80 ? 52  ASP A CG  1 
ATOM   415  O  OD1 . ASP A 1 53  ? 8.754   -0.769  -9.414  1.00 17.48 ? 52  ASP A OD1 1 
ATOM   416  O  OD2 . ASP A 1 53  ? 8.793   -2.964  -9.081  1.00 16.33 ? 52  ASP A OD2 1 
ATOM   417  N  N   . PRO A 1 54  ? 6.471   1.463   -9.807  1.00 17.47 ? 53  PRO A N   1 
ATOM   418  C  CA  . PRO A 1 54  ? 6.334   2.038   -11.144 1.00 17.75 ? 53  PRO A CA  1 
ATOM   419  C  C   . PRO A 1 54  ? 7.392   1.545   -12.104 1.00 18.92 ? 53  PRO A C   1 
ATOM   420  O  O   . PRO A 1 54  ? 7.282   1.757   -13.325 1.00 20.53 ? 53  PRO A O   1 
ATOM   421  C  CB  . PRO A 1 54  ? 6.466   3.548   -10.901 1.00 18.39 ? 53  PRO A CB  1 
ATOM   422  C  CG  . PRO A 1 54  ? 7.433   3.605   -9.751  1.00 17.91 ? 53  PRO A CG  1 
ATOM   423  C  CD  . PRO A 1 54  ? 6.969   2.477   -8.842  1.00 17.20 ? 53  PRO A CD  1 
ATOM   424  N  N   . ASP A 1 55  ? 8.448   0.913   -11.608 1.00 17.71 ? 54  ASP A N   1 
ATOM   425  C  CA  . ASP A 1 55  ? 9.566   0.472   -12.426 1.00 18.25 ? 54  ASP A CA  1 
ATOM   426  C  C   . ASP A 1 55  ? 9.496   -0.968  -12.891 1.00 18.98 ? 54  ASP A C   1 
ATOM   427  O  O   . ASP A 1 55  ? 10.380  -1.414  -13.645 1.00 19.85 ? 54  ASP A O   1 
ATOM   428  C  CB  . ASP A 1 55  ? 10.843  0.702   -11.583 1.00 19.13 ? 54  ASP A CB  1 
ATOM   429  C  CG  . ASP A 1 55  ? 11.068  2.154   -11.248 1.00 20.59 ? 54  ASP A CG  1 
ATOM   430  O  OD1 . ASP A 1 55  ? 10.969  3.022   -12.160 1.00 21.84 ? 54  ASP A OD1 1 
ATOM   431  O  OD2 . ASP A 1 55  ? 11.352  2.504   -10.082 1.00 21.29 ? 54  ASP A OD2 1 
ATOM   432  N  N   . ALA A 1 56  ? 8.520   -1.757  -12.474 1.00 17.93 ? 55  ALA A N   1 
ATOM   433  C  CA  . ALA A 1 56  ? 8.401   -3.150  -12.916 1.00 17.99 ? 55  ALA A CA  1 
ATOM   434  C  C   . ALA A 1 56  ? 8.152   -3.133  -14.419 1.00 18.52 ? 55  ALA A C   1 
ATOM   435  O  O   . ALA A 1 56  ? 7.259   -2.446  -14.900 1.00 18.61 ? 55  ALA A O   1 
ATOM   436  C  CB  . ALA A 1 56  ? 7.232   -3.810  -12.190 1.00 18.21 ? 55  ALA A CB  1 
ATOM   437  N  N   . PRO A 1 57  ? 8.908   -3.924  -15.177 1.00 20.73 ? 56  PRO A N   1 
ATOM   438  C  CA  . PRO A 1 57  ? 8.853   -3.902  -16.637 1.00 22.10 ? 56  PRO A CA  1 
ATOM   439  C  C   . PRO A 1 57  ? 7.713   -4.763  -17.147 1.00 21.66 ? 56  PRO A C   1 
ATOM   440  O  O   . PRO A 1 57  ? 7.900   -5.854  -17.678 1.00 24.67 ? 56  PRO A O   1 
ATOM   441  C  CB  . PRO A 1 57  ? 10.228  -4.465  -16.992 1.00 22.78 ? 56  PRO A CB  1 
ATOM   442  C  CG  . PRO A 1 57  ? 10.516  -5.464  -15.915 1.00 22.22 ? 56  PRO A CG  1 
ATOM   443  C  CD  . PRO A 1 57  ? 9.988   -4.792  -14.657 1.00 21.04 ? 56  PRO A CD  1 
ATOM   444  N  N   . THR A 1 58  ? 6.484   -4.296  -16.941 1.00 19.24 ? 57  THR A N   1 
ATOM   445  C  CA  . THR A 1 58  ? 5.296   -5.025  -17.328 1.00 17.84 ? 57  THR A CA  1 
ATOM   446  C  C   . THR A 1 58  ? 4.414   -4.236  -18.287 1.00 18.25 ? 57  THR A C   1 
ATOM   447  O  O   . THR A 1 58  ? 3.475   -4.823  -18.804 1.00 19.60 ? 57  THR A O   1 
ATOM   448  C  CB  . THR A 1 58  ? 4.401   -5.258  -16.077 1.00 16.78 ? 57  THR A CB  1 
ATOM   449  O  OG1 . THR A 1 58  ? 4.013   -3.959  -15.599 1.00 17.06 ? 57  THR A OG1 1 
ATOM   450  C  CG2 . THR A 1 58  ? 5.164   -5.996  -14.983 1.00 18.09 ? 57  THR A CG2 1 
ATOM   451  N  N   . GLY A 1 59  ? 4.678   -2.946  -18.411 1.00 19.08 ? 58  GLY A N   1 
ATOM   452  C  CA  . GLY A 1 59  ? 3.811   -2.099  -19.228 1.00 20.33 ? 58  GLY A CA  1 
ATOM   453  C  C   . GLY A 1 59  ? 2.865   -1.308  -18.321 1.00 20.27 ? 58  GLY A C   1 
ATOM   454  O  O   . GLY A 1 59  ? 2.266   -0.318  -18.775 1.00 20.06 ? 58  GLY A O   1 
ATOM   455  N  N   . SER A 1 60  ? 2.688   -1.733  -17.068 1.00 18.87 ? 59  SER A N   1 
ATOM   456  C  CA  . SER A 1 60  ? 1.796   -1.006  -16.164 1.00 17.91 ? 59  SER A CA  1 
ATOM   457  C  C   . SER A 1 60  ? 2.340   -0.988  -14.736 1.00 17.72 ? 59  SER A C   1 
ATOM   458  O  O   . SER A 1 60  ? 1.562   -0.798  -13.796 1.00 18.01 ? 59  SER A O   1 
ATOM   459  C  CB  . SER A 1 60  ? 0.411   -1.662  -16.167 1.00 17.26 ? 59  SER A CB  1 
ATOM   460  O  OG  . SER A 1 60  ? 0.487   -3.011  -15.724 1.00 16.86 ? 59  SER A OG  1 
ATOM   461  N  N   . GLY A 1 61  ? 3.637   -1.194  -14.538 1.00 16.96 ? 60  GLY A N   1 
ATOM   462  C  CA  . GLY A 1 61  ? 4.162   -1.257  -13.162 1.00 16.44 ? 60  GLY A CA  1 
ATOM   463  C  C   . GLY A 1 61  ? 3.612   -2.502  -12.439 1.00 14.97 ? 60  GLY A C   1 
ATOM   464  O  O   . GLY A 1 61  ? 3.249   -3.515  -13.051 1.00 15.10 ? 60  GLY A O   1 
ATOM   465  N  N   . TRP A 1 62  ? 3.567   -2.436  -11.099 1.00 15.26 ? 61  TRP A N   1 
ATOM   466  C  CA  . TRP A 1 62  ? 3.078   -3.565  -10.327 1.00 14.25 ? 61  TRP A CA  1 
ATOM   467  C  C   . TRP A 1 62  ? 2.457   -3.115  -9.002  1.00 14.73 ? 61  TRP A C   1 
ATOM   468  O  O   . TRP A 1 62  ? 3.138   -2.444  -8.203  1.00 14.18 ? 61  TRP A O   1 
ATOM   469  C  CB  . TRP A 1 62  ? 4.249   -4.498  -9.963  1.00 15.08 ? 61  TRP A CB  1 
ATOM   470  C  CG  . TRP A 1 62  ? 3.842   -5.842  -9.447  1.00 15.94 ? 61  TRP A CG  1 
ATOM   471  C  CD1 . TRP A 1 62  ? 3.567   -6.193  -8.154  1.00 16.01 ? 61  TRP A CD1 1 
ATOM   472  C  CD2 . TRP A 1 62  ? 3.669   -7.021  -10.234 1.00 15.27 ? 61  TRP A CD2 1 
ATOM   473  N  NE1 . TRP A 1 62  ? 3.230   -7.521  -8.096  1.00 16.33 ? 61  TRP A NE1 1 
ATOM   474  C  CE2 . TRP A 1 62  ? 3.299   -8.064  -9.350  1.00 15.14 ? 61  TRP A CE2 1 
ATOM   475  C  CE3 . TRP A 1 62  ? 3.790   -7.303  -11.605 1.00 15.18 ? 61  TRP A CE3 1 
ATOM   476  C  CZ2 . TRP A 1 62  ? 3.057   -9.358  -9.792  1.00 15.18 ? 61  TRP A CZ2 1 
ATOM   477  C  CZ3 . TRP A 1 62  ? 3.528   -8.592  -12.033 1.00 16.29 ? 61  TRP A CZ3 1 
ATOM   478  C  CH2 . TRP A 1 62  ? 3.194   -9.613  -11.127 1.00 16.36 ? 61  TRP A CH2 1 
ATOM   479  N  N   . TRP A 1 63  ? 1.207   -3.527  -8.783  1.00 14.58 ? 62  TRP A N   1 
ATOM   480  C  CA  . TRP A 1 63  ? 0.543   -3.246  -7.510  1.00 14.06 ? 62  TRP A CA  1 
ATOM   481  C  C   . TRP A 1 63  ? 0.864   -4.375  -6.523  1.00 14.45 ? 62  TRP A C   1 
ATOM   482  O  O   . TRP A 1 63  ? 0.536   -5.541  -6.779  1.00 15.17 ? 62  TRP A O   1 
ATOM   483  C  CB  . TRP A 1 63  ? -0.977  -3.224  -7.687  1.00 14.95 ? 62  TRP A CB  1 
ATOM   484  C  CG  . TRP A 1 63  ? -1.499  -2.061  -8.482  1.00 14.58 ? 62  TRP A CG  1 
ATOM   485  C  CD1 . TRP A 1 63  ? -1.923  -2.123  -9.790  1.00 14.58 ? 62  TRP A CD1 1 
ATOM   486  C  CD2 . TRP A 1 63  ? -1.556  -0.701  -8.074  1.00 14.10 ? 62  TRP A CD2 1 
ATOM   487  N  NE1 . TRP A 1 63  ? -2.264  -0.850  -10.209 1.00 14.60 ? 62  TRP A NE1 1 
ATOM   488  C  CE2 . TRP A 1 63  ? -2.058  0.034   -9.170  1.00 15.18 ? 62  TRP A CE2 1 
ATOM   489  C  CE3 . TRP A 1 63  ? -1.255  -0.023  -6.889  1.00 15.35 ? 62  TRP A CE3 1 
ATOM   490  C  CZ2 . TRP A 1 63  ? -2.275  1.409   -9.098  1.00 15.55 ? 62  TRP A CZ2 1 
ATOM   491  C  CZ3 . TRP A 1 63  ? -1.447  1.345   -6.818  1.00 16.52 ? 62  TRP A CZ3 1 
ATOM   492  C  CH2 . TRP A 1 63  ? -1.964  2.057   -7.926  1.00 16.73 ? 62  TRP A CH2 1 
ATOM   493  N  N   . HIS A 1 64  ? 1.578   -4.102  -5.438  1.00 13.57 ? 63  HIS A N   1 
ATOM   494  C  CA  . HIS A 1 64  ? 1.966   -5.072  -4.438  1.00 13.53 ? 63  HIS A CA  1 
ATOM   495  C  C   . HIS A 1 64  ? 0.925   -5.262  -3.335  1.00 14.19 ? 63  HIS A C   1 
ATOM   496  O  O   . HIS A 1 64  ? 0.967   -6.237  -2.581  1.00 14.23 ? 63  HIS A O   1 
ATOM   497  C  CB  . HIS A 1 64  ? 3.286   -4.581  -3.766  1.00 12.95 ? 63  HIS A CB  1 
ATOM   498  C  CG  . HIS A 1 64  ? 4.459   -4.805  -4.683  1.00 13.96 ? 63  HIS A CG  1 
ATOM   499  N  ND1 . HIS A 1 64  ? 5.218   -5.950  -4.529  1.00 14.87 ? 63  HIS A ND1 1 
ATOM   500  C  CD2 . HIS A 1 64  ? 4.982   -4.118  -5.709  1.00 14.67 ? 63  HIS A CD2 1 
ATOM   501  C  CE1 . HIS A 1 64  ? 6.160   -5.960  -5.489  1.00 15.90 ? 63  HIS A CE1 1 
ATOM   502  N  NE2 . HIS A 1 64  ? 6.037   -4.845  -6.211  1.00 14.28 ? 63  HIS A NE2 1 
ATOM   503  N  N   . TRP A 1 65  ? 0.121   -4.219  -3.104  1.00 12.77 ? 64  TRP A N   1 
ATOM   504  C  CA  . TRP A 1 65  ? -0.764  -4.232  -1.924  1.00 13.32 ? 64  TRP A CA  1 
ATOM   505  C  C   . TRP A 1 65  ? -1.794  -3.129  -2.086  1.00 12.81 ? 64  TRP A C   1 
ATOM   506  O  O   . TRP A 1 65  ? -1.419  -2.013  -2.452  1.00 13.69 ? 64  TRP A O   1 
ATOM   507  C  CB  . TRP A 1 65  ? 0.087   -3.898  -0.692  1.00 14.14 ? 64  TRP A CB  1 
ATOM   508  C  CG  . TRP A 1 65  ? -0.567  -4.033  0.655   1.00 13.82 ? 64  TRP A CG  1 
ATOM   509  C  CD1 . TRP A 1 65  ? -1.594  -4.862  0.985   1.00 14.67 ? 64  TRP A CD1 1 
ATOM   510  C  CD2 . TRP A 1 65  ? -0.207  -3.343  1.860   1.00 13.81 ? 64  TRP A CD2 1 
ATOM   511  N  NE1 . TRP A 1 65  ? -1.899  -4.734  2.323   1.00 13.70 ? 64  TRP A NE1 1 
ATOM   512  C  CE2 . TRP A 1 65  ? -1.062  -3.803  2.875   1.00 13.95 ? 64  TRP A CE2 1 
ATOM   513  C  CE3 . TRP A 1 65  ? 0.766   -2.379  2.184   1.00 14.75 ? 64  TRP A CE3 1 
ATOM   514  C  CZ2 . TRP A 1 65  ? -0.997  -3.335  4.197   1.00 14.72 ? 64  TRP A CZ2 1 
ATOM   515  C  CZ3 . TRP A 1 65  ? 0.836   -1.914  3.484   1.00 15.37 ? 64  TRP A CZ3 1 
ATOM   516  C  CH2 . TRP A 1 65  ? -0.040  -2.395  4.482   1.00 14.70 ? 64  TRP A CH2 1 
ATOM   517  N  N   . VAL A 1 66  ? -3.069  -3.446  -1.809  1.00 12.99 ? 65  VAL A N   1 
ATOM   518  C  CA  . VAL A 1 66  ? -4.115  -2.419  -1.915  1.00 14.56 ? 65  VAL A CA  1 
ATOM   519  C  C   . VAL A 1 66  ? -5.100  -2.620  -0.756  1.00 14.32 ? 65  VAL A C   1 
ATOM   520  O  O   . VAL A 1 66  ? -5.639  -3.713  -0.547  1.00 14.28 ? 65  VAL A O   1 
ATOM   521  C  CB  . VAL A 1 66  ? -4.869  -2.483  -3.256  1.00 13.95 ? 65  VAL A CB  1 
ATOM   522  C  CG1 . VAL A 1 66  ? -5.840  -1.298  -3.375  1.00 13.33 ? 65  VAL A CG1 1 
ATOM   523  C  CG2 . VAL A 1 66  ? -3.979  -2.420  -4.493  1.00 15.51 ? 65  VAL A CG2 1 
ATOM   524  N  N   . VAL A 1 67  ? -5.303  -1.572  0.035   1.00 13.90 ? 66  VAL A N   1 
ATOM   525  C  CA  . VAL A 1 67  ? -6.219  -1.624  1.193   1.00 14.17 ? 66  VAL A CA  1 
ATOM   526  C  C   . VAL A 1 67  ? -7.237  -0.500  1.023   1.00 13.84 ? 66  VAL A C   1 
ATOM   527  O  O   . VAL A 1 67  ? -6.857  0.640   0.764   1.00 14.81 ? 66  VAL A O   1 
ATOM   528  C  CB  . VAL A 1 67  ? -5.465  -1.423  2.513   1.00 13.93 ? 66  VAL A CB  1 
ATOM   529  C  CG1 . VAL A 1 67  ? -6.436  -1.516  3.693   1.00 14.32 ? 66  VAL A CG1 1 
ATOM   530  C  CG2 . VAL A 1 67  ? -4.341  -2.454  2.689   1.00 14.07 ? 66  VAL A CG2 1 
ATOM   531  N  N   . VAL A 1 68  ? -8.537  -0.809  1.064   1.00 14.32 ? 67  VAL A N   1 
ATOM   532  C  CA  . VAL A 1 68  ? -9.551  0.210   0.825   1.00 15.03 ? 67  VAL A CA  1 
ATOM   533  C  C   . VAL A 1 68  ? -10.570 0.270   1.962   1.00 15.72 ? 67  VAL A C   1 
ATOM   534  O  O   . VAL A 1 68  ? -10.752 -0.667  2.722   1.00 15.86 ? 67  VAL A O   1 
ATOM   535  C  CB  . VAL A 1 68  ? -10.327 0.019   -0.499  1.00 16.55 ? 67  VAL A CB  1 
ATOM   536  C  CG1 . VAL A 1 68  ? -9.346  -0.135  -1.675  1.00 15.94 ? 67  VAL A CG1 1 
ATOM   537  C  CG2 . VAL A 1 68  ? -11.217 -1.218  -0.487  1.00 17.06 ? 67  VAL A CG2 1 
ATOM   538  N  N   . ASN A 1 69  ? -11.282 1.407   1.979   1.00 15.96 ? 68  ASN A N   1 
ATOM   539  C  CA  . ASN A 1 69  ? -12.375 1.594   2.937   1.00 16.94 ? 68  ASN A CA  1 
ATOM   540  C  C   . ASN A 1 69  ? -11.931 1.591   4.380   1.00 18.01 ? 68  ASN A C   1 
ATOM   541  O  O   . ASN A 1 69  ? -12.652 1.192   5.303   1.00 18.81 ? 68  ASN A O   1 
ATOM   542  C  CB  . ASN A 1 69  ? -13.515 0.587   2.675   1.00 17.92 ? 68  ASN A CB  1 
ATOM   543  C  CG  . ASN A 1 69  ? -14.104 0.793   1.290   1.00 17.85 ? 68  ASN A CG  1 
ATOM   544  O  OD1 . ASN A 1 69  ? -13.969 1.837   0.675   1.00 20.38 ? 68  ASN A OD1 1 
ATOM   545  N  ND2 . ASN A 1 69  ? -14.755 -0.243  0.755   1.00 20.27 ? 68  ASN A ND2 1 
ATOM   546  N  N   . LEU A 1 70  ? -10.700 2.080   4.629   1.00 17.22 ? 69  LEU A N   1 
ATOM   547  C  CA  . LEU A 1 70  ? -10.254 2.287   6.009   1.00 16.24 ? 69  LEU A CA  1 
ATOM   548  C  C   . LEU A 1 70  ? -11.107 3.443   6.542   1.00 15.94 ? 69  LEU A C   1 
ATOM   549  O  O   . LEU A 1 70  ? -11.261 4.455   5.863   1.00 16.16 ? 69  LEU A O   1 
ATOM   550  C  CB  . LEU A 1 70  ? -8.777  2.704   6.007   1.00 16.70 ? 69  LEU A CB  1 
ATOM   551  C  CG  . LEU A 1 70  ? -7.833  1.548   5.635   1.00 16.60 ? 69  LEU A CG  1 
ATOM   552  C  CD1 . LEU A 1 70  ? -6.493  2.118   5.170   1.00 16.57 ? 69  LEU A CD1 1 
ATOM   553  C  CD2 . LEU A 1 70  ? -7.667  0.622   6.832   1.00 16.82 ? 69  LEU A CD2 1 
ATOM   554  N  N   . PRO A 1 71  ? -11.664 3.292   7.727   1.00 16.90 ? 70  PRO A N   1 
ATOM   555  C  CA  . PRO A 1 71  ? -12.552 4.348   8.246   1.00 17.71 ? 70  PRO A CA  1 
ATOM   556  C  C   . PRO A 1 71  ? -11.831 5.655   8.448   1.00 18.26 ? 70  PRO A C   1 
ATOM   557  O  O   . PRO A 1 71  ? -10.610 5.765   8.614   1.00 17.78 ? 70  PRO A O   1 
ATOM   558  C  CB  . PRO A 1 71  ? -13.108 3.764   9.535   1.00 18.98 ? 70  PRO A CB  1 
ATOM   559  C  CG  . PRO A 1 71  ? -12.165 2.689   9.926   1.00 19.90 ? 70  PRO A CG  1 
ATOM   560  C  CD  . PRO A 1 71  ? -11.592 2.144   8.623   1.00 17.85 ? 70  PRO A CD  1 
ATOM   561  N  N   . ALA A 1 72  ? -12.611 6.745   8.513   1.00 17.62 ? 71  ALA A N   1 
ATOM   562  C  CA  . ALA A 1 72  ? -12.123 8.092   8.671   1.00 18.16 ? 71  ALA A CA  1 
ATOM   563  C  C   . ALA A 1 72  ? -11.233 8.355   9.880   1.00 17.08 ? 71  ALA A C   1 
ATOM   564  O  O   . ALA A 1 72  ? -10.424 9.281   9.797   1.00 18.33 ? 71  ALA A O   1 
ATOM   565  C  CB  . ALA A 1 72  ? -13.327 9.056   8.782   1.00 18.31 ? 71  ALA A CB  1 
ATOM   566  N  N   . ASP A 1 73  ? -11.376 7.584   10.933  1.00 17.71 ? 72  ASP A N   1 
ATOM   567  C  CA  . ASP A 1 73  ? -10.547 7.755   12.118  1.00 19.17 ? 72  ASP A CA  1 
ATOM   568  C  C   . ASP A 1 73  ? -9.242  6.966   12.027  1.00 18.61 ? 72  ASP A C   1 
ATOM   569  O  O   . ASP A 1 73  ? -8.596  6.840   13.067  1.00 19.31 ? 72  ASP A O   1 
ATOM   570  C  CB  . ASP A 1 73  ? -11.312 7.379   13.392  1.00 21.26 ? 72  ASP A CB  1 
ATOM   571  C  CG  . ASP A 1 73  ? -11.903 5.987   13.404  1.00 24.96 ? 72  ASP A CG  1 
ATOM   572  O  OD1 . ASP A 1 73  ? -11.826 5.244   12.409  1.00 26.61 ? 72  ASP A OD1 1 
ATOM   573  O  OD2 . ASP A 1 73  ? -12.473 5.585   14.444  1.00 27.12 ? 72  ASP A OD2 1 
ATOM   574  N  N   . THR A 1 74  ? -8.950  6.330   10.882  1.00 15.98 ? 73  THR A N   1 
ATOM   575  C  CA  . THR A 1 74  ? -7.712  5.527   10.844  1.00 16.22 ? 73  THR A CA  1 
ATOM   576  C  C   . THR A 1 74  ? -6.486  6.407   10.768  1.00 15.75 ? 73  THR A C   1 
ATOM   577  O  O   . THR A 1 74  ? -6.488  7.325   9.949   1.00 15.97 ? 73  THR A O   1 
ATOM   578  C  CB  . THR A 1 74  ? -7.734  4.622   9.594   1.00 15.82 ? 73  THR A CB  1 
ATOM   579  O  OG1 . THR A 1 74  ? -8.916  3.823   9.616   1.00 16.22 ? 73  THR A OG1 1 
ATOM   580  C  CG2 . THR A 1 74  ? -6.521  3.663   9.633   1.00 15.99 ? 73  THR A CG2 1 
ATOM   581  N  N   . ARG A 1 75  ? -5.433  6.125   11.550  1.00 15.94 ? 74  ARG A N   1 
ATOM   582  C  CA  . ARG A 1 75  ? -4.216  6.926   11.473  1.00 16.11 ? 74  ARG A CA  1 
ATOM   583  C  C   . ARG A 1 75  ? -2.991  6.001   11.447  1.00 15.08 ? 74  ARG A C   1 
ATOM   584  O  O   . ARG A 1 75  ? -1.850  6.456   11.503  1.00 15.72 ? 74  ARG A O   1 
ATOM   585  C  CB  . ARG A 1 75  ? -4.047  7.885   12.663  1.00 16.00 ? 74  ARG A CB  1 
ATOM   586  C  CG  . ARG A 1 75  ? -5.208  8.872   12.866  1.00 16.17 ? 74  ARG A CG  1 
ATOM   587  C  CD  . ARG A 1 75  ? -5.183  9.954   11.793  1.00 16.60 ? 74  ARG A CD  1 
ATOM   588  N  NE  . ARG A 1 75  ? -6.249  10.940  12.019  1.00 16.70 ? 74  ARG A NE  1 
ATOM   589  C  CZ  . ARG A 1 75  ? -7.453  10.874  11.451  1.00 17.82 ? 74  ARG A CZ  1 
ATOM   590  N  NH1 . ARG A 1 75  ? -7.767  9.881   10.616  1.00 17.59 ? 74  ARG A NH1 1 
ATOM   591  N  NH2 . ARG A 1 75  ? -8.387  11.809  11.689  1.00 16.61 ? 74  ARG A NH2 1 
ATOM   592  N  N   . VAL A 1 76  ? -3.258  4.687   11.387  1.00 15.40 ? 75  VAL A N   1 
ATOM   593  C  CA  . VAL A 1 76  ? -2.133  3.749   11.392  1.00 15.24 ? 75  VAL A CA  1 
ATOM   594  C  C   . VAL A 1 76  ? -2.503  2.383   10.837  1.00 15.42 ? 75  VAL A C   1 
ATOM   595  O  O   . VAL A 1 76  ? -3.657  1.951   10.915  1.00 15.62 ? 75  VAL A O   1 
ATOM   596  C  CB  . VAL A 1 76  ? -1.672  3.539   12.866  1.00 16.01 ? 75  VAL A CB  1 
ATOM   597  C  CG1 . VAL A 1 76  ? -2.657  2.715   13.710  1.00 16.68 ? 75  VAL A CG1 1 
ATOM   598  C  CG2 . VAL A 1 76  ? -0.306  2.867   12.959  1.00 16.23 ? 75  VAL A CG2 1 
ATOM   599  N  N   . LEU A 1 77  ? -1.499  1.709   10.287  1.00 15.50 ? 76  LEU A N   1 
ATOM   600  C  CA  . LEU A 1 77  ? -1.613  0.333   9.842   1.00 14.54 ? 76  LEU A CA  1 
ATOM   601  C  C   . LEU A 1 77  ? -0.417  -0.335  10.559  1.00 14.96 ? 76  LEU A C   1 
ATOM   602  O  O   . LEU A 1 77  ? 0.715   -0.036  10.182  1.00 16.70 ? 76  LEU A O   1 
ATOM   603  C  CB  . LEU A 1 77  ? -1.458  0.050   8.359   1.00 14.09 ? 76  LEU A CB  1 
ATOM   604  C  CG  . LEU A 1 77  ? -2.529  0.636   7.440   1.00 15.37 ? 76  LEU A CG  1 
ATOM   605  C  CD1 . LEU A 1 77  ? -2.329  0.124   6.017   1.00 15.11 ? 76  LEU A CD1 1 
ATOM   606  C  CD2 . LEU A 1 77  ? -3.941  0.317   7.926   1.00 15.80 ? 76  LEU A CD2 1 
ATOM   607  N  N   . PRO A 1 78  ? -0.638  -1.138  11.572  1.00 14.79 ? 77  PRO A N   1 
ATOM   608  C  CA  . PRO A 1 78  ? 0.477   -1.804  12.253  1.00 15.46 ? 77  PRO A CA  1 
ATOM   609  C  C   . PRO A 1 78  ? 1.248   -2.696  11.288  1.00 15.01 ? 77  PRO A C   1 
ATOM   610  O  O   . PRO A 1 78  ? 0.688   -3.162  10.287  1.00 15.01 ? 77  PRO A O   1 
ATOM   611  C  CB  . PRO A 1 78  ? -0.194  -2.646  13.338  1.00 16.68 ? 77  PRO A CB  1 
ATOM   612  C  CG  . PRO A 1 78  ? -1.498  -1.909  13.575  1.00 18.37 ? 77  PRO A CG  1 
ATOM   613  C  CD  . PRO A 1 78  ? -1.939  -1.479  12.174  1.00 16.98 ? 77  PRO A CD  1 
ATOM   614  N  N   . GLN A 1 79  ? 2.510   -2.952  11.611  1.00 15.40 ? 78  GLN A N   1 
ATOM   615  C  CA  . GLN A 1 79  ? 3.287   -3.907  10.794  1.00 14.78 ? 78  GLN A CA  1 
ATOM   616  C  C   . GLN A 1 79  ? 2.518   -5.208  10.678  1.00 14.48 ? 78  GLN A C   1 
ATOM   617  O  O   . GLN A 1 79  ? 1.921   -5.723  11.641  1.00 15.39 ? 78  GLN A O   1 
ATOM   618  C  CB  . GLN A 1 79  ? 4.640   -4.152  11.485  1.00 15.55 ? 78  GLN A CB  1 
ATOM   619  C  CG  . GLN A 1 79  ? 5.532   -5.075  10.643  1.00 16.61 ? 78  GLN A CG  1 
ATOM   620  C  CD  . GLN A 1 79  ? 6.876   -5.304  11.323  1.00 18.79 ? 78  GLN A CD  1 
ATOM   621  O  OE1 . GLN A 1 79  ? 7.063   -6.363  11.932  1.00 20.92 ? 78  GLN A OE1 1 
ATOM   622  N  NE2 . GLN A 1 79  ? 7.794   -4.355  11.240  1.00 19.44 ? 78  GLN A NE2 1 
ATOM   623  N  N   . GLY A 1 80  ? 2.488   -5.775  9.466   1.00 13.92 ? 79  GLY A N   1 
ATOM   624  C  CA  . GLY A 1 80  ? 1.815   -7.047  9.256   1.00 14.79 ? 79  GLY A CA  1 
ATOM   625  C  C   . GLY A 1 80  ? 0.318   -6.927  9.018   1.00 14.20 ? 79  GLY A C   1 
ATOM   626  O  O   . GLY A 1 80  ? -0.351  -7.956  8.848   1.00 15.42 ? 79  GLY A O   1 
ATOM   627  N  N   . PHE A 1 81  ? -0.215  -5.710  8.926   1.00 14.40 ? 80  PHE A N   1 
ATOM   628  C  CA  . PHE A 1 81  ? -1.647  -5.540  8.630   1.00 16.08 ? 80  PHE A CA  1 
ATOM   629  C  C   . PHE A 1 81  ? -1.992  -6.252  7.325   1.00 16.14 ? 80  PHE A C   1 
ATOM   630  O  O   . PHE A 1 81  ? -3.055  -6.861  7.197   1.00 16.96 ? 80  PHE A O   1 
ATOM   631  C  CB  . PHE A 1 81  ? -1.955  -4.052  8.492   1.00 15.89 ? 80  PHE A CB  1 
ATOM   632  C  CG  . PHE A 1 81  ? -3.438  -3.756  8.356   1.00 17.41 ? 80  PHE A CG  1 
ATOM   633  C  CD1 . PHE A 1 81  ? -4.191  -3.563  9.502   1.00 17.42 ? 80  PHE A CD1 1 
ATOM   634  C  CD2 . PHE A 1 81  ? -4.021  -3.649  7.109   1.00 17.67 ? 80  PHE A CD2 1 
ATOM   635  C  CE1 . PHE A 1 81  ? -5.545  -3.242  9.385   1.00 18.73 ? 80  PHE A CE1 1 
ATOM   636  C  CE2 . PHE A 1 81  ? -5.370  -3.331  6.990   1.00 18.68 ? 80  PHE A CE2 1 
ATOM   637  C  CZ  . PHE A 1 81  ? -6.113  -3.115  8.134   1.00 18.90 ? 80  PHE A CZ  1 
ATOM   638  N  N   . GLY A 1 82  ? -1.091  -6.218  6.325   1.00 15.58 ? 81  GLY A N   1 
ATOM   639  C  CA  . GLY A 1 82  ? -1.361  -6.892  5.052   1.00 15.28 ? 81  GLY A CA  1 
ATOM   640  C  C   . GLY A 1 82  ? -0.850  -8.323  4.997   1.00 15.49 ? 81  GLY A C   1 
ATOM   641  O  O   . GLY A 1 82  ? -0.783  -8.929  3.920   1.00 16.29 ? 81  GLY A O   1 
ATOM   642  N  N   . SER A 1 83  ? -0.494  -8.894  6.156   1.00 15.35 ? 82  SER A N   1 
ATOM   643  C  CA  . SER A 1 83  ? 0.178   -10.175 6.219   1.00 16.50 ? 82  SER A CA  1 
ATOM   644  C  C   . SER A 1 83  ? -0.487  -11.167 7.162   1.00 18.89 ? 82  SER A C   1 
ATOM   645  O  O   . SER A 1 83  ? 0.102   -12.168 7.578   1.00 20.29 ? 82  SER A O   1 
ATOM   646  C  CB  . SER A 1 83  ? 1.632   -9.947  6.669   1.00 15.77 ? 82  SER A CB  1 
ATOM   647  O  OG  . SER A 1 83  ? 2.276   -9.007  5.826   1.00 15.42 ? 82  SER A OG  1 
ATOM   648  N  N   . GLY A 1 84  ? -1.712  -10.843 7.570   1.00 19.70 ? 83  GLY A N   1 
ATOM   649  C  CA  . GLY A 1 84  ? -2.444  -11.716 8.477   1.00 24.45 ? 83  GLY A CA  1 
ATOM   650  C  C   . GLY A 1 84  ? -2.129  -11.533 9.946   1.00 25.42 ? 83  GLY A C   1 
ATOM   651  O  O   . GLY A 1 84  ? -2.620  -12.365 10.728  1.00 28.54 ? 83  GLY A O   1 
ATOM   652  N  N   . LEU A 1 85  ? -1.429  -10.494 10.371  1.00 25.60 ? 84  LEU A N   1 
ATOM   653  C  CA  . LEU A 1 85  ? -1.110  -10.290 11.775  1.00 26.19 ? 84  LEU A CA  1 
ATOM   654  C  C   . LEU A 1 85  ? -2.131  -9.432  12.517  1.00 27.60 ? 84  LEU A C   1 
ATOM   655  O  O   . LEU A 1 85  ? -1.957  -9.205  13.722  1.00 28.14 ? 84  LEU A O   1 
ATOM   656  C  CB  . LEU A 1 85  ? 0.251   -9.593  11.924  1.00 25.97 ? 84  LEU A CB  1 
ATOM   657  C  CG  . LEU A 1 85  ? 1.452   -10.272 11.260  1.00 26.59 ? 84  LEU A CG  1 
ATOM   658  C  CD1 . LEU A 1 85  ? 2.739   -9.554  11.651  1.00 26.29 ? 84  LEU A CD1 1 
ATOM   659  C  CD2 . LEU A 1 85  ? 1.516   -11.739 11.646  1.00 26.20 ? 84  LEU A CD2 1 
ATOM   660  N  N   . VAL A 1 86  ? -2.996  -8.729  11.802  1.00 28.22 ? 85  VAL A N   1 
ATOM   661  C  CA  . VAL A 1 86  ? -3.924  -7.767  12.395  1.00 28.94 ? 85  VAL A CA  1 
ATOM   662  C  C   . VAL A 1 86  ? -5.362  -8.093  12.012  1.00 30.10 ? 85  VAL A C   1 
ATOM   663  O  O   . VAL A 1 86  ? -5.645  -8.490  10.880  1.00 30.11 ? 85  VAL A O   1 
ATOM   664  C  CB  . VAL A 1 86  ? -3.618  -6.321  11.957  1.00 29.33 ? 85  VAL A CB  1 
ATOM   665  C  CG1 . VAL A 1 86  ? -4.474  -5.305  12.714  1.00 30.04 ? 85  VAL A CG1 1 
ATOM   666  C  CG2 . VAL A 1 86  ? -2.148  -5.956  12.141  1.00 29.59 ? 85  VAL A CG2 1 
ATOM   667  N  N   . ALA A 1 87  ? -6.295  -7.908  12.962  1.00 29.38 ? 86  ALA A N   1 
ATOM   668  C  CA  . ALA A 1 87  ? -7.700  -8.169  12.626  1.00 29.34 ? 86  ALA A CA  1 
ATOM   669  C  C   . ALA A 1 87  ? -8.198  -7.087  11.673  1.00 27.63 ? 86  ALA A C   1 
ATOM   670  O  O   . ALA A 1 87  ? -7.790  -5.937  11.851  1.00 27.17 ? 86  ALA A O   1 
ATOM   671  C  CB  . ALA A 1 87  ? -8.538  -8.119  13.909  1.00 29.73 ? 86  ALA A CB  1 
HETATM 672  N  N   . MSE A 1 88  ? -9.046  -7.416  10.708  1.00 27.24 ? 87  MSE A N   1 
HETATM 673  C  CA  . MSE A 1 88  ? -9.555  -6.373  9.821   1.00 28.25 ? 87  MSE A CA  1 
HETATM 674  C  C   . MSE A 1 88  ? -10.678 -5.601  10.509  1.00 28.86 ? 87  MSE A C   1 
HETATM 675  O  O   . MSE A 1 88  ? -11.671 -6.216  10.897  1.00 28.96 ? 87  MSE A O   1 
HETATM 676  C  CB  . MSE A 1 88  ? -10.131 -6.951  8.530   1.00 30.20 ? 87  MSE A CB  1 
HETATM 677  C  CG  . MSE A 1 88  ? -9.184  -7.442  7.466   1.00 31.05 ? 87  MSE A CG  1 
HETATM 678  SE SE  . MSE A 1 88  ? -7.956  -6.087  6.862   1.00 34.40 ? 87  MSE A SE  1 
HETATM 679  C  CE  . MSE A 1 88  ? -6.556  -6.642  7.846   1.00 29.66 ? 87  MSE A CE  1 
ATOM   680  N  N   . PRO A 1 89  ? -10.549 -4.294  10.612  1.00 28.46 ? 88  PRO A N   1 
ATOM   681  C  CA  . PRO A 1 89  ? -11.621 -3.462  11.150  1.00 28.57 ? 88  PRO A CA  1 
ATOM   682  C  C   . PRO A 1 89  ? -12.848 -3.662  10.269  1.00 28.58 ? 88  PRO A C   1 
ATOM   683  O  O   . PRO A 1 89  ? -12.743 -3.975  9.072   1.00 25.68 ? 88  PRO A O   1 
ATOM   684  C  CB  . PRO A 1 89  ? -11.071 -2.045  11.053  1.00 28.93 ? 88  PRO A CB  1 
ATOM   685  C  CG  . PRO A 1 89  ? -9.582  -2.248  11.035  1.00 28.70 ? 88  PRO A CG  1 
ATOM   686  C  CD  . PRO A 1 89  ? -9.403  -3.475  10.157  1.00 28.56 ? 88  PRO A CD  1 
ATOM   687  N  N   . ASP A 1 90  ? -14.048 -3.463  10.829  1.00 28.68 ? 89  ASP A N   1 
ATOM   688  C  CA  . ASP A 1 90  ? -15.259 -3.645  10.037  1.00 29.50 ? 89  ASP A CA  1 
ATOM   689  C  C   . ASP A 1 90  ? -15.272 -2.761  8.799   1.00 26.88 ? 89  ASP A C   1 
ATOM   690  O  O   . ASP A 1 90  ? -14.921 -1.586  8.790   1.00 26.04 ? 89  ASP A O   1 
ATOM   691  C  CB  . ASP A 1 90  ? -16.500 -3.373  10.903  1.00 34.17 ? 89  ASP A CB  1 
ATOM   692  C  CG  . ASP A 1 90  ? -17.802 -3.439  10.133  1.00 38.54 ? 89  ASP A CG  1 
ATOM   693  O  OD1 . ASP A 1 90  ? -18.166 -4.496  9.568   1.00 41.24 ? 89  ASP A OD1 1 
ATOM   694  O  OD2 . ASP A 1 90  ? -18.506 -2.397  10.078  1.00 42.12 ? 89  ASP A OD2 1 
ATOM   695  N  N   . GLY A 1 91  ? -15.631 -3.360  7.665   1.00 25.42 ? 90  GLY A N   1 
ATOM   696  C  CA  . GLY A 1 91  ? -15.760 -2.683  6.393   1.00 23.59 ? 90  GLY A CA  1 
ATOM   697  C  C   . GLY A 1 91  ? -14.459 -2.533  5.610   1.00 22.99 ? 90  GLY A C   1 
ATOM   698  O  O   . GLY A 1 91  ? -14.495 -2.131  4.448   1.00 23.85 ? 90  GLY A O   1 
ATOM   699  N  N   . VAL A 1 92  ? -13.326 -2.837  6.230   1.00 20.79 ? 91  VAL A N   1 
ATOM   700  C  CA  . VAL A 1 92  ? -12.059 -2.690  5.491   1.00 19.23 ? 91  VAL A CA  1 
ATOM   701  C  C   . VAL A 1 92  ? -11.871 -3.879  4.565   1.00 18.59 ? 91  VAL A C   1 
ATOM   702  O  O   . VAL A 1 92  ? -12.177 -5.012  4.943   1.00 18.26 ? 91  VAL A O   1 
ATOM   703  C  CB  . VAL A 1 92  ? -10.891 -2.604  6.484   1.00 18.97 ? 91  VAL A CB  1 
ATOM   704  C  CG1 . VAL A 1 92  ? -9.574  -2.532  5.729   1.00 18.04 ? 91  VAL A CG1 1 
ATOM   705  C  CG2 . VAL A 1 92  ? -11.122 -1.367  7.352   1.00 19.35 ? 91  VAL A CG2 1 
ATOM   706  N  N   . LEU A 1 93  ? -11.321 -3.614  3.375   1.00 17.36 ? 92  LEU A N   1 
ATOM   707  C  CA  . LEU A 1 93  ? -11.093 -4.689  2.441   1.00 19.20 ? 92  LEU A CA  1 
ATOM   708  C  C   . LEU A 1 93  ? -9.671  -4.606  1.866   1.00 17.63 ? 92  LEU A C   1 
ATOM   709  O  O   . LEU A 1 93  ? -9.274  -3.488  1.558   1.00 17.52 ? 92  LEU A O   1 
ATOM   710  C  CB  . LEU A 1 93  ? -12.007 -4.542  1.218   1.00 23.07 ? 92  LEU A CB  1 
ATOM   711  C  CG  . LEU A 1 93  ? -13.492 -4.883  1.359   1.00 26.23 ? 92  LEU A CG  1 
ATOM   712  C  CD1 . LEU A 1 93  ? -14.167 -4.702  -0.004  1.00 27.47 ? 92  LEU A CD1 1 
ATOM   713  C  CD2 . LEU A 1 93  ? -13.679 -6.316  1.832   1.00 27.94 ? 92  LEU A CD2 1 
ATOM   714  N  N   . GLN A 1 94  ? -9.044  -5.761  1.748   1.00 16.00 ? 93  GLN A N   1 
ATOM   715  C  CA  . GLN A 1 94  ? -7.772  -5.796  1.013   1.00 15.90 ? 93  GLN A CA  1 
ATOM   716  C  C   . GLN A 1 94  ? -8.135  -6.350  -0.362  1.00 16.75 ? 93  GLN A C   1 
ATOM   717  O  O   . GLN A 1 94  ? -8.691  -7.452  -0.436  1.00 17.13 ? 93  GLN A O   1 
ATOM   718  C  CB  . GLN A 1 94  ? -6.730  -6.673  1.716   1.00 16.81 ? 93  GLN A CB  1 
ATOM   719  C  CG  . GLN A 1 94  ? -6.357  -5.997  3.035   1.00 17.65 ? 93  GLN A CG  1 
ATOM   720  C  CD  . GLN A 1 94  ? -5.128  -6.598  3.668   1.00 20.17 ? 93  GLN A CD  1 
ATOM   721  O  OE1 . GLN A 1 94  ? -4.014  -6.377  3.232   1.00 18.49 ? 93  GLN A OE1 1 
ATOM   722  N  NE2 . GLN A 1 94  ? -5.314  -7.372  4.737   1.00 24.32 ? 93  GLN A NE2 1 
ATOM   723  N  N   . THR A 1 95  ? -7.890  -5.557  -1.387  1.00 15.90 ? 94  THR A N   1 
ATOM   724  C  CA  . THR A 1 95  ? -8.297  -5.919  -2.746  1.00 16.05 ? 94  THR A CA  1 
ATOM   725  C  C   . THR A 1 95  ? -7.185  -6.561  -3.558  1.00 15.55 ? 94  THR A C   1 
ATOM   726  O  O   . THR A 1 95  ? -6.119  -6.909  -3.051  1.00 15.64 ? 94  THR A O   1 
ATOM   727  C  CB  . THR A 1 95  ? -8.877  -4.693  -3.467  1.00 16.11 ? 94  THR A CB  1 
ATOM   728  O  OG1 . THR A 1 95  ? -7.945  -3.608  -3.409  1.00 16.52 ? 94  THR A OG1 1 
ATOM   729  C  CG2 . THR A 1 95  ? -10.178 -4.261  -2.769  1.00 17.73 ? 94  THR A CG2 1 
ATOM   730  N  N   . ARG A 1 96  ? -7.461  -6.851  -4.825  1.00 15.62 ? 95  ARG A N   1 
ATOM   731  C  CA  . ARG A 1 96  ? -6.566  -7.724  -5.596  1.00 15.97 ? 95  ARG A CA  1 
ATOM   732  C  C   . ARG A 1 96  ? -5.307  -7.025  -6.076  1.00 15.75 ? 95  ARG A C   1 
ATOM   733  O  O   . ARG A 1 96  ? -5.334  -5.890  -6.551  1.00 17.56 ? 95  ARG A O   1 
ATOM   734  C  CB  . ARG A 1 96  ? -7.345  -8.305  -6.792  1.00 14.80 ? 95  ARG A CB  1 
ATOM   735  C  CG  . ARG A 1 96  ? -6.656  -9.532  -7.412  1.00 15.69 ? 95  ARG A CG  1 
ATOM   736  C  CD  . ARG A 1 96  ? -7.554  -10.049 -8.543  1.00 17.64 ? 95  ARG A CD  1 
ATOM   737  N  NE  . ARG A 1 96  ? -7.017  -11.239 -9.221  1.00 18.02 ? 95  ARG A NE  1 
ATOM   738  C  CZ  . ARG A 1 96  ? -7.386  -12.487 -8.981  1.00 20.20 ? 95  ARG A CZ  1 
ATOM   739  N  NH1 . ARG A 1 96  ? -8.283  -12.751 -8.023  1.00 22.96 ? 95  ARG A NH1 1 
ATOM   740  N  NH2 . ARG A 1 96  ? -6.886  -13.498 -9.678  1.00 20.29 ? 95  ARG A NH2 1 
ATOM   741  N  N   . THR A 1 97  ? -4.171  -7.704  -5.911  1.00 15.45 ? 96  THR A N   1 
ATOM   742  C  CA  . THR A 1 97  ? -2.900  -7.136  -6.346  1.00 15.39 ? 96  THR A CA  1 
ATOM   743  C  C   . THR A 1 97  ? -2.510  -7.765  -7.679  1.00 15.16 ? 96  THR A C   1 
ATOM   744  O  O   . THR A 1 97  ? -3.161  -8.709  -8.155  1.00 14.82 ? 96  THR A O   1 
ATOM   745  C  CB  . THR A 1 97  ? -1.766  -7.399  -5.326  1.00 14.80 ? 96  THR A CB  1 
ATOM   746  O  OG1 . THR A 1 97  ? -1.382  -8.774  -5.360  1.00 14.54 ? 96  THR A OG1 1 
ATOM   747  C  CG2 . THR A 1 97  ? -2.250  -7.068  -3.912  1.00 15.06 ? 96  THR A CG2 1 
ATOM   748  N  N   . ASP A 1 98  ? -1.395  -7.271  -8.240  1.00 14.78 ? 97  ASP A N   1 
ATOM   749  C  CA  . ASP A 1 98  ? -0.936  -7.896  -9.496  1.00 16.17 ? 97  ASP A CA  1 
ATOM   750  C  C   . ASP A 1 98  ? -0.417  -9.306  -9.301  1.00 17.13 ? 97  ASP A C   1 
ATOM   751  O  O   . ASP A 1 98  ? -0.244  -10.046 -10.286 1.00 18.17 ? 97  ASP A O   1 
ATOM   752  C  CB  . ASP A 1 98  ? 0.147   -7.025  -10.148 1.00 16.53 ? 97  ASP A CB  1 
ATOM   753  C  CG  . ASP A 1 98  ? -0.497  -5.852  -10.863 1.00 17.69 ? 97  ASP A CG  1 
ATOM   754  O  OD1 . ASP A 1 98  ? -1.638  -6.057  -11.346 1.00 20.37 ? 97  ASP A OD1 1 
ATOM   755  O  OD2 . ASP A 1 98  ? 0.093   -4.763  -10.943 1.00 17.98 ? 97  ASP A OD2 1 
ATOM   756  N  N   . PHE A 1 99  ? -0.242  -9.787  -8.073  1.00 16.39 ? 98  PHE A N   1 
ATOM   757  C  CA  . PHE A 1 99  ? 0.171   -11.152 -7.777  1.00 18.05 ? 98  PHE A CA  1 
ATOM   758  C  C   . PHE A 1 99  ? -1.020  -12.104 -7.804  1.00 17.86 ? 98  PHE A C   1 
ATOM   759  O  O   . PHE A 1 99  ? -0.857  -13.302 -7.566  1.00 19.32 ? 98  PHE A O   1 
ATOM   760  C  CB  . PHE A 1 99  ? 0.924   -11.184 -6.446  1.00 18.86 ? 98  PHE A CB  1 
ATOM   761  C  CG  . PHE A 1 99  ? 1.939   -12.284 -6.309  1.00 21.20 ? 98  PHE A CG  1 
ATOM   762  C  CD1 . PHE A 1 99  ? 2.762   -12.659 -7.352  1.00 21.82 ? 98  PHE A CD1 1 
ATOM   763  C  CD2 . PHE A 1 99  ? 2.099   -12.935 -5.094  1.00 22.33 ? 98  PHE A CD2 1 
ATOM   764  C  CE1 . PHE A 1 99  ? 3.720   -13.639 -7.196  1.00 22.44 ? 98  PHE A CE1 1 
ATOM   765  C  CE2 . PHE A 1 99  ? 3.075   -13.896 -4.915  1.00 22.25 ? 98  PHE A CE2 1 
ATOM   766  C  CZ  . PHE A 1 99  ? 3.859   -14.287 -5.988  1.00 22.80 ? 98  PHE A CZ  1 
ATOM   767  N  N   . GLY A 1 100 ? -2.207  -11.591 -8.148  1.00 17.61 ? 99  GLY A N   1 
ATOM   768  C  CA  . GLY A 1 100 ? -3.399  -12.416 -8.280  1.00 18.48 ? 99  GLY A CA  1 
ATOM   769  C  C   . GLY A 1 100 ? -4.025  -12.879 -6.983  1.00 20.07 ? 99  GLY A C   1 
ATOM   770  O  O   . GLY A 1 100 ? -4.670  -13.928 -6.925  1.00 22.16 ? 99  GLY A O   1 
ATOM   771  N  N   . LYS A 1 101 ? -3.847  -12.086 -5.940  1.00 18.58 ? 100 LYS A N   1 
ATOM   772  C  CA  . LYS A 1 101 ? -4.396  -12.414 -4.622  1.00 19.25 ? 100 LYS A CA  1 
ATOM   773  C  C   . LYS A 1 101 ? -4.548  -11.105 -3.844  1.00 17.73 ? 100 LYS A C   1 
ATOM   774  O  O   . LYS A 1 101 ? -4.249  -10.050 -4.376  1.00 17.13 ? 100 LYS A O   1 
ATOM   775  C  CB  . LYS A 1 101 ? -3.455  -13.354 -3.868  1.00 20.85 ? 100 LYS A CB  1 
ATOM   776  C  CG  . LYS A 1 101 ? -2.038  -12.787 -3.751  1.00 21.94 ? 100 LYS A CG  1 
ATOM   777  C  CD  . LYS A 1 101 ? -1.152  -13.816 -3.040  1.00 23.00 ? 100 LYS A CD  1 
ATOM   778  C  CE  . LYS A 1 101 ? -1.396  -13.787 -1.531  1.00 23.09 ? 100 LYS A CE  1 
ATOM   779  N  NZ  . LYS A 1 101 ? -1.072  -12.453 -0.940  1.00 22.50 ? 100 LYS A NZ  1 
ATOM   780  N  N   . THR A 1 102 ? -5.043  -11.219 -2.613  1.00 16.57 ? 101 THR A N   1 
ATOM   781  C  CA  . THR A 1 102 ? -5.199  -10.006 -1.800  1.00 16.23 ? 101 THR A CA  1 
ATOM   782  C  C   . THR A 1 102 ? -4.117  -10.001 -0.725  1.00 15.58 ? 101 THR A C   1 
ATOM   783  O  O   . THR A 1 102 ? -3.548  -11.052 -0.474  1.00 17.46 ? 101 THR A O   1 
ATOM   784  C  CB  . THR A 1 102 ? -6.584  -9.933  -1.140  1.00 16.96 ? 101 THR A CB  1 
ATOM   785  O  OG1 . THR A 1 102 ? -6.678  -11.012 -0.207  1.00 18.06 ? 101 THR A OG1 1 
ATOM   786  C  CG2 . THR A 1 102 ? -7.701  -10.016 -2.178  1.00 18.59 ? 101 THR A CG2 1 
ATOM   787  N  N   . GLY A 1 103 ? -3.819  -8.834  -0.158  1.00 15.24 ? 102 GLY A N   1 
ATOM   788  C  CA  . GLY A 1 103 ? -2.807  -8.790  0.887   1.00 15.89 ? 102 GLY A CA  1 
ATOM   789  C  C   . GLY A 1 103 ? -1.472  -8.315  0.324   1.00 16.18 ? 102 GLY A C   1 
ATOM   790  O  O   . GLY A 1 103 ? -1.273  -8.214  -0.893  1.00 18.01 ? 102 GLY A O   1 
ATOM   791  N  N   . TYR A 1 104 ? -0.546  -8.060  1.253   1.00 14.91 ? 103 TYR A N   1 
ATOM   792  C  CA  . TYR A 1 104 ? 0.773   -7.580  0.834   1.00 14.79 ? 103 TYR A CA  1 
ATOM   793  C  C   . TYR A 1 104 ? 1.695   -8.702  0.395   1.00 15.45 ? 103 TYR A C   1 
ATOM   794  O  O   . TYR A 1 104 ? 1.806   -9.724  1.075   1.00 14.99 ? 103 TYR A O   1 
ATOM   795  C  CB  . TYR A 1 104 ? 1.424   -6.901  2.052   1.00 14.69 ? 103 TYR A CB  1 
ATOM   796  C  CG  . TYR A 1 104 ? 2.834   -6.398  1.836   1.00 14.40 ? 103 TYR A CG  1 
ATOM   797  C  CD1 . TYR A 1 104 ? 3.081   -5.143  1.303   1.00 13.88 ? 103 TYR A CD1 1 
ATOM   798  C  CD2 . TYR A 1 104 ? 3.933   -7.186  2.193   1.00 15.11 ? 103 TYR A CD2 1 
ATOM   799  C  CE1 . TYR A 1 104 ? 4.358   -4.639  1.115   1.00 14.84 ? 103 TYR A CE1 1 
ATOM   800  C  CE2 . TYR A 1 104 ? 5.216   -6.678  2.027   1.00 14.09 ? 103 TYR A CE2 1 
ATOM   801  C  CZ  . TYR A 1 104 ? 5.433   -5.438  1.477   1.00 14.81 ? 103 TYR A CZ  1 
ATOM   802  O  OH  . TYR A 1 104 ? 6.717   -4.956  1.285   1.00 14.87 ? 103 TYR A OH  1 
ATOM   803  N  N   . ASP A 1 105 ? 2.408   -8.488  -0.710  1.00 13.48 ? 104 ASP A N   1 
ATOM   804  C  CA  . ASP A 1 105 ? 3.558   -9.321  -1.057  1.00 13.48 ? 104 ASP A CA  1 
ATOM   805  C  C   . ASP A 1 105 ? 4.649   -8.322  -1.451  1.00 14.39 ? 104 ASP A C   1 
ATOM   806  O  O   . ASP A 1 105 ? 4.419   -7.380  -2.204  1.00 15.03 ? 104 ASP A O   1 
ATOM   807  C  CB  . ASP A 1 105 ? 3.288   -10.333 -2.176  1.00 15.00 ? 104 ASP A CB  1 
ATOM   808  C  CG  . ASP A 1 105 ? 2.296   -11.375 -1.681  1.00 16.03 ? 104 ASP A CG  1 
ATOM   809  O  OD1 . ASP A 1 105 ? 2.689   -12.247 -0.879  1.00 16.21 ? 104 ASP A OD1 1 
ATOM   810  O  OD2 . ASP A 1 105 ? 1.113   -11.298 -2.065  1.00 17.02 ? 104 ASP A OD2 1 
ATOM   811  N  N   . GLY A 1 106 ? 5.863   -8.501  -0.936  1.00 13.94 ? 105 GLY A N   1 
ATOM   812  C  CA  . GLY A 1 106 ? 6.931   -7.543  -1.096  1.00 14.79 ? 105 GLY A CA  1 
ATOM   813  C  C   . GLY A 1 106 ? 7.709   -7.517  -2.410  1.00 13.91 ? 105 GLY A C   1 
ATOM   814  O  O   . GLY A 1 106 ? 7.406   -8.181  -3.380  1.00 14.44 ? 105 GLY A O   1 
ATOM   815  N  N   . ALA A 1 107 ? 8.744   -6.674  -2.381  1.00 15.36 ? 106 ALA A N   1 
ATOM   816  C  CA  . ALA A 1 107 ? 9.625   -6.482  -3.539  1.00 15.61 ? 106 ALA A CA  1 
ATOM   817  C  C   . ALA A 1 107 ? 10.326  -7.771  -3.938  1.00 16.18 ? 106 ALA A C   1 
ATOM   818  O  O   . ALA A 1 107 ? 10.818  -8.550  -3.116  1.00 15.35 ? 106 ALA A O   1 
ATOM   819  C  CB  . ALA A 1 107 ? 10.677  -5.437  -3.170  1.00 15.37 ? 106 ALA A CB  1 
ATOM   820  N  N   . ALA A 1 108 ? 10.494  -7.963  -5.250  1.00 15.76 ? 107 ALA A N   1 
ATOM   821  C  CA  . ALA A 1 108 ? 11.259  -9.092  -5.779  1.00 16.71 ? 107 ALA A CA  1 
ATOM   822  C  C   . ALA A 1 108 ? 11.628  -8.780  -7.234  1.00 17.15 ? 107 ALA A C   1 
ATOM   823  O  O   . ALA A 1 108 ? 11.180  -9.475  -8.141  1.00 18.39 ? 107 ALA A O   1 
ATOM   824  C  CB  . ALA A 1 108 ? 10.471  -10.386 -5.726  1.00 17.28 ? 107 ALA A CB  1 
ATOM   825  N  N   . PRO A 1 109 ? 12.436  -7.756  -7.411  1.00 17.62 ? 108 PRO A N   1 
ATOM   826  C  CA  . PRO A 1 109 ? 12.807  -7.306  -8.750  1.00 18.23 ? 108 PRO A CA  1 
ATOM   827  C  C   . PRO A 1 109 ? 13.766  -8.246  -9.444  1.00 19.33 ? 108 PRO A C   1 
ATOM   828  O  O   . PRO A 1 109 ? 14.358  -9.119  -8.811  1.00 19.28 ? 108 PRO A O   1 
ATOM   829  C  CB  . PRO A 1 109 ? 13.451  -5.941  -8.491  1.00 17.72 ? 108 PRO A CB  1 
ATOM   830  C  CG  . PRO A 1 109 ? 14.046  -6.080  -7.123  1.00 18.20 ? 108 PRO A CG  1 
ATOM   831  C  CD  . PRO A 1 109 ? 13.000  -6.872  -6.350  1.00 17.47 ? 108 PRO A CD  1 
ATOM   832  N  N   . PRO A 1 110 ? 13.919  -8.063  -10.750 1.00 21.16 ? 109 PRO A N   1 
ATOM   833  C  CA  . PRO A 1 110 ? 14.897  -8.849  -11.503 1.00 22.90 ? 109 PRO A CA  1 
ATOM   834  C  C   . PRO A 1 110 ? 16.229  -8.723  -10.782 1.00 25.11 ? 109 PRO A C   1 
ATOM   835  O  O   . PRO A 1 110 ? 16.603  -7.637  -10.343 1.00 24.24 ? 109 PRO A O   1 
ATOM   836  C  CB  . PRO A 1 110 ? 14.871  -8.202  -12.877 1.00 23.50 ? 109 PRO A CB  1 
ATOM   837  C  CG  . PRO A 1 110 ? 13.499  -7.600  -12.987 1.00 22.97 ? 109 PRO A CG  1 
ATOM   838  C  CD  . PRO A 1 110 ? 13.226  -7.066  -11.594 1.00 21.03 ? 109 PRO A CD  1 
ATOM   839  N  N   . LYS A 1 111 ? 16.955  -9.834  -10.659 1.00 27.70 ? 110 LYS A N   1 
ATOM   840  C  CA  . LYS A 1 111 ? 18.241  -9.810  -9.959  1.00 30.92 ? 110 LYS A CA  1 
ATOM   841  C  C   . LYS A 1 111 ? 19.100  -8.618  -10.365 1.00 30.18 ? 110 LYS A C   1 
ATOM   842  O  O   . LYS A 1 111 ? 19.310  -8.353  -11.551 1.00 29.41 ? 110 LYS A O   1 
ATOM   843  C  CB  . LYS A 1 111 ? 18.983  -11.130 -10.206 1.00 34.01 ? 110 LYS A CB  1 
ATOM   844  C  CG  . LYS A 1 111 ? 20.452  -11.106 -9.812  1.00 37.07 ? 110 LYS A CG  1 
ATOM   845  C  CD  . LYS A 1 111 ? 21.100  -12.474 -10.034 1.00 39.15 ? 110 LYS A CD  1 
ATOM   846  C  CE  . LYS A 1 111 ? 22.568  -12.441 -9.628  1.00 40.56 ? 110 LYS A CE  1 
ATOM   847  N  NZ  . LYS A 1 111 ? 22.726  -11.937 -8.232  1.00 42.72 ? 110 LYS A NZ  1 
ATOM   848  N  N   . GLY A 1 112 ? 19.563  -7.862  -9.372  1.00 29.42 ? 111 GLY A N   1 
ATOM   849  C  CA  . GLY A 1 112 ? 20.406  -6.706  -9.595  1.00 29.20 ? 111 GLY A CA  1 
ATOM   850  C  C   . GLY A 1 112 ? 19.731  -5.395  -9.940  1.00 28.54 ? 111 GLY A C   1 
ATOM   851  O  O   . GLY A 1 112 ? 20.423  -4.374  -10.060 1.00 29.46 ? 111 GLY A O   1 
ATOM   852  N  N   . GLU A 1 113 ? 18.423  -5.364  -10.147 1.00 25.76 ? 112 GLU A N   1 
ATOM   853  C  CA  . GLU A 1 113 ? 17.727  -4.127  -10.488 1.00 24.72 ? 112 GLU A CA  1 
ATOM   854  C  C   . GLU A 1 113 ? 17.288  -3.420  -9.203  1.00 23.64 ? 112 GLU A C   1 
ATOM   855  O  O   . GLU A 1 113 ? 17.101  -4.096  -8.195  1.00 23.19 ? 112 GLU A O   1 
ATOM   856  C  CB  . GLU A 1 113 ? 16.499  -4.387  -11.354 1.00 25.74 ? 112 GLU A CB  1 
ATOM   857  C  CG  . GLU A 1 113 ? 16.803  -4.924  -12.747 1.00 28.41 ? 112 GLU A CG  1 
ATOM   858  C  CD  . GLU A 1 113 ? 15.622  -4.842  -13.688 1.00 30.66 ? 112 GLU A CD  1 
ATOM   859  O  OE1 . GLU A 1 113 ? 14.526  -4.322  -13.339 1.00 31.05 ? 112 GLU A OE1 1 
ATOM   860  O  OE2 . GLU A 1 113 ? 15.757  -5.294  -14.854 1.00 31.33 ? 112 GLU A OE2 1 
ATOM   861  N  N   . THR A 1 114 ? 17.235  -2.101  -9.255  1.00 22.00 ? 113 THR A N   1 
ATOM   862  C  CA  . THR A 1 114 ? 16.752  -1.300  -8.130  1.00 22.26 ? 113 THR A CA  1 
ATOM   863  C  C   . THR A 1 114 ? 15.504  -0.563  -8.592  1.00 21.28 ? 113 THR A C   1 
ATOM   864  O  O   . THR A 1 114 ? 15.528  0.168   -9.590  1.00 21.85 ? 113 THR A O   1 
ATOM   865  C  CB  . THR A 1 114 ? 17.801  -0.272  -7.646  1.00 23.59 ? 113 THR A CB  1 
ATOM   866  O  OG1 . THR A 1 114 ? 18.920  -1.003  -7.090  1.00 23.81 ? 113 THR A OG1 1 
ATOM   867  C  CG2 . THR A 1 114 ? 17.197  0.626   -6.579  1.00 22.54 ? 113 THR A CG2 1 
ATOM   868  N  N   . HIS A 1 115 ? 14.367  -0.816  -7.949  1.00 19.08 ? 114 HIS A N   1 
ATOM   869  C  CA  . HIS A 1 115 ? 13.107  -0.166  -8.286  1.00 18.12 ? 114 HIS A CA  1 
ATOM   870  C  C   . HIS A 1 115 ? 12.600  0.679   -7.126  1.00 17.73 ? 114 HIS A C   1 
ATOM   871  O  O   . HIS A 1 115 ? 13.080  0.496   -6.002  1.00 18.42 ? 114 HIS A O   1 
ATOM   872  C  CB  . HIS A 1 115 ? 12.017  -1.229  -8.546  1.00 17.68 ? 114 HIS A CB  1 
ATOM   873  C  CG  . HIS A 1 115 ? 12.227  -2.116  -9.723  1.00 18.80 ? 114 HIS A CG  1 
ATOM   874  N  ND1 . HIS A 1 115 ? 11.253  -3.008  -10.122 1.00 18.67 ? 114 HIS A ND1 1 
ATOM   875  C  CD2 . HIS A 1 115 ? 13.263  -2.286  -10.587 1.00 17.81 ? 114 HIS A CD2 1 
ATOM   876  C  CE1 . HIS A 1 115 ? 11.682  -3.695  -11.181 1.00 18.98 ? 114 HIS A CE1 1 
ATOM   877  N  NE2 . HIS A 1 115 ? 12.906  -3.270  -11.481 1.00 19.27 ? 114 HIS A NE2 1 
ATOM   878  N  N   . ARG A 1 116 ? 11.662  1.577   -7.397  1.00 16.46 ? 115 ARG A N   1 
ATOM   879  C  CA  . ARG A 1 116 ? 10.981  2.311   -6.346  1.00 17.02 ? 115 ARG A CA  1 
ATOM   880  C  C   . ARG A 1 116 ? 9.761   1.510   -5.884  1.00 16.77 ? 115 ARG A C   1 
ATOM   881  O  O   . ARG A 1 116 ? 9.038   0.976   -6.720  1.00 17.28 ? 115 ARG A O   1 
ATOM   882  C  CB  . ARG A 1 116 ? 10.476  3.666   -6.865  1.00 17.93 ? 115 ARG A CB  1 
ATOM   883  C  CG  . ARG A 1 116 ? 11.597  4.614   -7.297  1.00 19.33 ? 115 ARG A CG  1 
ATOM   884  C  CD  . ARG A 1 116 ? 11.012  5.737   -8.154  1.00 21.00 ? 115 ARG A CD  1 
ATOM   885  N  NE  . ARG A 1 116 ? 10.680  5.300   -9.498  1.00 22.58 ? 115 ARG A NE  1 
ATOM   886  C  CZ  . ARG A 1 116 ? 9.946   5.997   -10.365 1.00 24.10 ? 115 ARG A CZ  1 
ATOM   887  N  NH1 . ARG A 1 116 ? 9.422   7.187   -10.067 1.00 24.46 ? 115 ARG A NH1 1 
ATOM   888  N  NH2 . ARG A 1 116 ? 9.736   5.508   -11.576 1.00 24.55 ? 115 ARG A NH2 1 
ATOM   889  N  N   . TYR A 1 117 ? 9.582   1.413   -4.585  1.00 15.86 ? 116 TYR A N   1 
ATOM   890  C  CA  . TYR A 1 117 ? 8.435   0.759   -3.954  1.00 16.59 ? 116 TYR A CA  1 
ATOM   891  C  C   . TYR A 1 117 ? 7.750   1.884   -3.186  1.00 15.88 ? 116 TYR A C   1 
ATOM   892  O  O   . TYR A 1 117 ? 8.204   2.347   -2.155  1.00 17.03 ? 116 TYR A O   1 
ATOM   893  C  CB  . TYR A 1 117 ? 8.797   -0.465  -3.087  1.00 15.42 ? 116 TYR A CB  1 
ATOM   894  C  CG  . TYR A 1 117 ? 9.390   -1.515  -4.021  1.00 16.17 ? 116 TYR A CG  1 
ATOM   895  C  CD1 . TYR A 1 117 ? 10.755  -1.526  -4.296  1.00 15.44 ? 116 TYR A CD1 1 
ATOM   896  C  CD2 . TYR A 1 117 ? 8.575   -2.445  -4.655  1.00 15.97 ? 116 TYR A CD2 1 
ATOM   897  C  CE1 . TYR A 1 117 ? 11.256  -2.467  -5.171  1.00 16.11 ? 116 TYR A CE1 1 
ATOM   898  C  CE2 . TYR A 1 117 ? 9.078   -3.391  -5.529  1.00 16.56 ? 116 TYR A CE2 1 
ATOM   899  C  CZ  . TYR A 1 117 ? 10.440  -3.384  -5.783  1.00 16.75 ? 116 TYR A CZ  1 
ATOM   900  O  OH  . TYR A 1 117 ? 10.978  -4.304  -6.649  1.00 17.82 ? 116 TYR A OH  1 
ATOM   901  N  N   . ILE A 1 118 ? 6.670   2.387   -3.810  1.00 15.05 ? 117 ILE A N   1 
ATOM   902  C  CA  . ILE A 1 118 ? 6.009   3.566   -3.250  1.00 15.15 ? 117 ILE A CA  1 
ATOM   903  C  C   . ILE A 1 118 ? 4.803   3.188   -2.402  1.00 15.11 ? 117 ILE A C   1 
ATOM   904  O  O   . ILE A 1 118 ? 3.895   2.531   -2.920  1.00 15.71 ? 117 ILE A O   1 
ATOM   905  C  CB  . ILE A 1 118 ? 5.506   4.439   -4.417  1.00 15.70 ? 117 ILE A CB  1 
ATOM   906  C  CG1 . ILE A 1 118 ? 6.671   4.725   -5.386  1.00 17.90 ? 117 ILE A CG1 1 
ATOM   907  C  CG2 . ILE A 1 118 ? 4.889   5.717   -3.871  1.00 16.13 ? 117 ILE A CG2 1 
ATOM   908  C  CD1 . ILE A 1 118 ? 6.233   5.541   -6.593  1.00 19.64 ? 117 ILE A CD1 1 
ATOM   909  N  N   . PHE A 1 119 ? 4.822   3.585   -1.152  1.00 14.25 ? 118 PHE A N   1 
ATOM   910  C  CA  . PHE A 1 119 ? 3.726   3.346   -0.216  1.00 15.08 ? 118 PHE A CA  1 
ATOM   911  C  C   . PHE A 1 119 ? 2.957   4.657   -0.134  1.00 15.89 ? 118 PHE A C   1 
ATOM   912  O  O   . PHE A 1 119 ? 3.506   5.712   0.211   1.00 16.46 ? 118 PHE A O   1 
ATOM   913  C  CB  . PHE A 1 119 ? 4.268   2.949   1.160   1.00 14.74 ? 118 PHE A CB  1 
ATOM   914  C  CG  . PHE A 1 119 ? 4.906   1.581   1.129   1.00 15.58 ? 118 PHE A CG  1 
ATOM   915  C  CD1 . PHE A 1 119 ? 6.223   1.446   0.713   1.00 16.36 ? 118 PHE A CD1 1 
ATOM   916  C  CD2 . PHE A 1 119 ? 4.188   0.454   1.502   1.00 16.69 ? 118 PHE A CD2 1 
ATOM   917  C  CE1 . PHE A 1 119 ? 6.816   0.197   0.676   1.00 17.07 ? 118 PHE A CE1 1 
ATOM   918  C  CE2 . PHE A 1 119 ? 4.788   -0.799  1.448   1.00 17.62 ? 118 PHE A CE2 1 
ATOM   919  C  CZ  . PHE A 1 119 ? 6.102   -0.938  1.035   1.00 16.93 ? 118 PHE A CZ  1 
ATOM   920  N  N   . THR A 1 120 ? 1.666   4.617   -0.465  1.00 14.68 ? 119 THR A N   1 
ATOM   921  C  CA  . THR A 1 120 ? 0.866   5.842   -0.459  1.00 15.46 ? 119 THR A CA  1 
ATOM   922  C  C   . THR A 1 120 ? -0.406  5.694   0.353   1.00 15.51 ? 119 THR A C   1 
ATOM   923  O  O   . THR A 1 120 ? -1.013  4.613   0.381   1.00 15.08 ? 119 THR A O   1 
ATOM   924  C  CB  . THR A 1 120 ? 0.444   6.178   -1.913  1.00 15.93 ? 119 THR A CB  1 
ATOM   925  O  OG1 . THR A 1 120 ? 1.606   6.250   -2.752  1.00 16.39 ? 119 THR A OG1 1 
ATOM   926  C  CG2 . THR A 1 120 ? -0.296  7.512   -1.990  1.00 16.73 ? 119 THR A CG2 1 
ATOM   927  N  N   . VAL A 1 121 ? -0.783  6.771   1.028   1.00 15.30 ? 120 VAL A N   1 
ATOM   928  C  CA  . VAL A 1 121 ? -2.063  6.819   1.734   1.00 15.81 ? 120 VAL A CA  1 
ATOM   929  C  C   . VAL A 1 121 ? -2.843  7.962   1.061   1.00 16.38 ? 120 VAL A C   1 
ATOM   930  O  O   . VAL A 1 121 ? -2.305  9.048   0.831   1.00 16.45 ? 120 VAL A O   1 
ATOM   931  C  CB  . VAL A 1 121 ? -2.006  7.057   3.235   1.00 16.14 ? 120 VAL A CB  1 
ATOM   932  C  CG1 . VAL A 1 121 ? -1.271  8.345   3.600   1.00 18.14 ? 120 VAL A CG1 1 
ATOM   933  C  CG2 . VAL A 1 121 ? -3.420  7.089   3.835   1.00 16.50 ? 120 VAL A CG2 1 
ATOM   934  N  N   . HIS A 1 122 ? -4.077  7.661   0.695   1.00 16.19 ? 121 HIS A N   1 
ATOM   935  C  CA  . HIS A 1 122 ? -4.966  8.652   0.089   1.00 16.00 ? 121 HIS A CA  1 
ATOM   936  C  C   . HIS A 1 122 ? -6.142  8.912   1.026   1.00 16.82 ? 121 HIS A C   1 
ATOM   937  O  O   . HIS A 1 122 ? -6.756  7.963   1.513   1.00 16.62 ? 121 HIS A O   1 
ATOM   938  C  CB  . HIS A 1 122 ? -5.563  8.153   -1.232  1.00 18.49 ? 121 HIS A CB  1 
ATOM   939  C  CG  . HIS A 1 122 ? -4.571  7.769   -2.280  1.00 21.55 ? 121 HIS A CG  1 
ATOM   940  N  ND1 . HIS A 1 122 ? -3.997  8.652   -3.130  1.00 23.93 ? 121 HIS A ND1 1 
ATOM   941  C  CD2 . HIS A 1 122 ? -4.046  6.558   -2.620  1.00 22.92 ? 121 HIS A CD2 1 
ATOM   942  C  CE1 . HIS A 1 122 ? -3.165  8.085   -3.960  1.00 22.10 ? 121 HIS A CE1 1 
ATOM   943  N  NE2 . HIS A 1 122 ? -3.189  6.788   -3.668  1.00 24.10 ? 121 HIS A NE2 1 
ATOM   944  N  N   . ALA A 1 123 ? -6.482  10.192  1.268   1.00 16.70 ? 122 ALA A N   1 
ATOM   945  C  CA  . ALA A 1 123 ? -7.676  10.514  2.032   1.00 16.85 ? 122 ALA A CA  1 
ATOM   946  C  C   . ALA A 1 123 ? -8.814  10.766  1.014   1.00 17.57 ? 122 ALA A C   1 
ATOM   947  O  O   . ALA A 1 123 ? -8.599  11.596  0.130   1.00 18.96 ? 122 ALA A O   1 
ATOM   948  C  CB  . ALA A 1 123 ? -7.474  11.817  2.823   1.00 17.29 ? 122 ALA A CB  1 
ATOM   949  N  N   . LEU A 1 124 ? -9.902  10.045  1.101   1.00 17.91 ? 123 LEU A N   1 
ATOM   950  C  CA  . LEU A 1 124 ? -11.002 10.157  0.156   1.00 19.06 ? 123 LEU A CA  1 
ATOM   951  C  C   . LEU A 1 124 ? -12.185 10.932  0.749   1.00 20.58 ? 123 LEU A C   1 
ATOM   952  O  O   . LEU A 1 124 ? -12.422 10.884  1.961   1.00 19.72 ? 123 LEU A O   1 
ATOM   953  C  CB  . LEU A 1 124 ? -11.499 8.769   -0.264  1.00 20.78 ? 123 LEU A CB  1 
ATOM   954  C  CG  . LEU A 1 124 ? -10.486 7.802   -0.889  1.00 21.97 ? 123 LEU A CG  1 
ATOM   955  C  CD1 . LEU A 1 124 ? -11.218 6.650   -1.569  1.00 21.93 ? 123 LEU A CD1 1 
ATOM   956  C  CD2 . LEU A 1 124 ? -9.547  8.482   -1.861  1.00 23.16 ? 123 LEU A CD2 1 
ATOM   957  N  N   . ASP A 1 125 ? -13.025 11.435  -0.157  1.00 21.70 ? 124 ASP A N   1 
ATOM   958  C  CA  . ASP A 1 125 ? -14.190 12.220  0.270   1.00 22.88 ? 124 ASP A CA  1 
ATOM   959  C  C   . ASP A 1 125 ? -15.459 11.386  0.355   1.00 24.05 ? 124 ASP A C   1 
ATOM   960  O  O   . ASP A 1 125 ? -16.583 11.904  0.485   1.00 23.99 ? 124 ASP A O   1 
ATOM   961  C  CB  . ASP A 1 125 ? -14.358 13.388  -0.700  1.00 23.26 ? 124 ASP A CB  1 
ATOM   962  C  CG  . ASP A 1 125 ? -14.701 12.986  -2.116  1.00 24.47 ? 124 ASP A CG  1 
ATOM   963  O  OD1 . ASP A 1 125 ? -14.966 11.803  -2.386  1.00 23.54 ? 124 ASP A OD1 1 
ATOM   964  O  OD2 . ASP A 1 125 ? -14.729 13.893  -2.986  1.00 26.38 ? 124 ASP A OD2 1 
ATOM   965  N  N   . ILE A 1 126 ? -15.311 10.075  0.267   1.00 23.52 ? 125 ILE A N   1 
ATOM   966  C  CA  . ILE A 1 126 ? -16.418 9.138   0.340   1.00 24.90 ? 125 ILE A CA  1 
ATOM   967  C  C   . ILE A 1 126 ? -16.112 8.024   1.316   1.00 25.56 ? 125 ILE A C   1 
ATOM   968  O  O   . ILE A 1 126 ? -14.949 7.614   1.504   1.00 24.58 ? 125 ILE A O   1 
ATOM   969  C  CB  . ILE A 1 126 ? -16.730 8.639   -1.080  1.00 26.72 ? 125 ILE A CB  1 
ATOM   970  C  CG1 . ILE A 1 126 ? -18.030 7.841   -1.054  1.00 28.89 ? 125 ILE A CG1 1 
ATOM   971  C  CG2 . ILE A 1 126 ? -15.558 7.839   -1.630  1.00 26.90 ? 125 ILE A CG2 1 
ATOM   972  C  CD1 . ILE A 1 126 ? -18.487 7.378   -2.426  1.00 30.75 ? 125 ILE A CD1 1 
ATOM   973  N  N   . GLU A 1 127 ? -17.122 7.570   2.045   1.00 25.62 ? 126 GLU A N   1 
ATOM   974  C  CA  . GLU A 1 127 ? -16.960 6.598   3.109   1.00 27.07 ? 126 GLU A CA  1 
ATOM   975  C  C   . GLU A 1 127 ? -16.535 5.226   2.613   1.00 26.55 ? 126 GLU A C   1 
ATOM   976  O  O   . GLU A 1 127 ? -15.820 4.473   3.280   1.00 25.28 ? 126 GLU A O   1 
ATOM   977  C  CB  . GLU A 1 127 ? -18.263 6.467   3.923   1.00 30.41 ? 126 GLU A CB  1 
ATOM   978  C  CG  . GLU A 1 127 ? -18.148 5.451   5.040   1.00 34.73 ? 126 GLU A CG  1 
ATOM   979  C  CD  . GLU A 1 127 ? -19.345 5.355   5.964   1.00 38.11 ? 126 GLU A CD  1 
ATOM   980  O  OE1 . GLU A 1 127 ? -20.231 6.234   5.920   1.00 39.10 ? 126 GLU A OE1 1 
ATOM   981  O  OE2 . GLU A 1 127 ? -19.371 4.378   6.749   1.00 40.18 ? 126 GLU A OE2 1 
ATOM   982  N  N   . ARG A 1 128 ? -17.082 4.812   1.478   1.00 26.64 ? 127 ARG A N   1 
ATOM   983  C  CA  . ARG A 1 128 ? -16.804 3.486   0.931   1.00 28.29 ? 127 ARG A CA  1 
ATOM   984  C  C   . ARG A 1 128 ? -16.690 3.591   -0.592  1.00 27.11 ? 127 ARG A C   1 
ATOM   985  O  O   . ARG A 1 128 ? -17.582 4.182   -1.203  1.00 26.21 ? 127 ARG A O   1 
ATOM   986  C  CB  . ARG A 1 128 ? -17.925 2.492   1.208   1.00 32.13 ? 127 ARG A CB  1 
ATOM   987  C  CG  . ARG A 1 128 ? -18.173 2.006   2.611   1.00 37.67 ? 127 ARG A CG  1 
ATOM   988  C  CD  . ARG A 1 128 ? -19.581 1.422   2.746   1.00 41.68 ? 127 ARG A CD  1 
ATOM   989  N  NE  . ARG A 1 128 ? -20.131 1.630   4.088   1.00 45.19 ? 127 ARG A NE  1 
ATOM   990  C  CZ  . ARG A 1 128 ? -21.388 1.374   4.446   1.00 46.86 ? 127 ARG A CZ  1 
ATOM   991  N  NH1 . ARG A 1 128 ? -22.275 0.899   3.578   1.00 47.50 ? 127 ARG A NH1 1 
ATOM   992  N  NH2 . ARG A 1 128 ? -21.760 1.609   5.703   1.00 48.06 ? 127 ARG A NH2 1 
ATOM   993  N  N   . ILE A 1 129 ? -15.694 2.934   -1.178  1.00 23.86 ? 128 ILE A N   1 
ATOM   994  C  CA  . ILE A 1 129 ? -15.666 2.842   -2.636  1.00 23.87 ? 128 ILE A CA  1 
ATOM   995  C  C   . ILE A 1 129 ? -16.354 1.515   -2.963  1.00 24.12 ? 128 ILE A C   1 
ATOM   996  O  O   . ILE A 1 129 ? -16.250 0.561   -2.202  1.00 23.77 ? 128 ILE A O   1 
ATOM   997  C  CB  . ILE A 1 129 ? -14.274 2.928   -3.254  1.00 24.44 ? 128 ILE A CB  1 
ATOM   998  C  CG1 . ILE A 1 129 ? -13.309 1.947   -2.586  1.00 25.29 ? 128 ILE A CG1 1 
ATOM   999  C  CG2 . ILE A 1 129 ? -13.743 4.359   -3.158  1.00 24.60 ? 128 ILE A CG2 1 
ATOM   1000 C  CD1 . ILE A 1 129 ? -12.001 1.904   -3.386  1.00 26.99 ? 128 ILE A CD1 1 
ATOM   1001 N  N   . ASP A 1 130 ? -17.094 1.498   -4.057  1.00 26.09 ? 129 ASP A N   1 
ATOM   1002 C  CA  . ASP A 1 130 ? -17.902 0.343   -4.422  1.00 29.05 ? 129 ASP A CA  1 
ATOM   1003 C  C   . ASP A 1 130 ? -17.147 -0.778  -5.119  1.00 27.59 ? 129 ASP A C   1 
ATOM   1004 O  O   . ASP A 1 130 ? -17.089 -0.832  -6.353  1.00 28.35 ? 129 ASP A O   1 
ATOM   1005 C  CB  . ASP A 1 130 ? -19.037 0.885   -5.309  1.00 33.17 ? 129 ASP A CB  1 
ATOM   1006 C  CG  . ASP A 1 130 ? -20.034 -0.211  -5.654  1.00 36.53 ? 129 ASP A CG  1 
ATOM   1007 O  OD1 . ASP A 1 130 ? -20.384 -0.973  -4.722  1.00 38.76 ? 129 ASP A OD1 1 
ATOM   1008 O  OD2 . ASP A 1 130 ? -20.394 -0.247  -6.847  1.00 38.24 ? 129 ASP A OD2 1 
ATOM   1009 N  N   . VAL A 1 131 ? -16.298 -1.470  -4.349  1.00 24.71 ? 130 VAL A N   1 
ATOM   1010 C  CA  . VAL A 1 131 ? -15.480 -2.543  -4.922  1.00 23.71 ? 130 VAL A CA  1 
ATOM   1011 C  C   . VAL A 1 131 ? -15.562 -3.778  -4.039  1.00 23.30 ? 130 VAL A C   1 
ATOM   1012 O  O   . VAL A 1 131 ? -15.884 -3.675  -2.851  1.00 23.30 ? 130 VAL A O   1 
ATOM   1013 C  CB  . VAL A 1 131 ? -13.993 -2.164  -5.071  1.00 23.04 ? 130 VAL A CB  1 
ATOM   1014 C  CG1 . VAL A 1 131 ? -13.779 -1.042  -6.087  1.00 24.11 ? 130 VAL A CG1 1 
ATOM   1015 C  CG2 . VAL A 1 131 ? -13.372 -1.768  -3.741  1.00 21.86 ? 130 VAL A CG2 1 
ATOM   1016 N  N   . ASP A 1 132 ? -15.231 -4.944  -4.588  1.00 22.72 ? 131 ASP A N   1 
ATOM   1017 C  CA  . ASP A 1 132 ? -15.137 -6.156  -3.776  1.00 22.54 ? 131 ASP A CA  1 
ATOM   1018 C  C   . ASP A 1 132 ? -13.671 -6.597  -3.782  1.00 20.19 ? 131 ASP A C   1 
ATOM   1019 O  O   . ASP A 1 132 ? -12.882 -5.930  -4.460  1.00 19.61 ? 131 ASP A O   1 
ATOM   1020 C  CB  . ASP A 1 132 ? -16.071 -7.261  -4.215  1.00 23.91 ? 131 ASP A CB  1 
ATOM   1021 C  CG  . ASP A 1 132 ? -15.872 -7.783  -5.617  1.00 26.97 ? 131 ASP A CG  1 
ATOM   1022 O  OD1 . ASP A 1 132 ? -16.872 -8.263  -6.213  1.00 28.74 ? 131 ASP A OD1 1 
ATOM   1023 O  OD2 . ASP A 1 132 ? -14.760 -7.748  -6.176  1.00 25.27 ? 131 ASP A OD2 1 
ATOM   1024 N  N   . GLU A 1 133 ? -13.347 -7.730  -3.184  1.00 19.86 ? 132 GLU A N   1 
ATOM   1025 C  CA  . GLU A 1 133 ? -11.952 -8.158  -3.132  1.00 21.34 ? 132 GLU A CA  1 
ATOM   1026 C  C   . GLU A 1 133 ? -11.359 -8.507  -4.491  1.00 19.12 ? 132 GLU A C   1 
ATOM   1027 O  O   . GLU A 1 133 ? -10.122 -8.627  -4.528  1.00 18.12 ? 132 GLU A O   1 
ATOM   1028 C  CB  . GLU A 1 133 ? -11.762 -9.332  -2.169  1.00 25.47 ? 132 GLU A CB  1 
ATOM   1029 C  CG  . GLU A 1 133 ? -12.475 -10.612 -2.554  1.00 31.98 ? 132 GLU A CG  1 
ATOM   1030 C  CD  . GLU A 1 133 ? -12.380 -11.678 -1.464  1.00 36.80 ? 132 GLU A CD  1 
ATOM   1031 O  OE1 . GLU A 1 133 ? -11.399 -11.643 -0.684  1.00 38.45 ? 132 GLU A OE1 1 
ATOM   1032 O  OE2 . GLU A 1 133 ? -13.300 -12.532 -1.382  1.00 39.66 ? 132 GLU A OE2 1 
ATOM   1033 N  N   . GLY A 1 134 ? -12.148 -8.687  -5.541  1.00 17.97 ? 133 GLY A N   1 
ATOM   1034 C  CA  . GLY A 1 134 ? -11.555 -8.996  -6.853  1.00 17.19 ? 133 GLY A CA  1 
ATOM   1035 C  C   . GLY A 1 134 ? -11.139 -7.756  -7.631  1.00 17.28 ? 133 GLY A C   1 
ATOM   1036 O  O   . GLY A 1 134 ? -10.636 -7.905  -8.752  1.00 18.15 ? 133 GLY A O   1 
ATOM   1037 N  N   . ALA A 1 135 ? -11.384 -6.555  -7.130  1.00 17.07 ? 134 ALA A N   1 
ATOM   1038 C  CA  . ALA A 1 135 ? -11.053 -5.330  -7.833  1.00 16.00 ? 134 ALA A CA  1 
ATOM   1039 C  C   . ALA A 1 135 ? -9.542  -5.191  -8.022  1.00 16.69 ? 134 ALA A C   1 
ATOM   1040 O  O   . ALA A 1 135 ? -8.810  -5.293  -7.043  1.00 16.72 ? 134 ALA A O   1 
ATOM   1041 C  CB  . ALA A 1 135 ? -11.523 -4.080  -7.080  1.00 15.67 ? 134 ALA A CB  1 
ATOM   1042 N  N   . SER A 1 136 ? -9.152  -4.843  -9.246  1.00 15.61 ? 135 SER A N   1 
ATOM   1043 C  CA  . SER A 1 136 ? -7.748  -4.616  -9.536  1.00 16.13 ? 135 SER A CA  1 
ATOM   1044 C  C   . SER A 1 136 ? -7.237  -3.304  -8.937  1.00 14.65 ? 135 SER A C   1 
ATOM   1045 O  O   . SER A 1 136 ? -8.028  -2.429  -8.583  1.00 15.84 ? 135 SER A O   1 
ATOM   1046 C  CB  . SER A 1 136 ? -7.531  -4.504  -11.054 1.00 16.60 ? 135 SER A CB  1 
ATOM   1047 O  OG  . SER A 1 136 ? -8.135  -3.340  -11.591 1.00 17.97 ? 135 SER A OG  1 
ATOM   1048 N  N   . GLY A 1 137 ? -5.898  -3.185  -8.905  1.00 14.38 ? 136 GLY A N   1 
ATOM   1049 C  CA  . GLY A 1 137 ? -5.316  -1.928  -8.374  1.00 14.64 ? 136 GLY A CA  1 
ATOM   1050 C  C   . GLY A 1 137 ? -5.763  -0.777  -9.279  1.00 13.57 ? 136 GLY A C   1 
ATOM   1051 O  O   . GLY A 1 137 ? -5.995  0.314   -8.745  1.00 14.74 ? 136 GLY A O   1 
ATOM   1052 N  N   . ALA A 1 138 ? -5.884  -0.985  -10.607 1.00 13.83 ? 137 ALA A N   1 
ATOM   1053 C  CA  . ALA A 1 138 ? -6.325  0.113   -11.462 1.00 13.90 ? 137 ALA A CA  1 
ATOM   1054 C  C   . ALA A 1 138 ? -7.768  0.514   -11.159 1.00 15.18 ? 137 ALA A C   1 
ATOM   1055 O  O   . ALA A 1 138 ? -8.100  1.702   -11.202 1.00 14.69 ? 137 ALA A O   1 
ATOM   1056 C  CB  . ALA A 1 138 ? -6.196  -0.255  -12.945 1.00 15.02 ? 137 ALA A CB  1 
HETATM 1057 N  N   . MSE A 1 139 ? -8.603  -0.476  -10.866 1.00 15.67 ? 138 MSE A N   1 
HETATM 1058 C  CA  . MSE A 1 139 ? -10.005 -0.198  -10.561 1.00 17.72 ? 138 MSE A CA  1 
HETATM 1059 C  C   . MSE A 1 139 ? -10.088 0.609   -9.267  1.00 17.66 ? 138 MSE A C   1 
HETATM 1060 O  O   . MSE A 1 139 ? -10.813 1.592   -9.208  1.00 17.70 ? 138 MSE A O   1 
HETATM 1061 C  CB  . MSE A 1 139 ? -10.809 -1.489  -10.469 1.00 20.72 ? 138 MSE A CB  1 
HETATM 1062 C  CG  . MSE A 1 139 ? -12.215 -1.294  -9.903  1.00 24.79 ? 138 MSE A CG  1 
HETATM 1063 SE SE  . MSE A 1 139 ? -13.335 -0.342  -11.129 1.00 34.41 ? 138 MSE A SE  1 
HETATM 1064 C  CE  . MSE A 1 139 ? -13.716 -1.755  -12.178 1.00 28.97 ? 138 MSE A CE  1 
ATOM   1065 N  N   . VAL A 1 140 ? -9.304  0.227   -8.263  1.00 15.43 ? 139 VAL A N   1 
ATOM   1066 C  CA  . VAL A 1 140 ? -9.258  1.076   -7.057  1.00 15.37 ? 139 VAL A CA  1 
ATOM   1067 C  C   . VAL A 1 140 ? -8.722  2.455   -7.405  1.00 15.91 ? 139 VAL A C   1 
ATOM   1068 O  O   . VAL A 1 140 ? -9.240  3.472   -6.923  1.00 16.88 ? 139 VAL A O   1 
ATOM   1069 C  CB  . VAL A 1 140 ? -8.416  0.383   -5.967  1.00 15.59 ? 139 VAL A CB  1 
ATOM   1070 C  CG1 . VAL A 1 140 ? -8.179  1.297   -4.774  1.00 14.85 ? 139 VAL A CG1 1 
ATOM   1071 C  CG2 . VAL A 1 140 ? -9.174  -0.849  -5.479  1.00 15.63 ? 139 VAL A CG2 1 
ATOM   1072 N  N   . GLY A 1 141 ? -7.657  2.546   -8.195  1.00 14.98 ? 140 GLY A N   1 
ATOM   1073 C  CA  . GLY A 1 141 ? -7.004  3.779   -8.610  1.00 16.10 ? 140 GLY A CA  1 
ATOM   1074 C  C   . GLY A 1 141 ? -7.955  4.736   -9.323  1.00 17.92 ? 140 GLY A C   1 
ATOM   1075 O  O   . GLY A 1 141 ? -7.897  5.961   -9.196  1.00 18.67 ? 140 GLY A O   1 
ATOM   1076 N  N   . PHE A 1 142 ? -8.837  4.161   -10.133 1.00 17.25 ? 141 PHE A N   1 
ATOM   1077 C  CA  . PHE A 1 142 ? -9.886  4.929   -10.826 1.00 18.71 ? 141 PHE A CA  1 
ATOM   1078 C  C   . PHE A 1 142 ? -10.773 5.627   -9.796  1.00 18.80 ? 141 PHE A C   1 
ATOM   1079 O  O   . PHE A 1 142 ? -11.044 6.829   -9.928  1.00 19.42 ? 141 PHE A O   1 
ATOM   1080 C  CB  . PHE A 1 142 ? -10.668 3.959   -11.707 1.00 19.83 ? 141 PHE A CB  1 
ATOM   1081 C  CG  . PHE A 1 142 ? -11.950 4.469   -12.310 1.00 22.41 ? 141 PHE A CG  1 
ATOM   1082 C  CD1 . PHE A 1 142 ? -11.935 5.621   -13.069 1.00 23.26 ? 141 PHE A CD1 1 
ATOM   1083 C  CD2 . PHE A 1 142 ? -13.131 3.767   -12.143 1.00 24.34 ? 141 PHE A CD2 1 
ATOM   1084 C  CE1 . PHE A 1 142 ? -13.120 6.095   -13.629 1.00 24.39 ? 141 PHE A CE1 1 
ATOM   1085 C  CE2 . PHE A 1 142 ? -14.312 4.232   -12.716 1.00 25.47 ? 141 PHE A CE2 1 
ATOM   1086 C  CZ  . PHE A 1 142 ? -14.284 5.397   -13.454 1.00 24.82 ? 141 PHE A CZ  1 
ATOM   1087 N  N   . ASN A 1 143 ? -11.183 4.889   -8.774  1.00 18.45 ? 142 ASN A N   1 
ATOM   1088 C  CA  . ASN A 1 143 ? -12.018 5.451   -7.705  1.00 19.19 ? 142 ASN A CA  1 
ATOM   1089 C  C   . ASN A 1 143 ? -11.222 6.469   -6.922  1.00 20.08 ? 142 ASN A C   1 
ATOM   1090 O  O   . ASN A 1 143 ? -11.697 7.578   -6.639  1.00 20.37 ? 142 ASN A O   1 
ATOM   1091 C  CB  . ASN A 1 143 ? -12.545 4.320   -6.829  1.00 20.67 ? 142 ASN A CB  1 
ATOM   1092 C  CG  . ASN A 1 143 ? -13.700 3.596   -7.482  1.00 22.57 ? 142 ASN A CG  1 
ATOM   1093 O  OD1 . ASN A 1 143 ? -14.834 4.111   -7.422  1.00 23.40 ? 142 ASN A OD1 1 
ATOM   1094 N  ND2 . ASN A 1 143 ? -13.470 2.452   -8.113  1.00 21.42 ? 142 ASN A ND2 1 
ATOM   1095 N  N   . VAL A 1 144 ? -9.960  6.167   -6.587  1.00 18.61 ? 143 VAL A N   1 
ATOM   1096 C  CA  . VAL A 1 144 ? -9.134  7.135   -5.866  1.00 19.96 ? 143 VAL A CA  1 
ATOM   1097 C  C   . VAL A 1 144 ? -9.004  8.450   -6.623  1.00 20.96 ? 143 VAL A C   1 
ATOM   1098 O  O   . VAL A 1 144 ? -9.120  9.560   -6.068  1.00 21.10 ? 143 VAL A O   1 
ATOM   1099 C  CB  . VAL A 1 144 ? -7.747  6.527   -5.565  1.00 19.86 ? 143 VAL A CB  1 
ATOM   1100 C  CG1 . VAL A 1 144 ? -6.733  7.573   -5.136  1.00 21.35 ? 143 VAL A CG1 1 
ATOM   1101 C  CG2 . VAL A 1 144 ? -7.921  5.458   -4.491  1.00 19.28 ? 143 VAL A CG2 1 
ATOM   1102 N  N   . HIS A 1 145 ? -8.776  8.388   -7.931  1.00 20.26 ? 144 HIS A N   1 
ATOM   1103 C  CA  . HIS A 1 145 ? -8.612  9.585   -8.740  1.00 22.19 ? 144 HIS A CA  1 
ATOM   1104 C  C   . HIS A 1 145 ? -9.778  10.558  -8.609  1.00 22.88 ? 144 HIS A C   1 
ATOM   1105 O  O   . HIS A 1 145 ? -9.542  11.775  -8.523  1.00 23.71 ? 144 HIS A O   1 
ATOM   1106 C  CB  . HIS A 1 145 ? -8.442  9.195   -10.219 1.00 23.05 ? 144 HIS A CB  1 
ATOM   1107 C  CG  . HIS A 1 145 ? -8.262  10.391  -11.105 1.00 24.52 ? 144 HIS A CG  1 
ATOM   1108 N  ND1 . HIS A 1 145 ? -7.067  11.056  -11.269 1.00 25.95 ? 144 HIS A ND1 1 
ATOM   1109 C  CD2 . HIS A 1 145 ? -9.174  11.035  -11.881 1.00 25.52 ? 144 HIS A CD2 1 
ATOM   1110 C  CE1 . HIS A 1 145 ? -7.245  12.064  -12.114 1.00 25.76 ? 144 HIS A CE1 1 
ATOM   1111 N  NE2 . HIS A 1 145 ? -8.503  12.067  -12.499 1.00 26.49 ? 144 HIS A NE2 1 
ATOM   1112 N  N   . PHE A 1 146 ? -10.997 10.054  -8.612  1.00 22.79 ? 145 PHE A N   1 
ATOM   1113 C  CA  . PHE A 1 146 ? -12.166 10.936  -8.521  1.00 25.22 ? 145 PHE A CA  1 
ATOM   1114 C  C   . PHE A 1 146 ? -12.574 11.295  -7.115  1.00 25.08 ? 145 PHE A C   1 
ATOM   1115 O  O   . PHE A 1 146 ? -13.433 12.188  -6.946  1.00 26.17 ? 145 PHE A O   1 
ATOM   1116 C  CB  . PHE A 1 146 ? -13.319 10.285  -9.308  1.00 26.98 ? 145 PHE A CB  1 
ATOM   1117 C  CG  . PHE A 1 146 ? -13.002 10.383  -10.786 1.00 29.54 ? 145 PHE A CG  1 
ATOM   1118 C  CD1 . PHE A 1 146 ? -12.484 9.295   -11.466 1.00 29.94 ? 145 PHE A CD1 1 
ATOM   1119 C  CD2 . PHE A 1 146 ? -13.142 11.591  -11.458 1.00 30.46 ? 145 PHE A CD2 1 
ATOM   1120 C  CE1 . PHE A 1 146 ? -12.154 9.394   -12.800 1.00 30.99 ? 145 PHE A CE1 1 
ATOM   1121 C  CE2 . PHE A 1 146 ? -12.777 11.703  -12.788 1.00 31.63 ? 145 PHE A CE2 1 
ATOM   1122 C  CZ  . PHE A 1 146 ? -12.297 10.596  -13.470 1.00 31.84 ? 145 PHE A CZ  1 
ATOM   1123 N  N   . HIS A 1 147 ? -11.982 10.677  -6.086  1.00 23.40 ? 146 HIS A N   1 
ATOM   1124 C  CA  . HIS A 1 147 ? -12.436 10.944  -4.727  1.00 23.14 ? 146 HIS A CA  1 
ATOM   1125 C  C   . HIS A 1 147 ? -11.337 11.419  -3.788  1.00 23.07 ? 146 HIS A C   1 
ATOM   1126 O  O   . HIS A 1 147 ? -11.656 11.718  -2.635  1.00 22.10 ? 146 HIS A O   1 
ATOM   1127 C  CB  . HIS A 1 147 ? -13.115 9.703   -4.121  1.00 24.07 ? 146 HIS A CB  1 
ATOM   1128 C  CG  . HIS A 1 147 ? -14.457 9.443   -4.733  1.00 26.59 ? 146 HIS A CG  1 
ATOM   1129 N  ND1 . HIS A 1 147 ? -14.674 8.454   -5.667  1.00 27.78 ? 146 HIS A ND1 1 
ATOM   1130 C  CD2 . HIS A 1 147 ? -15.634 10.099  -4.572  1.00 26.52 ? 146 HIS A CD2 1 
ATOM   1131 C  CE1 . HIS A 1 147 ? -15.958 8.484   -6.038  1.00 27.64 ? 146 HIS A CE1 1 
ATOM   1132 N  NE2 . HIS A 1 147 ? -16.547 9.474   -5.392  1.00 29.46 ? 146 HIS A NE2 1 
ATOM   1133 N  N   . SER A 1 148 ? -10.108 11.492  -4.267  1.00 22.45 ? 147 SER A N   1 
ATOM   1134 C  CA  . SER A 1 148 ? -8.998  11.889  -3.404  1.00 22.56 ? 147 SER A CA  1 
ATOM   1135 C  C   . SER A 1 148 ? -9.021  13.358  -2.990  1.00 23.54 ? 147 SER A C   1 
ATOM   1136 O  O   . SER A 1 148 ? -9.063  14.234  -3.858  1.00 25.13 ? 147 SER A O   1 
ATOM   1137 C  CB  . SER A 1 148 ? -7.667  11.638  -4.136  1.00 24.08 ? 147 SER A CB  1 
ATOM   1138 O  OG  . SER A 1 148 ? -6.593  11.912  -3.242  1.00 25.24 ? 147 SER A OG  1 
ATOM   1139 N  N   . LEU A 1 149 ? -8.849  13.616  -1.699  1.00 22.08 ? 148 LEU A N   1 
ATOM   1140 C  CA  . LEU A 1 149 ? -8.661  14.956  -1.173  1.00 22.14 ? 148 LEU A CA  1 
ATOM   1141 C  C   . LEU A 1 149 ? -7.191  15.285  -0.975  1.00 22.18 ? 148 LEU A C   1 
ATOM   1142 O  O   . LEU A 1 149 ? -6.796  16.450  -0.997  1.00 23.71 ? 148 LEU A O   1 
ATOM   1143 C  CB  . LEU A 1 149 ? -9.370  15.093  0.181   1.00 22.24 ? 148 LEU A CB  1 
ATOM   1144 C  CG  . LEU A 1 149 ? -10.896 15.012  0.104   1.00 23.26 ? 148 LEU A CG  1 
ATOM   1145 C  CD1 . LEU A 1 149 ? -11.506 14.922  1.483   1.00 24.06 ? 148 LEU A CD1 1 
ATOM   1146 C  CD2 . LEU A 1 149 ? -11.415 16.218  -0.687  1.00 23.54 ? 148 LEU A CD2 1 
ATOM   1147 N  N   . ALA A 1 150 ? -6.362  14.267  -0.732  1.00 20.46 ? 149 ALA A N   1 
ATOM   1148 C  CA  . ALA A 1 150 ? -4.943  14.454  -0.525  1.00 19.13 ? 149 ALA A CA  1 
ATOM   1149 C  C   . ALA A 1 150 ? -4.242  13.082  -0.458  1.00 19.03 ? 149 ALA A C   1 
ATOM   1150 O  O   . ALA A 1 150 ? -4.921  12.085  -0.249  1.00 19.14 ? 149 ALA A O   1 
ATOM   1151 C  CB  . ALA A 1 150 ? -4.670  15.140  0.807   1.00 20.66 ? 149 ALA A CB  1 
ATOM   1152 N  N   . SER A 1 151 ? -2.937  13.111  -0.626  1.00 19.31 ? 150 SER A N   1 
ATOM   1153 C  CA  . SER A 1 151 ? -2.181  11.855  -0.515  1.00 19.70 ? 150 SER A CA  1 
ATOM   1154 C  C   . SER A 1 151 ? -0.822  12.174  0.076   1.00 19.55 ? 150 SER A C   1 
ATOM   1155 O  O   . SER A 1 151 ? -0.362  13.320  0.066   1.00 20.84 ? 150 SER A O   1 
ATOM   1156 C  CB  . SER A 1 151 ? -2.023  11.183  -1.879  1.00 20.75 ? 150 SER A CB  1 
ATOM   1157 O  OG  . SER A 1 151 ? -1.102  11.861  -2.712  1.00 21.86 ? 150 SER A OG  1 
ATOM   1158 N  N   . ALA A 1 152 ? -0.157  11.143  0.597   1.00 19.50 ? 151 ALA A N   1 
ATOM   1159 C  CA  . ALA A 1 152 ? 1.182   11.278  1.161   1.00 19.04 ? 151 ALA A CA  1 
ATOM   1160 C  C   . ALA A 1 152 ? 1.897   9.948   0.882   1.00 19.22 ? 151 ALA A C   1 
ATOM   1161 O  O   . ALA A 1 152 ? 1.217   8.924   0.911   1.00 18.62 ? 151 ALA A O   1 
ATOM   1162 C  CB  . ALA A 1 152 ? 1.148   11.560  2.646   1.00 20.73 ? 151 ALA A CB  1 
ATOM   1163 N  N   . SER A 1 153 ? 3.195   10.001  0.614   1.00 18.54 ? 152 SER A N   1 
ATOM   1164 C  CA  . SER A 1 153 ? 3.858   8.722   0.332   1.00 18.47 ? 152 SER A CA  1 
ATOM   1165 C  C   . SER A 1 153 ? 5.265   8.643   0.909   1.00 18.77 ? 152 SER A C   1 
ATOM   1166 O  O   . SER A 1 153 ? 5.868   9.625   1.338   1.00 18.56 ? 152 SER A O   1 
ATOM   1167 C  CB  . SER A 1 153 ? 3.958   8.521   -1.188  1.00 20.50 ? 152 SER A CB  1 
ATOM   1168 O  OG  . SER A 1 153 ? 4.806   9.536   -1.722  1.00 22.60 ? 152 SER A OG  1 
ATOM   1169 N  N   . ILE A 1 154 ? 5.753   7.426   0.944   1.00 16.41 ? 153 ILE A N   1 
ATOM   1170 C  CA  . ILE A 1 154 ? 7.116   7.079   1.357   1.00 18.35 ? 153 ILE A CA  1 
ATOM   1171 C  C   . ILE A 1 154 ? 7.611   6.107   0.286   1.00 18.26 ? 153 ILE A C   1 
ATOM   1172 O  O   . ILE A 1 154 ? 6.925   5.133   -0.019  1.00 18.44 ? 153 ILE A O   1 
ATOM   1173 C  CB  . ILE A 1 154 ? 7.207   6.362   2.715   1.00 19.30 ? 153 ILE A CB  1 
ATOM   1174 C  CG1 . ILE A 1 154 ? 6.826   7.306   3.852   1.00 20.99 ? 153 ILE A CG1 1 
ATOM   1175 C  CG2 . ILE A 1 154 ? 8.615   5.778   2.942   1.00 18.96 ? 153 ILE A CG2 1 
ATOM   1176 C  CD1 . ILE A 1 154 ? 6.715   6.630   5.206   1.00 23.04 ? 153 ILE A CD1 1 
ATOM   1177 N  N   . THR A 1 155 ? 8.803   6.355   -0.264  1.00 18.50 ? 154 THR A N   1 
ATOM   1178 C  CA  . THR A 1 155 ? 9.333   5.463   -1.291  1.00 18.57 ? 154 THR A CA  1 
ATOM   1179 C  C   . THR A 1 155 ? 10.581  4.757   -0.770  1.00 20.43 ? 154 THR A C   1 
ATOM   1180 O  O   . THR A 1 155 ? 11.484  5.426   -0.248  1.00 20.82 ? 154 THR A O   1 
ATOM   1181 C  CB  . THR A 1 155 ? 9.691   6.233   -2.570  1.00 20.02 ? 154 THR A CB  1 
ATOM   1182 O  OG1 . THR A 1 155 ? 8.508   6.904   -3.047  1.00 20.41 ? 154 THR A OG1 1 
ATOM   1183 C  CG2 . THR A 1 155 ? 10.248  5.317   -3.653  1.00 20.07 ? 154 THR A CG2 1 
ATOM   1184 N  N   . ALA A 1 156 ? 10.577  3.438   -0.900  1.00 18.58 ? 155 ALA A N   1 
ATOM   1185 C  CA  . ALA A 1 156 ? 11.723  2.655   -0.449  1.00 18.97 ? 155 ALA A CA  1 
ATOM   1186 C  C   . ALA A 1 156 ? 12.339  2.028   -1.697  1.00 19.87 ? 155 ALA A C   1 
ATOM   1187 O  O   . ALA A 1 156 ? 11.635  1.638   -2.630  1.00 19.03 ? 155 ALA A O   1 
ATOM   1188 C  CB  . ALA A 1 156 ? 11.287  1.590   0.540   1.00 20.42 ? 155 ALA A CB  1 
HETATM 1189 N  N   . MSE A 1 157 ? 13.663  1.937   -1.706  1.00 18.38 ? 156 MSE A N   1 
HETATM 1190 C  CA  . MSE A 1 157 ? 14.356  1.426   -2.884  1.00 19.78 ? 156 MSE A CA  1 
HETATM 1191 C  C   . MSE A 1 157 ? 14.785  -0.025  -2.703  1.00 18.71 ? 156 MSE A C   1 
HETATM 1192 O  O   . MSE A 1 157 ? 15.257  -0.398  -1.626  1.00 18.86 ? 156 MSE A O   1 
HETATM 1193 C  CB  . MSE A 1 157 ? 15.628  2.229   -3.185  1.00 23.33 ? 156 MSE A CB  1 
HETATM 1194 C  CG  . MSE A 1 157 ? 15.448  3.731   -3.246  1.00 26.82 ? 156 MSE A CG  1 
HETATM 1195 SE SE  . MSE A 1 157 ? 14.103  4.271   -4.503  1.00 37.10 ? 156 MSE A SE  1 
HETATM 1196 C  CE  . MSE A 1 157 ? 14.867  3.590   -5.954  1.00 31.27 ? 156 MSE A CE  1 
ATOM   1197 N  N   . PHE A 1 158 ? 14.528  -0.846  -3.717  1.00 18.43 ? 157 PHE A N   1 
ATOM   1198 C  CA  . PHE A 1 158 ? 14.915  -2.237  -3.525  1.00 19.58 ? 157 PHE A CA  1 
ATOM   1199 C  C   . PHE A 1 158 ? 15.600  -2.665  -4.812  1.00 20.65 ? 157 PHE A C   1 
ATOM   1200 O  O   . PHE A 1 158 ? 14.767  -2.675  -5.759  1.00 19.11 ? 157 PHE A O   1 
ATOM   1201 C  CB  . PHE A 1 158 ? 13.960  -3.210  -2.886  1.00 19.29 ? 157 PHE A CB  1 
ATOM   1202 C  CG  . PHE A 1 158 ? 14.650  -4.499  -2.477  1.00 17.56 ? 157 PHE A CG  1 
ATOM   1203 C  CD1 . PHE A 1 158 ? 15.482  -4.536  -1.372  1.00 18.41 ? 157 PHE A CD1 1 
ATOM   1204 C  CD2 . PHE A 1 158 ? 14.447  -5.646  -3.220  1.00 17.40 ? 157 PHE A CD2 1 
ATOM   1205 C  CE1 . PHE A 1 158 ? 16.102  -5.726  -0.991  1.00 18.36 ? 157 PHE A CE1 1 
ATOM   1206 C  CE2 . PHE A 1 158 ? 15.060  -6.826  -2.855  1.00 18.14 ? 157 PHE A CE2 1 
ATOM   1207 C  CZ  . PHE A 1 158 ? 15.897  -6.856  -1.756  1.00 17.51 ? 157 PHE A CZ  1 
ATOM   1208 N  N   . SER A 1 159 ? 16.332  -3.722  -5.123  1.00 21.61 ? 158 SER A N   1 
ATOM   1209 C  CA  . SER A 1 159 ? 17.564  -3.954  -4.435  1.00 23.64 ? 158 SER A CA  1 
ATOM   1210 C  C   . SER A 1 159 ? 18.440  -2.758  -4.106  1.00 24.22 ? 158 SER A C   1 
ATOM   1211 O  O   . SER A 1 159 ? 18.378  -1.646  -4.624  1.00 24.28 ? 158 SER A O   1 
ATOM   1212 C  CB  . SER A 1 159 ? 18.367  -5.141  -4.966  1.00 24.56 ? 158 SER A CB  1 
ATOM   1213 O  OG  . SER A 1 159 ? 18.985  -4.785  -6.175  1.00 28.36 ? 158 SER A OG  1 
ATOM   1214 O  OXT . SER A 1 159 ? 19.259  -2.987  -3.159  1.00 26.81 ? 158 SER A OXT 1 
HETATM 1215 N  N1  . EPE B 2 .   ? 7.435   -9.419  -9.978  1.00 20.10 ? 206 EPE A N1  1 
HETATM 1216 C  C2  . EPE B 2 .   ? 6.693   -8.562  -8.918  1.00 19.37 ? 206 EPE A C2  1 
HETATM 1217 C  C3  . EPE B 2 .   ? 6.757   -9.092  -7.456  1.00 19.49 ? 206 EPE A C3  1 
HETATM 1218 N  N4  . EPE B 2 .   ? 6.384   -10.501 -7.437  1.00 19.95 ? 206 EPE A N4  1 
HETATM 1219 C  C5  . EPE B 2 .   ? 7.305   -11.296 -8.315  1.00 19.52 ? 206 EPE A C5  1 
HETATM 1220 C  C6  . EPE B 2 .   ? 6.900   -10.754 -9.786  1.00 20.48 ? 206 EPE A C6  1 
HETATM 1221 C  C7  . EPE B 2 .   ? 6.615   -11.163 -6.134  1.00 21.73 ? 206 EPE A C7  1 
HETATM 1222 C  C8  . EPE B 2 .   ? 5.158   -10.742 -5.153  1.00 19.97 ? 206 EPE A C8  1 
HETATM 1223 O  O8  . EPE B 2 .   ? 5.304   -9.316  -4.802  1.00 18.19 ? 206 EPE A O8  1 
HETATM 1224 C  C9  . EPE B 2 .   ? 7.094   -8.842  -11.342 1.00 20.92 ? 206 EPE A C9  1 
HETATM 1225 C  C10 . EPE B 2 .   ? 7.516   -7.370  -11.435 1.00 21.23 ? 206 EPE A C10 1 
HETATM 1226 S  S   . EPE B 2 .   ? 9.335   -7.249  -11.387 1.00 21.78 ? 206 EPE A S   1 
HETATM 1227 O  O1S . EPE B 2 .   ? 9.606   -5.985  -11.533 1.00 22.35 ? 206 EPE A O1S 1 
HETATM 1228 O  O2S . EPE B 2 .   ? 9.864   -8.228  -12.351 1.00 24.73 ? 206 EPE A O2S 1 
HETATM 1229 O  O3S . EPE B 2 .   ? 9.587   -7.596  -10.060 1.00 20.60 ? 206 EPE A O3S 1 
HETATM 1230 O  O   . HOH C 3 .   ? -4.755  1.122   -6.412  1.00 16.55 ? 207 HOH A O   1 
HETATM 1231 O  O   . HOH C 3 .   ? 1.248   -2.811  7.581   1.00 15.27 ? 208 HOH A O   1 
HETATM 1232 O  O   . HOH C 3 .   ? 7.436   -5.207  -8.580  1.00 16.10 ? 209 HOH A O   1 
HETATM 1233 O  O   . HOH C 3 .   ? 2.436   -10.620 3.620   1.00 15.67 ? 210 HOH A O   1 
HETATM 1234 O  O   . HOH C 3 .   ? -4.311  -6.114  -1.151  1.00 14.95 ? 211 HOH A O   1 
HETATM 1235 O  O   . HOH C 3 .   ? 1.570   3.752   -3.861  1.00 16.07 ? 212 HOH A O   1 
HETATM 1236 O  O   . HOH C 3 .   ? 3.689   -14.756 2.946   1.00 17.56 ? 213 HOH A O   1 
HETATM 1237 O  O   . HOH C 3 .   ? 0.609   -9.033  -3.591  1.00 20.06 ? 214 HOH A O   1 
HETATM 1238 O  O   . HOH C 3 .   ? 12.152  -12.211 -11.229 1.00 46.76 ? 215 HOH A O   1 
HETATM 1239 O  O   . HOH C 3 .   ? -2.416  -5.482  -13.916 1.00 14.75 ? 216 HOH A O   1 
HETATM 1240 O  O   . HOH C 3 .   ? -11.935 3.905   0.630   1.00 17.97 ? 217 HOH A O   1 
HETATM 1241 O  O   . HOH C 3 .   ? 17.527  -18.305 1.280   1.00 19.57 ? 218 HOH A O   1 
HETATM 1242 O  O   . HOH C 3 .   ? 2.756   -8.455  -5.383  1.00 19.51 ? 219 HOH A O   1 
HETATM 1243 O  O   . HOH C 3 .   ? 7.984   -1.779  13.636  1.00 24.87 ? 220 HOH A O   1 
HETATM 1244 O  O   . HOH C 3 .   ? -3.762  -8.819  9.020   1.00 22.54 ? 221 HOH A O   1 
HETATM 1245 O  O   . HOH C 3 .   ? 3.335   -5.439  -21.416 1.00 22.84 ? 222 HOH A O   1 
HETATM 1246 O  O   . HOH C 3 .   ? -3.765  -9.654  5.885   1.00 24.91 ? 223 HOH A O   1 
HETATM 1247 O  O   . HOH C 3 .   ? 14.836  -6.190  7.945   1.00 24.95 ? 224 HOH A O   1 
HETATM 1248 O  O   . HOH C 3 .   ? -4.651  12.339  14.160  1.00 20.04 ? 225 HOH A O   1 
HETATM 1249 O  O   . HOH C 3 .   ? 0.797   -12.656 1.296   1.00 27.24 ? 226 HOH A O   1 
HETATM 1250 O  O   . HOH C 3 .   ? -5.016  -10.511 -10.926 1.00 22.53 ? 227 HOH A O   1 
HETATM 1251 O  O   . HOH C 3 .   ? -1.885  -12.038 -11.350 1.00 26.48 ? 228 HOH A O   1 
HETATM 1252 O  O   . HOH C 3 .   ? 2.337   -14.831 -1.497  1.00 23.47 ? 229 HOH A O   1 
HETATM 1253 O  O   . HOH C 3 .   ? -10.580 12.067  9.757   1.00 27.13 ? 230 HOH A O   1 
HETATM 1254 O  O   . HOH C 3 .   ? -2.283  4.526   -4.783  1.00 25.17 ? 231 HOH A O   1 
HETATM 1255 O  O   . HOH C 3 .   ? 4.763   -16.164 -0.383  1.00 23.02 ? 232 HOH A O   1 
HETATM 1256 O  O   . HOH C 3 .   ? 10.387  8.758   5.875   1.00 28.18 ? 233 HOH A O   1 
HETATM 1257 O  O   . HOH C 3 .   ? 5.746   -0.723  14.566  1.00 19.64 ? 234 HOH A O   1 
HETATM 1258 O  O   . HOH C 3 .   ? -10.047 -8.008  3.016   1.00 27.54 ? 235 HOH A O   1 
HETATM 1259 O  O   . HOH C 3 .   ? -1.916  15.761  -1.678  1.00 31.48 ? 236 HOH A O   1 
HETATM 1260 O  O   . HOH C 3 .   ? 17.423  -4.337  2.050   1.00 28.95 ? 237 HOH A O   1 
HETATM 1261 O  O   . HOH C 3 .   ? -1.078  -11.473 2.765   1.00 25.34 ? 238 HOH A O   1 
HETATM 1262 O  O   . HOH C 3 .   ? -9.182  -11.274 -5.536  1.00 21.90 ? 239 HOH A O   1 
HETATM 1263 O  O   . HOH C 3 .   ? -15.467 6.318   8.587   1.00 26.31 ? 240 HOH A O   1 
HETATM 1264 O  O   . HOH C 3 .   ? 11.592  -3.107  9.274   1.00 24.29 ? 241 HOH A O   1 
HETATM 1265 O  O   . HOH C 3 .   ? 17.197  -5.109  6.064   1.00 27.84 ? 242 HOH A O   1 
HETATM 1266 O  O   . HOH C 3 .   ? -15.033 -4.667  -7.642  1.00 29.62 ? 243 HOH A O   1 
HETATM 1267 O  O   . HOH C 3 .   ? 12.925  2.448   3.496   1.00 33.37 ? 244 HOH A O   1 
HETATM 1268 O  O   . HOH C 3 .   ? -6.332  5.704   14.107  1.00 22.22 ? 245 HOH A O   1 
HETATM 1269 O  O   . HOH C 3 .   ? -15.197 -8.989  -1.351  1.00 33.43 ? 246 HOH A O   1 
HETATM 1270 O  O   . HOH C 3 .   ? -5.976  0.623   11.505  1.00 30.60 ? 247 HOH A O   1 
HETATM 1271 O  O   . HOH C 3 .   ? 14.275  -13.275 6.108   1.00 27.53 ? 248 HOH A O   1 
HETATM 1272 O  O   . HOH C 3 .   ? -16.659 8.266   7.102   1.00 32.51 ? 249 HOH A O   1 
HETATM 1273 O  O   . HOH C 3 .   ? 8.005   9.265   -1.640  1.00 29.45 ? 250 HOH A O   1 
HETATM 1274 O  O   . HOH C 3 .   ? 18.423  -0.622  -11.594 1.00 35.64 ? 251 HOH A O   1 
HETATM 1275 O  O   . HOH C 3 .   ? 2.106   10.782  10.855  1.00 29.59 ? 252 HOH A O   1 
HETATM 1276 O  O   . HOH C 3 .   ? 5.673   -0.726  -16.678 1.00 27.67 ? 253 HOH A O   1 
HETATM 1277 O  O   . HOH C 3 .   ? 18.381  -8.130  -6.576  1.00 30.87 ? 254 HOH A O   1 
HETATM 1278 O  O   . HOH C 3 .   ? 1.434   10.925  -2.757  1.00 34.77 ? 255 HOH A O   1 
HETATM 1279 O  O   . HOH C 3 .   ? -6.072  17.873  12.266  1.00 58.83 ? 256 HOH A O   1 
HETATM 1280 O  O   . HOH C 3 .   ? 1.771   -6.073  14.321  1.00 38.66 ? 257 HOH A O   1 
HETATM 1281 O  O   . HOH C 3 .   ? 4.879   12.680  4.437   1.00 33.50 ? 258 HOH A O   1 
HETATM 1282 O  O   . HOH C 3 .   ? 16.810  -12.126 -0.463  1.00 27.02 ? 259 HOH A O   1 
HETATM 1283 O  O   . HOH C 3 .   ? 18.854  2.946   -3.827  1.00 31.73 ? 260 HOH A O   1 
HETATM 1284 O  O   . HOH C 3 .   ? -14.967 3.563   5.682   1.00 41.99 ? 261 HOH A O   1 
HETATM 1285 O  O   . HOH C 3 .   ? 2.408   3.791   -14.014 1.00 35.79 ? 262 HOH A O   1 
HETATM 1286 O  O   . HOH C 3 .   ? -16.017 1.254   -9.174  1.00 39.64 ? 263 HOH A O   1 
HETATM 1287 O  O   . HOH C 3 .   ? 11.392  -1.838  12.307  1.00 36.21 ? 264 HOH A O   1 
HETATM 1288 O  O   . HOH C 3 .   ? -5.559  -7.141  15.772  1.00 40.57 ? 265 HOH A O   1 
HETATM 1289 O  O   . HOH C 3 .   ? 19.278  2.690   2.944   1.00 34.03 ? 266 HOH A O   1 
HETATM 1290 O  O   . HOH C 3 .   ? 10.175  -10.494 -10.332 1.00 30.71 ? 267 HOH A O   1 
HETATM 1291 O  O   . HOH C 3 .   ? 9.490   7.389   8.191   1.00 32.67 ? 268 HOH A O   1 
HETATM 1292 O  O   . HOH C 3 .   ? 2.840   0.490   -21.271 1.00 34.42 ? 269 HOH A O   1 
HETATM 1293 O  O   . HOH C 3 .   ? -15.796 -2.580  2.142   1.00 47.68 ? 270 HOH A O   1 
HETATM 1294 O  O   . HOH C 3 .   ? 1.931   8.444   -4.399  1.00 28.04 ? 271 HOH A O   1 
HETATM 1295 O  O   . HOH C 3 .   ? -7.942  -9.405  4.101   1.00 34.30 ? 272 HOH A O   1 
HETATM 1296 O  O   . HOH C 3 .   ? -19.781 8.669   1.935   1.00 33.81 ? 273 HOH A O   1 
HETATM 1297 O  O   . HOH C 3 .   ? 10.617  -4.681  12.008  1.00 32.07 ? 274 HOH A O   1 
HETATM 1298 O  O   . HOH C 3 .   ? 8.984   8.781   -7.856  1.00 40.66 ? 275 HOH A O   1 
HETATM 1299 O  O   . HOH C 3 .   ? -8.331  20.542  5.702   1.00 36.07 ? 276 HOH A O   1 
HETATM 1300 O  O   . HOH C 3 .   ? -12.846 13.119  9.010   1.00 42.27 ? 277 HOH A O   1 
HETATM 1301 O  O   . HOH C 3 .   ? -17.022 3.923   -5.675  1.00 37.26 ? 278 HOH A O   1 
HETATM 1302 O  O   . HOH C 3 .   ? 16.081  -12.377 -11.990 1.00 45.85 ? 279 HOH A O   1 
HETATM 1303 O  O   . HOH C 3 .   ? -6.330  -13.644 -1.800  1.00 33.50 ? 280 HOH A O   1 
HETATM 1304 O  O   . HOH C 3 .   ? -5.482  -7.429  -9.820  1.00 31.12 ? 281 HOH A O   1 
HETATM 1305 O  O   . HOH C 3 .   ? -17.783 -4.624  -1.186  1.00 50.82 ? 282 HOH A O   1 
HETATM 1306 O  O   . HOH C 3 .   ? -16.411 -5.928  7.392   1.00 48.07 ? 283 HOH A O   1 
HETATM 1307 O  O   . HOH C 3 .   ? 18.359  3.829   -1.293  1.00 32.77 ? 284 HOH A O   1 
HETATM 1308 O  O   . HOH C 3 .   ? -6.795  -3.696  -5.773  1.00 15.10 ? 285 HOH A O   1 
HETATM 1309 O  O   . HOH C 3 .   ? 0.016   -2.794  -12.674 1.00 19.92 ? 286 HOH A O   1 
HETATM 1310 O  O   . HOH C 3 .   ? 1.568   -7.479  -22.194 1.00 17.65 ? 287 HOH A O   1 
HETATM 1311 O  O   . HOH C 3 .   ? -5.017  -6.348  -14.598 1.00 24.91 ? 288 HOH A O   1 
HETATM 1312 O  O   . HOH C 3 .   ? 5.787   -6.269  -21.314 1.00 34.69 ? 289 HOH A O   1 
HETATM 1313 O  O   . HOH C 3 .   ? 17.489  -15.900 -1.765  1.00 29.71 ? 290 HOH A O   1 
HETATM 1314 O  O   . HOH C 3 .   ? -1.902  -14.622 -10.915 1.00 28.25 ? 291 HOH A O   1 
HETATM 1315 O  O   . HOH C 3 .   ? -19.776 5.869   0.489   1.00 37.11 ? 292 HOH A O   1 
HETATM 1316 O  O   . HOH C 3 .   ? 17.905  -7.020  1.961   1.00 33.52 ? 293 HOH A O   1 
HETATM 1317 O  O   . HOH C 3 .   ? 10.256  -14.559 9.055   1.00 31.95 ? 294 HOH A O   1 
HETATM 1318 O  O   . HOH C 3 .   ? 11.105  2.595   15.376  1.00 49.15 ? 295 HOH A O   1 
HETATM 1319 O  O   . HOH C 3 .   ? 4.768   -4.673  15.273  1.00 30.89 ? 296 HOH A O   1 
HETATM 1320 O  O   . HOH C 3 .   ? 6.034   13.945  9.895   1.00 33.73 ? 297 HOH A O   1 
HETATM 1321 O  O   . HOH C 3 .   ? 13.310  -0.943  9.738   1.00 33.71 ? 298 HOH A O   1 
HETATM 1322 O  O   . HOH C 3 .   ? -3.916  -15.097 9.026   1.00 40.59 ? 299 HOH A O   1 
HETATM 1323 O  O   . HOH C 3 .   ? -5.372  -1.820  13.296  1.00 38.77 ? 300 HOH A O   1 
HETATM 1324 O  O   . HOH C 3 .   ? 13.774  -4.531  9.834   1.00 32.99 ? 301 HOH A O   1 
HETATM 1325 O  O   . HOH C 3 .   ? -14.912 0.719   6.692   1.00 34.17 ? 302 HOH A O   1 
HETATM 1326 O  O   . HOH C 3 .   ? 19.830  -15.462 3.747   1.00 38.54 ? 303 HOH A O   1 
HETATM 1327 O  O   . HOH C 3 .   ? 8.323   8.373   -5.339  1.00 45.21 ? 304 HOH A O   1 
HETATM 1328 O  O   . HOH C 3 .   ? -14.652 6.686   11.492  1.00 41.39 ? 305 HOH A O   1 
HETATM 1329 O  O   . HOH C 3 .   ? 8.102   10.259  5.382   1.00 37.26 ? 306 HOH A O   1 
HETATM 1330 O  O   . HOH C 3 .   ? -15.217 16.529  -2.381  1.00 36.57 ? 307 HOH A O   1 
HETATM 1331 O  O   . HOH C 3 .   ? -5.975  -10.706 2.492   1.00 43.72 ? 308 HOH A O   1 
HETATM 1332 O  O   . HOH C 3 .   ? -11.911 -7.858  4.907   1.00 37.47 ? 309 HOH A O   1 
HETATM 1333 O  O   . HOH C 3 .   ? -9.784  3.465   13.521  1.00 35.25 ? 310 HOH A O   1 
HETATM 1334 O  O   . HOH C 3 .   ? 12.017  4.831   10.408  1.00 40.00 ? 311 HOH A O   1 
HETATM 1335 O  O   . HOH C 3 .   ? 10.552  5.561   14.303  1.00 61.05 ? 312 HOH A O   1 
HETATM 1336 O  O   . HOH C 3 .   ? 9.633   -0.217  15.338  1.00 38.82 ? 313 HOH A O   1 
HETATM 1337 O  O   . HOH C 3 .   ? 19.068  -3.618  -0.339  1.00 37.54 ? 314 HOH A O   1 
HETATM 1338 O  O   . HOH C 3 .   ? -11.797 -12.524 -5.763  1.00 42.31 ? 315 HOH A O   1 
HETATM 1339 O  O   . HOH C 3 .   ? 3.758   13.179  11.040  1.00 34.32 ? 316 HOH A O   1 
HETATM 1340 O  O   . HOH C 3 .   ? -3.685  -11.891 3.200   1.00 40.54 ? 317 HOH A O   1 
HETATM 1341 O  O   . HOH C 3 .   ? -8.267  -11.138 6.236   1.00 54.26 ? 318 HOH A O   1 
HETATM 1342 O  O   . HOH C 3 .   ? -4.381  -13.526 0.824   1.00 48.40 ? 319 HOH A O   1 
HETATM 1343 O  O   . HOH C 3 .   ? -9.315  -9.627  1.034   1.00 38.22 ? 320 HOH A O   1 
HETATM 1344 O  O   . HOH C 3 .   ? -17.183 1.190   5.363   1.00 57.04 ? 321 HOH A O   1 
HETATM 1345 O  O   . HOH C 3 .   ? 19.280  -12.557 1.999   1.00 37.19 ? 322 HOH A O   1 
HETATM 1346 O  O   . HOH C 3 .   ? -4.130  -1.937  16.022  1.00 48.92 ? 323 HOH A O   1 
HETATM 1347 O  O   . HOH C 3 .   ? -15.633 6.496   -8.913  1.00 50.14 ? 324 HOH A O   1 
HETATM 1348 O  O   . HOH C 3 .   ? 1.930   2.407   -23.051 1.00 49.49 ? 325 HOH A O   1 
HETATM 1349 O  O   . HOH C 3 .   ? 18.191  -16.737 -5.453  1.00 36.36 ? 326 HOH A O   1 
HETATM 1350 O  O   . HOH C 3 .   ? -6.605  -15.404 -5.521  1.00 40.92 ? 327 HOH A O   1 
HETATM 1351 O  O   . HOH C 3 .   ? 17.156  0.221   4.791   1.00 41.14 ? 328 HOH A O   1 
HETATM 1352 O  O   . HOH C 3 .   ? 4.902   9.304   -5.011  1.00 47.97 ? 329 HOH A O   1 
HETATM 1353 O  O   . HOH C 3 .   ? 21.734  -4.398  -5.910  1.00 58.37 ? 330 HOH A O   1 
HETATM 1354 O  O   . HOH C 3 .   ? 19.066  -8.510  -3.112  1.00 45.34 ? 331 HOH A O   1 
HETATM 1355 O  O   . HOH C 3 .   ? -6.004  18.394  9.640   1.00 42.78 ? 332 HOH A O   1 
HETATM 1356 O  O   . HOH C 3 .   ? 1.263   18.183  8.922   1.00 43.40 ? 333 HOH A O   1 
HETATM 1357 O  O   . HOH C 3 .   ? 4.768   12.247  13.528  1.00 46.27 ? 334 HOH A O   1 
HETATM 1358 O  O   . HOH C 3 .   ? -8.761  1.249   10.587  1.00 27.78 ? 335 HOH A O   1 
HETATM 1359 O  O   . HOH C 3 .   ? -4.304  -16.086 -10.793 1.00 36.80 ? 336 HOH A O   1 
HETATM 1360 O  O   . HOH C 3 .   ? -1.900  -14.402 1.636   1.00 34.76 ? 337 HOH A O   1 
HETATM 1361 O  O   . HOH C 3 .   ? 21.954  -2.837  -3.451  1.00 45.11 ? 338 HOH A O   1 
HETATM 1362 O  O   . HOH C 3 .   ? -16.235 15.053  2.194   1.00 33.16 ? 339 HOH A O   1 
HETATM 1363 O  O   . HOH C 3 .   ? 8.433   6.429   13.019  1.00 49.89 ? 340 HOH A O   1 
HETATM 1364 O  O   . HOH C 3 .   ? 7.889   0.432   -15.554 1.00 46.33 ? 341 HOH A O   1 
HETATM 1365 O  O   . HOH C 3 .   ? 7.586   -4.296  14.939  1.00 45.13 ? 342 HOH A O   1 
HETATM 1366 O  O   . HOH C 3 .   ? -7.452  -3.775  13.567  1.00 45.19 ? 343 HOH A O   1 
HETATM 1367 O  O   . HOH C 3 .   ? -15.704 13.658  -5.497  1.00 47.29 ? 344 HOH A O   1 
HETATM 1368 O  O   . HOH C 3 .   ? 16.916  8.663   2.249   1.00 40.96 ? 345 HOH A O   1 
HETATM 1369 O  O   . HOH C 3 .   ? -4.732  9.365   -9.819  1.00 63.35 ? 346 HOH A O   1 
HETATM 1370 O  O   . HOH C 3 .   ? 17.415  -2.356  6.891   1.00 41.12 ? 347 HOH A O   1 
HETATM 1371 O  O   . HOH C 3 .   ? 19.759  -6.953  -0.617  1.00 47.22 ? 348 HOH A O   1 
HETATM 1372 O  O   . HOH C 3 .   ? -16.762 10.625  8.488   1.00 48.63 ? 349 HOH A O   1 
HETATM 1373 O  O   . HOH C 3 .   ? -7.829  -16.347 -9.316  1.00 41.37 ? 350 HOH A O   1 
HETATM 1374 O  O   . HOH C 3 .   ? 13.602  -13.747 9.852   1.00 49.94 ? 351 HOH A O   1 
HETATM 1375 O  O   . HOH C 3 .   ? 6.663   13.844  6.884   1.00 49.72 ? 352 HOH A O   1 
HETATM 1376 O  O   . HOH C 3 .   ? 15.935  -1.664  9.153   1.00 39.30 ? 353 HOH A O   1 
HETATM 1377 O  O   . HOH C 3 .   ? 5.317   -8.599  12.836  1.00 46.49 ? 354 HOH A O   1 
HETATM 1378 O  O   . HOH C 3 .   ? 12.799  -1.255  -14.897 1.00 51.94 ? 355 HOH A O   1 
HETATM 1379 O  O   . HOH C 3 .   ? -12.427 14.875  -4.441  1.00 48.30 ? 356 HOH A O   1 
HETATM 1380 O  O   . HOH C 3 .   ? 4.278   12.610  0.373   1.00 38.58 ? 357 HOH A O   1 
HETATM 1381 O  O   . HOH C 3 .   ? 10.324  8.287   13.590  1.00 66.90 ? 358 HOH A O   1 
HETATM 1382 O  O   . HOH C 3 .   ? 5.250   3.099   -14.666 1.00 40.96 ? 359 HOH A O   1 
HETATM 1383 O  O   . HOH C 3 .   ? -10.392 1.001   12.719  1.00 39.98 ? 360 HOH A O   1 
HETATM 1384 O  O   . HOH C 3 .   ? 13.351  -11.826 -13.908 1.00 53.87 ? 361 HOH A O   1 
HETATM 1385 O  O   . HOH C 3 .   ? 6.625   11.470  -0.743  1.00 60.50 ? 362 HOH A O   1 
HETATM 1386 O  O   . HOH C 3 .   ? -4.427  17.987  5.101   1.00 48.04 ? 363 HOH A O   1 
HETATM 1387 O  O   . HOH C 3 .   ? -3.809  17.919  -1.652  1.00 48.42 ? 364 HOH A O   1 
HETATM 1388 O  O   . HOH C 3 .   ? -14.550 0.031   10.959  1.00 43.94 ? 365 HOH A O   1 
HETATM 1389 O  O   . HOH C 3 .   ? -14.786 9.029   12.730  1.00 44.49 ? 366 HOH A O   1 
HETATM 1390 O  O   . HOH C 3 .   ? 4.285   -3.587  17.844  1.00 56.03 ? 367 HOH A O   1 
HETATM 1391 O  O   . HOH C 3 .   ? 18.532  -14.353 6.146   1.00 49.53 ? 368 HOH A O   1 
HETATM 1392 O  O   . HOH C 3 .   ? 14.064  3.374   -10.106 1.00 51.31 ? 369 HOH A O   1 
HETATM 1393 O  O   . HOH C 3 .   ? 0.512   5.210   -15.466 1.00 44.84 ? 370 HOH A O   1 
HETATM 1394 O  O   . HOH C 3 .   ? 3.209   8.032   -6.873  1.00 51.00 ? 371 HOH A O   1 
HETATM 1395 O  O   . HOH C 3 .   ? 20.382  3.765   0.707   1.00 49.40 ? 372 HOH A O   1 
HETATM 1396 O  O   . HOH C 3 .   ? -16.970 -7.186  -0.292  1.00 49.90 ? 373 HOH A O   1 
HETATM 1397 O  O   . HOH C 3 .   ? 6.400   16.660  10.564  1.00 54.14 ? 374 HOH A O   1 
HETATM 1398 O  O   . HOH C 3 .   ? 22.234  -6.452  -3.286  1.00 58.80 ? 375 HOH A O   1 
HETATM 1399 O  O   . HOH C 3 .   ? 20.833  -1.824  -8.873  1.00 46.14 ? 376 HOH A O   1 
HETATM 1400 O  O   . HOH C 3 .   ? 7.981   10.773  2.597   1.00 46.88 ? 377 HOH A O   1 
HETATM 1401 O  O   . HOH C 3 .   ? 9.477   -6.383  -7.498  1.00 18.47 ? 378 HOH A O   1 
HETATM 1402 O  O   . HOH C 3 .   ? -17.125 -2.324  -12.192 1.00 55.35 ? 379 HOH A O   1 
HETATM 1403 O  O   . HOH C 3 .   ? 0.182   15.567  1.637   1.00 51.44 ? 380 HOH A O   1 
HETATM 1404 O  O   . HOH C 3 .   ? -14.044 -2.470  13.691  1.00 44.86 ? 381 HOH A O   1 
HETATM 1405 O  O   . HOH C 3 .   ? 6.893   10.898  14.764  1.00 46.93 ? 382 HOH A O   1 
HETATM 1406 O  O   . HOH C 3 .   ? 14.296  10.206  4.478   1.00 42.15 ? 383 HOH A O   1 
HETATM 1407 O  O   . HOH C 3 .   ? 0.086   5.447   -6.866  1.00 63.78 ? 384 HOH A O   1 
HETATM 1408 O  O   . HOH C 3 .   ? -13.942 -6.946  8.066   1.00 55.72 ? 385 HOH A O   1 
HETATM 1409 O  O   . HOH C 3 .   ? 14.976  -10.317 7.459   1.00 51.64 ? 386 HOH A O   1 
HETATM 1410 O  O   . HOH C 3 .   ? -19.370 5.362   -6.015  1.00 58.22 ? 387 HOH A O   1 
HETATM 1411 O  O   . HOH C 3 .   ? -0.017  22.892  4.790   1.00 68.19 ? 388 HOH A O   1 
HETATM 1412 O  O   . HOH C 3 .   ? -10.229 14.074  -6.414  1.00 57.07 ? 389 HOH A O   1 
HETATM 1413 O  O   . HOH C 3 .   ? -10.915 15.088  8.883   1.00 51.84 ? 390 HOH A O   1 
HETATM 1414 O  O   . HOH C 3 .   ? 19.873  -10.919 4.095   1.00 57.45 ? 391 HOH A O   1 
HETATM 1415 O  O   . HOH C 3 .   ? 19.185  -9.222  6.204   1.00 57.94 ? 392 HOH A O   1 
HETATM 1416 O  O   . HOH C 3 .   ? 19.877  -7.680  3.876   1.00 56.43 ? 393 HOH A O   1 
HETATM 1417 O  O   . HOH C 3 .   ? 14.177  -12.223 -9.441  1.00 46.01 ? 394 HOH A O   1 
HETATM 1418 O  O   . HOH C 3 .   ? -1.850  -15.034 6.519   1.00 36.70 ? 395 HOH A O   1 
HETATM 1419 O  O   . HOH C 3 .   ? -4.571  14.434  12.301  1.00 32.44 ? 396 HOH A O   1 
HETATM 1420 O  O   . HOH C 3 .   ? -16.310 3.906   7.822   1.00 36.36 ? 397 HOH A O   1 
HETATM 1421 O  O   . HOH C 3 .   ? -16.657 2.166   10.327  1.00 45.04 ? 398 HOH A O   1 
HETATM 1422 O  O   . HOH C 3 .   ? -8.655  -13.373 -3.910  1.00 47.13 ? 399 HOH A O   1 
HETATM 1423 O  O   . HOH C 3 .   ? -4.547  10.820  -4.540  1.00 40.27 ? 400 HOH A O   1 
HETATM 1424 O  O   . HOH C 3 .   ? -16.918 -0.687  3.545   1.00 46.59 ? 401 HOH A O   1 
HETATM 1425 O  O   . HOH C 3 .   ? -19.391 -0.852  -0.475  1.00 46.32 ? 402 HOH A O   1 
HETATM 1426 O  O   . HOH C 3 .   ? 3.039   13.014  -2.234  1.00 57.60 ? 403 HOH A O   1 
HETATM 1427 O  O   . HOH C 3 .   ? 7.643   8.305   14.433  1.00 35.71 ? 404 HOH A O   1 
HETATM 1428 O  O   . HOH C 3 .   ? 13.185  0.053   12.237  1.00 40.14 ? 405 HOH A O   1 
HETATM 1429 O  O   . HOH C 3 .   ? -6.898  -10.225 9.416   1.00 40.39 ? 406 HOH A O   1 
HETATM 1430 O  O   . HOH C 3 .   ? -17.061 -4.957  3.280   1.00 44.24 ? 407 HOH A O   1 
HETATM 1431 O  O   . HOH C 3 .   ? -10.262 -15.417 -9.172  1.00 45.18 ? 408 HOH A O   1 
HETATM 1432 O  O   . HOH C 3 .   ? 22.465  0.076   -4.558  1.00 41.21 ? 409 HOH A O   1 
HETATM 1433 O  O   . HOH C 3 .   ? -2.283  -2.767  -13.614 0.50 35.44 ? 410 HOH A O   1 
# 
